data_7OFG
# 
_entry.id   7OFG 
# 
_audit_conform.dict_name       mmcif_pdbx.dic 
_audit_conform.dict_version    5.397 
_audit_conform.dict_location   http://mmcif.pdb.org/dictionaries/ascii/mmcif_pdbx.dic 
# 
loop_
_database_2.database_id 
_database_2.database_code 
_database_2.pdbx_database_accession 
_database_2.pdbx_DOI 
PDB   7OFG         pdb_00007ofg 10.2210/pdb7ofg/pdb 
WWPDB D_1292115193 ?            ?                   
BMRB  34620        ?            10.13018/BMR34620   
# 
loop_
_pdbx_audit_revision_history.ordinal 
_pdbx_audit_revision_history.data_content_type 
_pdbx_audit_revision_history.major_revision 
_pdbx_audit_revision_history.minor_revision 
_pdbx_audit_revision_history.revision_date 
1 'Structure model' 1 0 2021-10-13 
2 'Structure model' 1 1 2023-06-14 
3 'Structure model' 1 2 2024-10-16 
# 
_pdbx_audit_revision_details.ordinal             1 
_pdbx_audit_revision_details.revision_ordinal    1 
_pdbx_audit_revision_details.data_content_type   'Structure model' 
_pdbx_audit_revision_details.provider            repository 
_pdbx_audit_revision_details.type                'Initial release' 
_pdbx_audit_revision_details.description         ? 
_pdbx_audit_revision_details.details             ? 
# 
loop_
_pdbx_audit_revision_group.ordinal 
_pdbx_audit_revision_group.revision_ordinal 
_pdbx_audit_revision_group.data_content_type 
_pdbx_audit_revision_group.group 
1 2 'Structure model' Other                 
2 3 'Structure model' 'Data collection'     
3 3 'Structure model' 'Database references' 
4 3 'Structure model' 'Structure summary'   
# 
loop_
_pdbx_audit_revision_category.ordinal 
_pdbx_audit_revision_category.revision_ordinal 
_pdbx_audit_revision_category.data_content_type 
_pdbx_audit_revision_category.category 
1 2 'Structure model' pdbx_database_status      
2 3 'Structure model' chem_comp_atom            
3 3 'Structure model' chem_comp_bond            
4 3 'Structure model' database_2                
5 3 'Structure model' pdbx_entry_details        
6 3 'Structure model' pdbx_modification_feature 
# 
loop_
_pdbx_audit_revision_item.ordinal 
_pdbx_audit_revision_item.revision_ordinal 
_pdbx_audit_revision_item.data_content_type 
_pdbx_audit_revision_item.item 
1 2 'Structure model' '_pdbx_database_status.status_code_nmr_data' 
2 3 'Structure model' '_database_2.pdbx_DOI'                       
# 
_pdbx_database_status.status_code                     REL 
_pdbx_database_status.status_code_sf                  ? 
_pdbx_database_status.status_code_mr                  REL 
_pdbx_database_status.entry_id                        7OFG 
_pdbx_database_status.recvd_initial_deposition_date   2021-05-04 
_pdbx_database_status.SG_entry                        N 
_pdbx_database_status.deposit_site                    PDBE 
_pdbx_database_status.process_site                    PDBE 
_pdbx_database_status.status_code_cs                  REL 
_pdbx_database_status.status_code_nmr_data            REL 
_pdbx_database_status.methods_development_category    ? 
_pdbx_database_status.pdb_format_compatible           Y 
# 
_pdbx_database_related.db_name        BMRB 
_pdbx_database_related.details        'Oxytocin NMR solution structure' 
_pdbx_database_related.db_id          34620 
_pdbx_database_related.content_type   unspecified 
# 
loop_
_audit_author.name 
_audit_author.pdbx_ordinal 
_audit_author.identifier_ORCID 
'Shalev, D.E.'  1 0000-0003-1100-785X 
'Alshanski, I.' 2 0000-0002-9310-1921 
'Yitzchaik, S.' 3 0000-0001-5021-5139 
'Hurevich, M.'  4 0000-0002-1038-8104 
# 
_citation.abstract                  ? 
_citation.abstract_id_CAS           ? 
_citation.book_id_ISBN              ? 
_citation.book_publisher            ? 
_citation.book_publisher_city       ? 
_citation.book_title                ? 
_citation.coordinate_linkage        ? 
_citation.country                   GW 
_citation.database_id_Medline       ? 
_citation.details                   ? 
_citation.id                        primary 
_citation.journal_abbrev            J.Biol.Inorg.Chem. 
_citation.journal_id_ASTM           JJBCFA 
_citation.journal_id_CSD            ? 
_citation.journal_id_ISSN           1432-1327 
_citation.journal_full              ? 
_citation.journal_issue             ? 
_citation.journal_volume            26 
_citation.language                  ? 
_citation.page_first                809 
_citation.page_last                 815 
_citation.title                     
'Determining the structure and binding mechanism of oxytocin-Cu 2+ complex using paramagnetic relaxation enhancement NMR analysis.' 
_citation.year                      2021 
_citation.database_id_CSD           ? 
_citation.pdbx_database_id_DOI      10.1007/s00775-021-01897-1 
_citation.pdbx_database_id_PubMed   34459989 
_citation.pdbx_database_id_patent   ? 
_citation.unpublished_flag          ? 
# 
loop_
_citation_author.citation_id 
_citation_author.name 
_citation_author.ordinal 
_citation_author.identifier_ORCID 
primary 'Alshanski, I.' 1 0000-0002-9310-1921 
primary 'Shalev, D.E.'  2 ?                   
primary 'Yitzchaik, S.' 3 0000-0001-5021-5139 
primary 'Hurevich, M.'  4 0000-0002-1038-8104 
# 
_entity.id                         1 
_entity.type                       polymer 
_entity.src_method                 syn 
_entity.pdbx_description           Oxytocin 
_entity.formula_weight             1008.196 
_entity.pdbx_number_of_molecules   1 
_entity.pdbx_ec                    ? 
_entity.pdbx_mutation              ? 
_entity.pdbx_fragment              ? 
_entity.details                    'Amidated C-terminus, Cys-Cys disulfide bond.' 
# 
_entity_name_com.entity_id   1 
_entity_name_com.name        Ocytocin 
# 
_entity_poly.entity_id                      1 
_entity_poly.type                           'polypeptide(L)' 
_entity_poly.nstd_linkage                   no 
_entity_poly.nstd_monomer                   yes 
_entity_poly.pdbx_seq_one_letter_code       'CYIQNCPLG(NH2)' 
_entity_poly.pdbx_seq_one_letter_code_can   CYIQNCPLGX 
_entity_poly.pdbx_strand_id                 A 
_entity_poly.pdbx_target_identifier         ? 
# 
loop_
_entity_poly_seq.entity_id 
_entity_poly_seq.num 
_entity_poly_seq.mon_id 
_entity_poly_seq.hetero 
1 1  CYS n 
1 2  TYR n 
1 3  ILE n 
1 4  GLN n 
1 5  ASN n 
1 6  CYS n 
1 7  PRO n 
1 8  LEU n 
1 9  GLY n 
1 10 NH2 n 
# 
_pdbx_entity_src_syn.entity_id              1 
_pdbx_entity_src_syn.pdbx_src_id            1 
_pdbx_entity_src_syn.pdbx_alt_source_flag   sample 
_pdbx_entity_src_syn.pdbx_beg_seq_num       1 
_pdbx_entity_src_syn.pdbx_end_seq_num       10 
_pdbx_entity_src_syn.organism_scientific    'Homo sapiens' 
_pdbx_entity_src_syn.organism_common_name   Human 
_pdbx_entity_src_syn.ncbi_taxonomy_id       9606 
_pdbx_entity_src_syn.details                ? 
# 
loop_
_chem_comp.id 
_chem_comp.type 
_chem_comp.mon_nstd_flag 
_chem_comp.name 
_chem_comp.pdbx_synonyms 
_chem_comp.formula 
_chem_comp.formula_weight 
ASN 'L-peptide linking' y ASPARAGINE    ? 'C4 H8 N2 O3'  132.118 
CYS 'L-peptide linking' y CYSTEINE      ? 'C3 H7 N O2 S' 121.158 
GLN 'L-peptide linking' y GLUTAMINE     ? 'C5 H10 N2 O3' 146.144 
GLY 'peptide linking'   y GLYCINE       ? 'C2 H5 N O2'   75.067  
ILE 'L-peptide linking' y ISOLEUCINE    ? 'C6 H13 N O2'  131.173 
LEU 'L-peptide linking' y LEUCINE       ? 'C6 H13 N O2'  131.173 
NH2 non-polymer         . 'AMINO GROUP' ? 'H2 N'         16.023  
PRO 'L-peptide linking' y PROLINE       ? 'C5 H9 N O2'   115.130 
TYR 'L-peptide linking' y TYROSINE      ? 'C9 H11 N O3'  181.189 
# 
loop_
_pdbx_poly_seq_scheme.asym_id 
_pdbx_poly_seq_scheme.entity_id 
_pdbx_poly_seq_scheme.seq_id 
_pdbx_poly_seq_scheme.mon_id 
_pdbx_poly_seq_scheme.ndb_seq_num 
_pdbx_poly_seq_scheme.pdb_seq_num 
_pdbx_poly_seq_scheme.auth_seq_num 
_pdbx_poly_seq_scheme.pdb_mon_id 
_pdbx_poly_seq_scheme.auth_mon_id 
_pdbx_poly_seq_scheme.pdb_strand_id 
_pdbx_poly_seq_scheme.pdb_ins_code 
_pdbx_poly_seq_scheme.hetero 
A 1 1  CYS 1  1  1 CYS CYS A . n 
A 1 2  TYR 2  2  2 TYR TYR A . n 
A 1 3  ILE 3  3  3 ILE ILE A . n 
A 1 4  GLN 4  4  4 GLN GLN A . n 
A 1 5  ASN 5  5  5 ASN ASN A . n 
A 1 6  CYS 6  6  6 CYS CYS A . n 
A 1 7  PRO 7  7  7 PRO PRO A . n 
A 1 8  LEU 8  8  8 LEU LEU A . n 
A 1 9  GLY 9  9  9 GLY GLY A . n 
A 1 10 NH2 10 10 9 NH2 GLY A . n 
# 
_software.citation_id            ? 
_software.classification         'model building' 
_software.compiler_name          ? 
_software.compiler_version       ? 
_software.contact_author         ? 
_software.contact_author_email   ? 
_software.date                   ? 
_software.description            ? 
_software.dependencies           ? 
_software.hardware               ? 
_software.language               ? 
_software.location               https://www.rbvi.ucsf.edu/chimerax/ 
_software.mods                   ? 
_software.name                   'UCSF ChimeraX' 
_software.os                     Windows 
_software.os_version             ? 
_software.type                   package 
_software.version                1.1/v9 
_software.pdbx_ordinal           1 
# 
_exptl.absorpt_coefficient_mu     ? 
_exptl.absorpt_correction_T_max   ? 
_exptl.absorpt_correction_T_min   ? 
_exptl.absorpt_correction_type    ? 
_exptl.absorpt_process_details    ? 
_exptl.entry_id                   7OFG 
_exptl.crystals_number            ? 
_exptl.details                    ? 
_exptl.method                     'SOLUTION NMR' 
_exptl.method_details             ? 
# 
_struct.entry_id                     7OFG 
_struct.title                        'Oxytocin NMR solution structure' 
_struct.pdbx_model_details           ? 
_struct.pdbx_formula_weight          ? 
_struct.pdbx_formula_weight_method   ? 
_struct.pdbx_model_type_details      ? 
_struct.pdbx_CASP_flag               N 
# 
_struct_keywords.entry_id        7OFG 
_struct_keywords.text            'natural peptide, cyclic, disulfide bond, HORMONE' 
_struct_keywords.pdbx_keywords   HORMONE 
# 
_struct_asym.id                            A 
_struct_asym.pdbx_blank_PDB_chainid_flag   N 
_struct_asym.pdbx_modified                 N 
_struct_asym.entity_id                     1 
_struct_asym.details                       ? 
# 
_struct_ref.id                         1 
_struct_ref.db_name                    UNP 
_struct_ref.db_code                    NEU1_HUMAN 
_struct_ref.pdbx_db_accession          P01178 
_struct_ref.pdbx_db_isoform            ? 
_struct_ref.entity_id                  1 
_struct_ref.pdbx_seq_one_letter_code   CYIQNCPLG 
_struct_ref.pdbx_align_begin           20 
# 
_struct_ref_seq.align_id                      1 
_struct_ref_seq.ref_id                        1 
_struct_ref_seq.pdbx_PDB_id_code              7OFG 
_struct_ref_seq.pdbx_strand_id                A 
_struct_ref_seq.seq_align_beg                 1 
_struct_ref_seq.pdbx_seq_align_beg_ins_code   ? 
_struct_ref_seq.seq_align_end                 9 
_struct_ref_seq.pdbx_seq_align_end_ins_code   ? 
_struct_ref_seq.pdbx_db_accession             P01178 
_struct_ref_seq.db_align_beg                  20 
_struct_ref_seq.pdbx_db_align_beg_ins_code    ? 
_struct_ref_seq.db_align_end                  28 
_struct_ref_seq.pdbx_db_align_end_ins_code    ? 
_struct_ref_seq.pdbx_auth_seq_align_beg       1 
_struct_ref_seq.pdbx_auth_seq_align_end       9 
# 
_struct_ref_seq_dif.align_id                     1 
_struct_ref_seq_dif.pdbx_pdb_id_code             7OFG 
_struct_ref_seq_dif.mon_id                       NH2 
_struct_ref_seq_dif.pdbx_pdb_strand_id           A 
_struct_ref_seq_dif.seq_num                      10 
_struct_ref_seq_dif.pdbx_pdb_ins_code            ? 
_struct_ref_seq_dif.pdbx_seq_db_name             UNP 
_struct_ref_seq_dif.pdbx_seq_db_accession_code   P01178 
_struct_ref_seq_dif.db_mon_id                    ? 
_struct_ref_seq_dif.pdbx_seq_db_seq_num          ? 
_struct_ref_seq_dif.details                      amidation 
_struct_ref_seq_dif.pdbx_auth_seq_num            10 
_struct_ref_seq_dif.pdbx_ordinal                 1 
# 
_pdbx_struct_assembly.id                   1 
_pdbx_struct_assembly.details              author_defined_assembly 
_pdbx_struct_assembly.method_details       ? 
_pdbx_struct_assembly.oligomeric_details   monomeric 
_pdbx_struct_assembly.oligomeric_count     1 
# 
_pdbx_struct_assembly_gen.assembly_id       1 
_pdbx_struct_assembly_gen.oper_expression   1 
_pdbx_struct_assembly_gen.asym_id_list      A 
# 
_pdbx_struct_assembly_auth_evidence.id                     1 
_pdbx_struct_assembly_auth_evidence.assembly_id            1 
_pdbx_struct_assembly_auth_evidence.experimental_support   none 
_pdbx_struct_assembly_auth_evidence.details                ? 
# 
_pdbx_struct_oper_list.id                   1 
_pdbx_struct_oper_list.type                 'identity operation' 
_pdbx_struct_oper_list.name                 1_555 
_pdbx_struct_oper_list.symmetry_operation   ? 
_pdbx_struct_oper_list.matrix[1][1]         1.0000000000 
_pdbx_struct_oper_list.matrix[1][2]         0.0000000000 
_pdbx_struct_oper_list.matrix[1][3]         0.0000000000 
_pdbx_struct_oper_list.vector[1]            0.0000000000 
_pdbx_struct_oper_list.matrix[2][1]         0.0000000000 
_pdbx_struct_oper_list.matrix[2][2]         1.0000000000 
_pdbx_struct_oper_list.matrix[2][3]         0.0000000000 
_pdbx_struct_oper_list.vector[2]            0.0000000000 
_pdbx_struct_oper_list.matrix[3][1]         0.0000000000 
_pdbx_struct_oper_list.matrix[3][2]         0.0000000000 
_pdbx_struct_oper_list.matrix[3][3]         1.0000000000 
_pdbx_struct_oper_list.vector[3]            0.0000000000 
# 
loop_
_struct_conn.id 
_struct_conn.conn_type_id 
_struct_conn.pdbx_leaving_atom_flag 
_struct_conn.pdbx_PDB_id 
_struct_conn.ptnr1_label_asym_id 
_struct_conn.ptnr1_label_comp_id 
_struct_conn.ptnr1_label_seq_id 
_struct_conn.ptnr1_label_atom_id 
_struct_conn.pdbx_ptnr1_label_alt_id 
_struct_conn.pdbx_ptnr1_PDB_ins_code 
_struct_conn.pdbx_ptnr1_standard_comp_id 
_struct_conn.ptnr1_symmetry 
_struct_conn.ptnr2_label_asym_id 
_struct_conn.ptnr2_label_comp_id 
_struct_conn.ptnr2_label_seq_id 
_struct_conn.ptnr2_label_atom_id 
_struct_conn.pdbx_ptnr2_label_alt_id 
_struct_conn.pdbx_ptnr2_PDB_ins_code 
_struct_conn.ptnr1_auth_asym_id 
_struct_conn.ptnr1_auth_comp_id 
_struct_conn.ptnr1_auth_seq_id 
_struct_conn.ptnr2_auth_asym_id 
_struct_conn.ptnr2_auth_comp_id 
_struct_conn.ptnr2_auth_seq_id 
_struct_conn.ptnr2_symmetry 
_struct_conn.pdbx_ptnr3_label_atom_id 
_struct_conn.pdbx_ptnr3_label_seq_id 
_struct_conn.pdbx_ptnr3_label_comp_id 
_struct_conn.pdbx_ptnr3_label_asym_id 
_struct_conn.pdbx_ptnr3_label_alt_id 
_struct_conn.pdbx_ptnr3_PDB_ins_code 
_struct_conn.details 
_struct_conn.pdbx_dist_value 
_struct_conn.pdbx_value_order 
_struct_conn.pdbx_role 
disulf1 disulf ?    ? A CYS 1 SG ? ? ? 1_555 A CYS 6  SG ? ? A CYS 1 A CYS 6  1_555 ? ? ? ? ? ? ? 2.023 ? ? 
covale1 covale both ? A GLY 9 C  ? ? ? 1_555 A NH2 10 N  ? ? A GLY 9 A NH2 10 1_555 ? ? ? ? ? ? ? 1.305 ? ? 
# 
loop_
_struct_conn_type.id 
_struct_conn_type.criteria 
_struct_conn_type.reference 
disulf ? ? 
covale ? ? 
# 
loop_
_pdbx_modification_feature.ordinal 
_pdbx_modification_feature.label_comp_id 
_pdbx_modification_feature.label_asym_id 
_pdbx_modification_feature.label_seq_id 
_pdbx_modification_feature.label_alt_id 
_pdbx_modification_feature.modified_residue_label_comp_id 
_pdbx_modification_feature.modified_residue_label_asym_id 
_pdbx_modification_feature.modified_residue_label_seq_id 
_pdbx_modification_feature.modified_residue_label_alt_id 
_pdbx_modification_feature.auth_comp_id 
_pdbx_modification_feature.auth_asym_id 
_pdbx_modification_feature.auth_seq_id 
_pdbx_modification_feature.PDB_ins_code 
_pdbx_modification_feature.symmetry 
_pdbx_modification_feature.modified_residue_auth_comp_id 
_pdbx_modification_feature.modified_residue_auth_asym_id 
_pdbx_modification_feature.modified_residue_auth_seq_id 
_pdbx_modification_feature.modified_residue_PDB_ins_code 
_pdbx_modification_feature.modified_residue_symmetry 
_pdbx_modification_feature.comp_id_linking_atom 
_pdbx_modification_feature.modified_residue_id_linking_atom 
_pdbx_modification_feature.modified_residue_id 
_pdbx_modification_feature.ref_pcm_id 
_pdbx_modification_feature.ref_comp_id 
_pdbx_modification_feature.type 
_pdbx_modification_feature.category 
1 NH2 A 10 ? GLY A 9 ? NH2 A 10 ? 1_555 GLY A 9 ? 1_555 .  .  GLY 12 NH2 None 'Terminal amidation' 
2 CYS A 1  ? CYS A 6 ? CYS A 1  ? 1_555 CYS A 6 ? 1_555 SG SG .   .  .   None 'Disulfide bridge'   
# 
_pdbx_entry_details.entry_id                   7OFG 
_pdbx_entry_details.compound_details           ? 
_pdbx_entry_details.source_details             ? 
_pdbx_entry_details.nonpolymer_details         ? 
_pdbx_entry_details.sequence_details           ? 
_pdbx_entry_details.has_ligand_of_interest     ? 
_pdbx_entry_details.has_protein_modification   Y 
# 
loop_
_pdbx_validate_close_contact.id 
_pdbx_validate_close_contact.PDB_model_num 
_pdbx_validate_close_contact.auth_atom_id_1 
_pdbx_validate_close_contact.auth_asym_id_1 
_pdbx_validate_close_contact.auth_comp_id_1 
_pdbx_validate_close_contact.auth_seq_id_1 
_pdbx_validate_close_contact.PDB_ins_code_1 
_pdbx_validate_close_contact.label_alt_id_1 
_pdbx_validate_close_contact.auth_atom_id_2 
_pdbx_validate_close_contact.auth_asym_id_2 
_pdbx_validate_close_contact.auth_comp_id_2 
_pdbx_validate_close_contact.auth_seq_id_2 
_pdbx_validate_close_contact.PDB_ins_code_2 
_pdbx_validate_close_contact.label_alt_id_2 
_pdbx_validate_close_contact.dist 
1 5  O A PRO 7 ? ? H A GLY 9 ? ? 1.60 
2 8  H A TYR 2 ? ? O A ASN 5 ? ? 1.58 
3 10 H A TYR 2 ? ? O A ASN 5 ? ? 1.53 
4 12 H A ILE 3 ? ? O A ASN 5 ? ? 1.55 
5 12 H A TYR 2 ? ? O A ASN 5 ? ? 1.56 
# 
loop_
_pdbx_validate_torsion.id 
_pdbx_validate_torsion.PDB_model_num 
_pdbx_validate_torsion.auth_comp_id 
_pdbx_validate_torsion.auth_asym_id 
_pdbx_validate_torsion.auth_seq_id 
_pdbx_validate_torsion.PDB_ins_code 
_pdbx_validate_torsion.label_alt_id 
_pdbx_validate_torsion.phi 
_pdbx_validate_torsion.psi 
1  1  TYR A 2 ? ? -127.80 -130.85 
2  1  ILE A 3 ? ? -60.21  -148.35 
3  1  GLN A 4 ? ? -46.33  -17.25  
4  1  PRO A 7 ? ? -68.05  -141.67 
5  1  LEU A 8 ? ? -57.09  179.99  
6  2  TYR A 2 ? ? -106.74 -109.41 
7  2  ILE A 3 ? ? -64.40  -148.66 
8  2  PRO A 7 ? ? -65.70  -141.67 
9  2  LEU A 8 ? ? -58.67  174.81  
10 3  TYR A 2 ? ? -107.94 -102.50 
11 3  ILE A 3 ? ? -72.27  -147.11 
12 3  PRO A 7 ? ? -66.12  -141.51 
13 4  TYR A 2 ? ? -129.20 -136.20 
14 4  ILE A 3 ? ? -58.48  -144.34 
15 4  GLN A 4 ? ? -45.67  -18.04  
16 4  PRO A 7 ? ? -67.81  -141.53 
17 5  TYR A 2 ? ? -127.72 -135.84 
18 5  ILE A 3 ? ? -58.46  -144.55 
19 5  GLN A 4 ? ? -46.28  -17.55  
20 5  PRO A 7 ? ? -67.60  -141.22 
21 5  LEU A 8 ? ? -61.73  62.79   
22 6  TYR A 2 ? ? -113.31 -143.75 
23 6  ILE A 3 ? ? -59.29  -143.00 
24 6  GLN A 4 ? ? -44.80  -17.97  
25 6  PRO A 7 ? ? -66.86  -141.32 
26 7  TYR A 2 ? ? -128.65 -131.16 
27 7  ILE A 3 ? ? -60.01  -148.49 
28 7  GLN A 4 ? ? -46.24  -17.36  
29 8  TYR A 2 ? ? -118.59 -121.13 
30 8  ILE A 3 ? ? -64.31  -147.43 
31 8  GLN A 4 ? ? -49.03  -15.75  
32 9  TYR A 2 ? ? -122.45 -128.97 
33 9  ILE A 3 ? ? -60.14  -148.36 
34 9  GLN A 4 ? ? -46.41  -17.17  
35 10 TYR A 2 ? ? -107.94 -80.50  
36 10 ILE A 3 ? ? -97.69  -146.12 
37 10 LEU A 8 ? ? -47.50  156.05  
38 11 TYR A 2 ? ? -86.88  -95.77  
39 11 ILE A 3 ? ? -84.62  -145.44 
40 11 PRO A 7 ? ? -76.93  -141.91 
41 12 ILE A 3 ? ? -140.94 -145.51 
42 12 GLN A 4 ? ? -39.61  -34.21  
43 12 PRO A 7 ? ? -66.33  -141.76 
44 13 TYR A 2 ? ? -112.99 -141.80 
45 13 ILE A 3 ? ? -59.37  -143.15 
46 13 GLN A 4 ? ? -46.02  -18.42  
47 14 TYR A 2 ? ? -133.74 -138.50 
48 14 ILE A 3 ? ? -58.19  -145.72 
49 14 GLN A 4 ? ? -36.95  -34.07  
# 
_pdbx_nmr_ensemble.entry_id                                      7OFG 
_pdbx_nmr_ensemble.conformers_calculated_total_number            50 
_pdbx_nmr_ensemble.conformers_submitted_total_number             14 
_pdbx_nmr_ensemble.conformer_selection_criteria                  'structures with the lowest energy' 
_pdbx_nmr_ensemble.representative_conformer                      ? 
_pdbx_nmr_ensemble.average_constraints_per_residue               ? 
_pdbx_nmr_ensemble.average_constraint_violations_per_residue     ? 
_pdbx_nmr_ensemble.maximum_distance_constraint_violation         ? 
_pdbx_nmr_ensemble.average_distance_constraint_violation         ? 
_pdbx_nmr_ensemble.maximum_upper_distance_constraint_violation   ? 
_pdbx_nmr_ensemble.maximum_lower_distance_constraint_violation   ? 
_pdbx_nmr_ensemble.distance_constraint_violation_method          ? 
_pdbx_nmr_ensemble.maximum_torsion_angle_constraint_violation    ? 
_pdbx_nmr_ensemble.average_torsion_angle_constraint_violation    ? 
_pdbx_nmr_ensemble.torsion_angle_constraint_violation_method     ? 
# 
_pdbx_nmr_representative.entry_id             7OFG 
_pdbx_nmr_representative.conformer_id         1 
_pdbx_nmr_representative.selection_criteria   'lowest energy' 
# 
_pdbx_nmr_sample_details.solution_id      1 
_pdbx_nmr_sample_details.contents         '5 mM ammonium acetate, 3.3 mM Oxytocin, 90% H2O/10% D2O' 
_pdbx_nmr_sample_details.solvent_system   '90% H2O/10% D2O' 
_pdbx_nmr_sample_details.label            OT/AA 
_pdbx_nmr_sample_details.type             solution 
_pdbx_nmr_sample_details.details          
'3.3 mM oxytocin in 5 mM fresh ammonium acetate buffer, pH 6.7, in TDW, filtered at 2 micron with 10% deuterium oxide.' 
# 
loop_
_pdbx_nmr_exptl_sample.solution_id 
_pdbx_nmr_exptl_sample.component 
_pdbx_nmr_exptl_sample.concentration 
_pdbx_nmr_exptl_sample.concentration_range 
_pdbx_nmr_exptl_sample.concentration_units 
_pdbx_nmr_exptl_sample.isotopic_labeling 
1 'ammonium acetate' 5   ? mM 'natural abundance' 
1 Oxytocin           3.3 ? mM 'natural abundance' 
# 
_pdbx_nmr_exptl_sample_conditions.conditions_id          1 
_pdbx_nmr_exptl_sample_conditions.temperature            297.3 
_pdbx_nmr_exptl_sample_conditions.pressure_units         atm 
_pdbx_nmr_exptl_sample_conditions.pressure               1 
_pdbx_nmr_exptl_sample_conditions.pH                     6.7 
_pdbx_nmr_exptl_sample_conditions.ionic_strength         0.00665 
_pdbx_nmr_exptl_sample_conditions.details                
;Ammonium acetate buffer was used since it does not complex copper, however the buffer suffered from rapid bacterial growth within a couple of days and we had to prepare fresh samples for each experiment.
;
_pdbx_nmr_exptl_sample_conditions.ionic_strength_err     ? 
_pdbx_nmr_exptl_sample_conditions.ionic_strength_units   M 
_pdbx_nmr_exptl_sample_conditions.label                  OT/AA 
_pdbx_nmr_exptl_sample_conditions.pH_err                 0.1 
_pdbx_nmr_exptl_sample_conditions.pH_units               'Not defined' 
_pdbx_nmr_exptl_sample_conditions.pressure_err           ? 
_pdbx_nmr_exptl_sample_conditions.temperature_err        0.1 
_pdbx_nmr_exptl_sample_conditions.temperature_units      K 
# 
loop_
_pdbx_nmr_exptl.experiment_id 
_pdbx_nmr_exptl.conditions_id 
_pdbx_nmr_exptl.solution_id 
_pdbx_nmr_exptl.type 
_pdbx_nmr_exptl.spectrometer_id 
_pdbx_nmr_exptl.sample_state 
1 1 1 '2D 1H-1H COSY'  1 isotropic 
2 1 1 '2D 1H-1H TOCSY' 1 isotropic 
3 1 1 '2D 1H-1H ROESY' 1 isotropic 
# 
_pdbx_nmr_refine.entry_id           7OFG 
_pdbx_nmr_refine.method             'DGSA-distance geometry simulated annealing' 
_pdbx_nmr_refine.details            'Based on 59 ROE restraints' 
_pdbx_nmr_refine.software_ordinal   2 
# 
loop_
_pdbx_nmr_software.ordinal 
_pdbx_nmr_software.classification 
_pdbx_nmr_software.name 
_pdbx_nmr_software.version 
_pdbx_nmr_software.authors 
5 collection                  TopSpin        3.6.2 'Bruker Biospin' 
1 'chemical shift assignment' NMRFAM-SPARKY  1.470 'Lee, W.; Tonelli, M.; Markley, J. L.' 
2 'structure calculation'     CNS            3.2   'Brunger, Adams, Clore, Gros, Nilges and Read' 
3 'data analysis'             'UCSF Chimera' 1.14  
'Pettersen, E. F.; Goddard, T. D.; Huang, C. C.; Couch, G. S.; Greenblatt, D. M.; Meng, E. C.; Ferrin, T. E.' 
4 'peak picking'              NMRFAM-SPARKY  1.470 'Lee, W.; Tonelli, M.; Markley, J. L.' 
# 
loop_
_chem_comp_atom.comp_id 
_chem_comp_atom.atom_id 
_chem_comp_atom.type_symbol 
_chem_comp_atom.pdbx_aromatic_flag 
_chem_comp_atom.pdbx_stereo_config 
_chem_comp_atom.pdbx_ordinal 
ASN N    N N N 1   
ASN CA   C N S 2   
ASN C    C N N 3   
ASN O    O N N 4   
ASN CB   C N N 5   
ASN CG   C N N 6   
ASN OD1  O N N 7   
ASN ND2  N N N 8   
ASN OXT  O N N 9   
ASN H    H N N 10  
ASN H2   H N N 11  
ASN HA   H N N 12  
ASN HB2  H N N 13  
ASN HB3  H N N 14  
ASN HD21 H N N 15  
ASN HD22 H N N 16  
ASN HXT  H N N 17  
CYS N    N N N 18  
CYS CA   C N R 19  
CYS C    C N N 20  
CYS O    O N N 21  
CYS CB   C N N 22  
CYS SG   S N N 23  
CYS OXT  O N N 24  
CYS H    H N N 25  
CYS H2   H N N 26  
CYS HA   H N N 27  
CYS HB2  H N N 28  
CYS HB3  H N N 29  
CYS HG   H N N 30  
CYS HXT  H N N 31  
GLN N    N N N 32  
GLN CA   C N S 33  
GLN C    C N N 34  
GLN O    O N N 35  
GLN CB   C N N 36  
GLN CG   C N N 37  
GLN CD   C N N 38  
GLN OE1  O N N 39  
GLN NE2  N N N 40  
GLN OXT  O N N 41  
GLN H    H N N 42  
GLN H2   H N N 43  
GLN HA   H N N 44  
GLN HB2  H N N 45  
GLN HB3  H N N 46  
GLN HG2  H N N 47  
GLN HG3  H N N 48  
GLN HE21 H N N 49  
GLN HE22 H N N 50  
GLN HXT  H N N 51  
GLY N    N N N 52  
GLY CA   C N N 53  
GLY C    C N N 54  
GLY O    O N N 55  
GLY OXT  O N N 56  
GLY H    H N N 57  
GLY H2   H N N 58  
GLY HA2  H N N 59  
GLY HA3  H N N 60  
GLY HXT  H N N 61  
ILE N    N N N 62  
ILE CA   C N S 63  
ILE C    C N N 64  
ILE O    O N N 65  
ILE CB   C N S 66  
ILE CG1  C N N 67  
ILE CG2  C N N 68  
ILE CD1  C N N 69  
ILE OXT  O N N 70  
ILE H    H N N 71  
ILE H2   H N N 72  
ILE HA   H N N 73  
ILE HB   H N N 74  
ILE HG12 H N N 75  
ILE HG13 H N N 76  
ILE HG21 H N N 77  
ILE HG22 H N N 78  
ILE HG23 H N N 79  
ILE HD11 H N N 80  
ILE HD12 H N N 81  
ILE HD13 H N N 82  
ILE HXT  H N N 83  
LEU N    N N N 84  
LEU CA   C N S 85  
LEU C    C N N 86  
LEU O    O N N 87  
LEU CB   C N N 88  
LEU CG   C N N 89  
LEU CD1  C N N 90  
LEU CD2  C N N 91  
LEU OXT  O N N 92  
LEU H    H N N 93  
LEU H2   H N N 94  
LEU HA   H N N 95  
LEU HB2  H N N 96  
LEU HB3  H N N 97  
LEU HG   H N N 98  
LEU HD11 H N N 99  
LEU HD12 H N N 100 
LEU HD13 H N N 101 
LEU HD21 H N N 102 
LEU HD22 H N N 103 
LEU HD23 H N N 104 
LEU HXT  H N N 105 
NH2 N    N N N 106 
NH2 HN1  H N N 107 
NH2 HN2  H N N 108 
PRO N    N N N 109 
PRO CA   C N S 110 
PRO C    C N N 111 
PRO O    O N N 112 
PRO CB   C N N 113 
PRO CG   C N N 114 
PRO CD   C N N 115 
PRO OXT  O N N 116 
PRO H    H N N 117 
PRO HA   H N N 118 
PRO HB2  H N N 119 
PRO HB3  H N N 120 
PRO HG2  H N N 121 
PRO HG3  H N N 122 
PRO HD2  H N N 123 
PRO HD3  H N N 124 
PRO HXT  H N N 125 
TYR N    N N N 126 
TYR CA   C N S 127 
TYR C    C N N 128 
TYR O    O N N 129 
TYR CB   C N N 130 
TYR CG   C Y N 131 
TYR CD1  C Y N 132 
TYR CD2  C Y N 133 
TYR CE1  C Y N 134 
TYR CE2  C Y N 135 
TYR CZ   C Y N 136 
TYR OH   O N N 137 
TYR OXT  O N N 138 
TYR H    H N N 139 
TYR H2   H N N 140 
TYR HA   H N N 141 
TYR HB2  H N N 142 
TYR HB3  H N N 143 
TYR HD1  H N N 144 
TYR HD2  H N N 145 
TYR HE1  H N N 146 
TYR HE2  H N N 147 
TYR HH   H N N 148 
TYR HXT  H N N 149 
# 
loop_
_chem_comp_bond.comp_id 
_chem_comp_bond.atom_id_1 
_chem_comp_bond.atom_id_2 
_chem_comp_bond.value_order 
_chem_comp_bond.pdbx_aromatic_flag 
_chem_comp_bond.pdbx_stereo_config 
_chem_comp_bond.pdbx_ordinal 
ASN N   CA   sing N N 1   
ASN N   H    sing N N 2   
ASN N   H2   sing N N 3   
ASN CA  C    sing N N 4   
ASN CA  CB   sing N N 5   
ASN CA  HA   sing N N 6   
ASN C   O    doub N N 7   
ASN C   OXT  sing N N 8   
ASN CB  CG   sing N N 9   
ASN CB  HB2  sing N N 10  
ASN CB  HB3  sing N N 11  
ASN CG  OD1  doub N N 12  
ASN CG  ND2  sing N N 13  
ASN ND2 HD21 sing N N 14  
ASN ND2 HD22 sing N N 15  
ASN OXT HXT  sing N N 16  
CYS N   CA   sing N N 17  
CYS N   H    sing N N 18  
CYS N   H2   sing N N 19  
CYS CA  C    sing N N 20  
CYS CA  CB   sing N N 21  
CYS CA  HA   sing N N 22  
CYS C   O    doub N N 23  
CYS C   OXT  sing N N 24  
CYS CB  SG   sing N N 25  
CYS CB  HB2  sing N N 26  
CYS CB  HB3  sing N N 27  
CYS SG  HG   sing N N 28  
CYS OXT HXT  sing N N 29  
GLN N   CA   sing N N 30  
GLN N   H    sing N N 31  
GLN N   H2   sing N N 32  
GLN CA  C    sing N N 33  
GLN CA  CB   sing N N 34  
GLN CA  HA   sing N N 35  
GLN C   O    doub N N 36  
GLN C   OXT  sing N N 37  
GLN CB  CG   sing N N 38  
GLN CB  HB2  sing N N 39  
GLN CB  HB3  sing N N 40  
GLN CG  CD   sing N N 41  
GLN CG  HG2  sing N N 42  
GLN CG  HG3  sing N N 43  
GLN CD  OE1  doub N N 44  
GLN CD  NE2  sing N N 45  
GLN NE2 HE21 sing N N 46  
GLN NE2 HE22 sing N N 47  
GLN OXT HXT  sing N N 48  
GLY N   CA   sing N N 49  
GLY N   H    sing N N 50  
GLY N   H2   sing N N 51  
GLY CA  C    sing N N 52  
GLY CA  HA2  sing N N 53  
GLY CA  HA3  sing N N 54  
GLY C   O    doub N N 55  
GLY C   OXT  sing N N 56  
GLY OXT HXT  sing N N 57  
ILE N   CA   sing N N 58  
ILE N   H    sing N N 59  
ILE N   H2   sing N N 60  
ILE CA  C    sing N N 61  
ILE CA  CB   sing N N 62  
ILE CA  HA   sing N N 63  
ILE C   O    doub N N 64  
ILE C   OXT  sing N N 65  
ILE CB  CG1  sing N N 66  
ILE CB  CG2  sing N N 67  
ILE CB  HB   sing N N 68  
ILE CG1 CD1  sing N N 69  
ILE CG1 HG12 sing N N 70  
ILE CG1 HG13 sing N N 71  
ILE CG2 HG21 sing N N 72  
ILE CG2 HG22 sing N N 73  
ILE CG2 HG23 sing N N 74  
ILE CD1 HD11 sing N N 75  
ILE CD1 HD12 sing N N 76  
ILE CD1 HD13 sing N N 77  
ILE OXT HXT  sing N N 78  
LEU N   CA   sing N N 79  
LEU N   H    sing N N 80  
LEU N   H2   sing N N 81  
LEU CA  C    sing N N 82  
LEU CA  CB   sing N N 83  
LEU CA  HA   sing N N 84  
LEU C   O    doub N N 85  
LEU C   OXT  sing N N 86  
LEU CB  CG   sing N N 87  
LEU CB  HB2  sing N N 88  
LEU CB  HB3  sing N N 89  
LEU CG  CD1  sing N N 90  
LEU CG  CD2  sing N N 91  
LEU CG  HG   sing N N 92  
LEU CD1 HD11 sing N N 93  
LEU CD1 HD12 sing N N 94  
LEU CD1 HD13 sing N N 95  
LEU CD2 HD21 sing N N 96  
LEU CD2 HD22 sing N N 97  
LEU CD2 HD23 sing N N 98  
LEU OXT HXT  sing N N 99  
NH2 N   HN1  sing N N 100 
NH2 N   HN2  sing N N 101 
PRO N   CA   sing N N 102 
PRO N   CD   sing N N 103 
PRO N   H    sing N N 104 
PRO CA  C    sing N N 105 
PRO CA  CB   sing N N 106 
PRO CA  HA   sing N N 107 
PRO C   O    doub N N 108 
PRO C   OXT  sing N N 109 
PRO CB  CG   sing N N 110 
PRO CB  HB2  sing N N 111 
PRO CB  HB3  sing N N 112 
PRO CG  CD   sing N N 113 
PRO CG  HG2  sing N N 114 
PRO CG  HG3  sing N N 115 
PRO CD  HD2  sing N N 116 
PRO CD  HD3  sing N N 117 
PRO OXT HXT  sing N N 118 
TYR N   CA   sing N N 119 
TYR N   H    sing N N 120 
TYR N   H2   sing N N 121 
TYR CA  C    sing N N 122 
TYR CA  CB   sing N N 123 
TYR CA  HA   sing N N 124 
TYR C   O    doub N N 125 
TYR C   OXT  sing N N 126 
TYR CB  CG   sing N N 127 
TYR CB  HB2  sing N N 128 
TYR CB  HB3  sing N N 129 
TYR CG  CD1  doub Y N 130 
TYR CG  CD2  sing Y N 131 
TYR CD1 CE1  sing Y N 132 
TYR CD1 HD1  sing N N 133 
TYR CD2 CE2  doub Y N 134 
TYR CD2 HD2  sing N N 135 
TYR CE1 CZ   doub Y N 136 
TYR CE1 HE1  sing N N 137 
TYR CE2 CZ   sing Y N 138 
TYR CE2 HE2  sing N N 139 
TYR CZ  OH   sing N N 140 
TYR OH  HH   sing N N 141 
TYR OXT HXT  sing N N 142 
# 
_pdbx_audit_support.funding_organization   'European Union (EU)' 
_pdbx_audit_support.country                Israel 
_pdbx_audit_support.grant_number           664786 
_pdbx_audit_support.ordinal                1 
# 
_pdbx_nmr_spectrometer.spectrometer_id   1 
_pdbx_nmr_spectrometer.model             'AVANCE II' 
_pdbx_nmr_spectrometer.type              ? 
_pdbx_nmr_spectrometer.manufacturer      Bruker 
_pdbx_nmr_spectrometer.field_strength    500 
_pdbx_nmr_spectrometer.details           XYZ-gradients 
# 
_atom_sites.entry_id                    7OFG 
_atom_sites.Cartn_transf_matrix[1][1]   ? 
_atom_sites.Cartn_transf_matrix[1][2]   ? 
_atom_sites.Cartn_transf_matrix[1][3]   ? 
_atom_sites.Cartn_transf_matrix[2][1]   ? 
_atom_sites.Cartn_transf_matrix[2][2]   ? 
_atom_sites.Cartn_transf_matrix[2][3]   ? 
_atom_sites.Cartn_transf_matrix[3][1]   ? 
_atom_sites.Cartn_transf_matrix[3][2]   ? 
_atom_sites.Cartn_transf_matrix[3][3]   ? 
_atom_sites.Cartn_transf_vector[1]      ? 
_atom_sites.Cartn_transf_vector[2]      ? 
_atom_sites.Cartn_transf_vector[3]      ? 
_atom_sites.fract_transf_matrix[1][1]   1.000000 
_atom_sites.fract_transf_matrix[1][2]   0.000000 
_atom_sites.fract_transf_matrix[1][3]   0.000000 
_atom_sites.fract_transf_matrix[2][1]   0.000000 
_atom_sites.fract_transf_matrix[2][2]   1.000000 
_atom_sites.fract_transf_matrix[2][3]   0.000000 
_atom_sites.fract_transf_matrix[3][1]   0.000000 
_atom_sites.fract_transf_matrix[3][2]   0.000000 
_atom_sites.fract_transf_matrix[3][3]   1.000000 
_atom_sites.fract_transf_vector[1]      0.00000 
_atom_sites.fract_transf_vector[2]      0.00000 
_atom_sites.fract_transf_vector[3]      0.00000 
_atom_sites.solution_primary            ? 
_atom_sites.solution_secondary          ? 
_atom_sites.solution_hydrogens          ? 
_atom_sites.special_details             ? 
# 
loop_
_atom_type.symbol 
C 
H 
N 
O 
S 
# 
loop_
_atom_site.group_PDB 
_atom_site.id 
_atom_site.type_symbol 
_atom_site.label_atom_id 
_atom_site.label_alt_id 
_atom_site.label_comp_id 
_atom_site.label_asym_id 
_atom_site.label_entity_id 
_atom_site.label_seq_id 
_atom_site.pdbx_PDB_ins_code 
_atom_site.Cartn_x 
_atom_site.Cartn_y 
_atom_site.Cartn_z 
_atom_site.occupancy 
_atom_site.B_iso_or_equiv 
_atom_site.pdbx_formal_charge 
_atom_site.auth_seq_id 
_atom_site.auth_comp_id 
_atom_site.auth_asym_id 
_atom_site.auth_atom_id 
_atom_site.pdbx_PDB_model_num 
ATOM   1    N N    . CYS A 1 1  ? -3.766 -1.013 3.514  1.00 0.00 ? 1  CYS A N    1  
ATOM   2    C CA   . CYS A 1 1  ? -2.428 -0.872 2.872  1.00 0.00 ? 1  CYS A CA   1  
ATOM   3    C C    . CYS A 1 1  ? -2.318 -1.806 1.663  1.00 0.00 ? 1  CYS A C    1  
ATOM   4    O O    . CYS A 1 1  ? -3.308 -2.306 1.165  1.00 0.00 ? 1  CYS A O    1  
ATOM   5    C CB   . CYS A 1 1  ? -1.427 -1.275 3.954  1.00 0.00 ? 1  CYS A CB   1  
ATOM   6    S SG   . CYS A 1 1  ? 0.124  -0.376 3.705  1.00 0.00 ? 1  CYS A SG   1  
ATOM   7    H H1   . CYS A 1 1  ? -3.749 -1.808 4.184  1.00 0.00 ? 1  CYS A H1   1  
ATOM   8    H H2   . CYS A 1 1  ? -4.485 -1.191 2.782  1.00 0.00 ? 1  CYS A H2   1  
ATOM   9    H H3   . CYS A 1 1  ? -3.999 -0.138 4.025  1.00 0.00 ? 1  CYS A H3   1  
ATOM   10   H HA   . CYS A 1 1  ? -2.257 0.150  2.576  1.00 0.00 ? 1  CYS A HA   1  
ATOM   11   H HB2  . CYS A 1 1  ? -1.831 -1.034 4.926  1.00 0.00 ? 1  CYS A HB2  1  
ATOM   12   H HB3  . CYS A 1 1  ? -1.240 -2.338 3.895  1.00 0.00 ? 1  CYS A HB3  1  
ATOM   13   N N    . TYR A 1 2  ? -1.126 -2.047 1.188  1.00 0.00 ? 2  TYR A N    1  
ATOM   14   C CA   . TYR A 1 2  ? -0.955 -2.949 0.016  1.00 0.00 ? 2  TYR A CA   1  
ATOM   15   C C    . TYR A 1 2  ? 0.082  -3.996 0.412  1.00 0.00 ? 2  TYR A C    1  
ATOM   16   O O    . TYR A 1 2  ? 0.038  -4.528 1.504  1.00 0.00 ? 2  TYR A O    1  
ATOM   17   C CB   . TYR A 1 2  ? -0.404 -2.048 -1.101 1.00 0.00 ? 2  TYR A CB   1  
ATOM   18   C CG   . TYR A 1 2  ? -1.028 -2.438 -2.419 1.00 0.00 ? 2  TYR A CG   1  
ATOM   19   C CD1  . TYR A 1 2  ? -0.233 -2.521 -3.570 1.00 0.00 ? 2  TYR A CD1  1  
ATOM   20   C CD2  . TYR A 1 2  ? -2.397 -2.714 -2.492 1.00 0.00 ? 2  TYR A CD2  1  
ATOM   21   C CE1  . TYR A 1 2  ? -0.810 -2.883 -4.794 1.00 0.00 ? 2  TYR A CE1  1  
ATOM   22   C CE2  . TYR A 1 2  ? -2.974 -3.076 -3.717 1.00 0.00 ? 2  TYR A CE2  1  
ATOM   23   C CZ   . TYR A 1 2  ? -2.181 -3.161 -4.867 1.00 0.00 ? 2  TYR A CZ   1  
ATOM   24   O OH   . TYR A 1 2  ? -2.748 -3.518 -6.072 1.00 0.00 ? 2  TYR A OH   1  
ATOM   25   H H    . TYR A 1 2  ? -0.326 -1.640 1.610  1.00 0.00 ? 2  TYR A H    1  
ATOM   26   H HA   . TYR A 1 2  ? -1.895 -3.384 -0.269 1.00 0.00 ? 2  TYR A HA   1  
ATOM   27   H HB2  . TYR A 1 2  ? -0.633 -1.025 -0.881 1.00 0.00 ? 2  TYR A HB2  1  
ATOM   28   H HB3  . TYR A 1 2  ? 0.664  -2.155 -1.163 1.00 0.00 ? 2  TYR A HB3  1  
ATOM   29   H HD1  . TYR A 1 2  ? 0.824  -2.308 -3.513 1.00 0.00 ? 2  TYR A HD1  1  
ATOM   30   H HD2  . TYR A 1 2  ? -3.009 -2.650 -1.606 1.00 0.00 ? 2  TYR A HD2  1  
ATOM   31   H HE1  . TYR A 1 2  ? -0.197 -2.949 -5.680 1.00 0.00 ? 2  TYR A HE1  1  
ATOM   32   H HE2  . TYR A 1 2  ? -4.030 -3.290 -3.772 1.00 0.00 ? 2  TYR A HE2  1  
ATOM   33   H HH   . TYR A 1 2  ? -2.532 -2.838 -6.715 1.00 0.00 ? 2  TYR A HH   1  
ATOM   34   N N    . ILE A 1 3  ? 1.068  -4.222 -0.413 1.00 0.00 ? 3  ILE A N    1  
ATOM   35   C CA   . ILE A 1 3  ? 2.169  -5.134 0.001  1.00 0.00 ? 3  ILE A CA   1  
ATOM   36   C C    . ILE A 1 3  ? 2.751  -4.495 1.222  1.00 0.00 ? 3  ILE A C    1  
ATOM   37   O O    . ILE A 1 3  ? 2.093  -3.808 1.976  1.00 0.00 ? 3  ILE A O    1  
ATOM   38   C CB   . ILE A 1 3  ? 3.232  -5.145 -1.122 1.00 0.00 ? 3  ILE A CB   1  
ATOM   39   C CG1  . ILE A 1 3  ? 2.658  -4.700 -2.467 1.00 0.00 ? 3  ILE A CG1  1  
ATOM   40   C CG2  . ILE A 1 3  ? 3.788  -6.560 -1.271 1.00 0.00 ? 3  ILE A CG2  1  
ATOM   41   C CD1  . ILE A 1 3  ? 1.373  -5.478 -2.765 1.00 0.00 ? 3  ILE A CD1  1  
ATOM   42   H H    . ILE A 1 3  ? 1.122  -3.736 -1.247 1.00 0.00 ? 3  ILE A H    1  
ATOM   43   H HA   . ILE A 1 3  ? 1.858  -6.118 0.231  1.00 0.00 ? 3  ILE A HA   1  
ATOM   44   H HB   . ILE A 1 3  ? 4.040  -4.480 -0.844 1.00 0.00 ? 3  ILE A HB   1  
ATOM   45   H HG12 . ILE A 1 3  ? 2.444  -3.640 -2.432 1.00 0.00 ? 3  ILE A HG12 1  
ATOM   46   H HG13 . ILE A 1 3  ? 3.381  -4.890 -3.240 1.00 0.00 ? 3  ILE A HG13 1  
ATOM   47   H HG21 . ILE A 1 3  ? 3.391  -7.010 -2.168 1.00 0.00 ? 3  ILE A HG21 1  
ATOM   48   H HG22 . ILE A 1 3  ? 3.500  -7.152 -0.413 1.00 0.00 ? 3  ILE A HG22 1  
ATOM   49   H HG23 . ILE A 1 3  ? 4.865  -6.520 -1.335 1.00 0.00 ? 3  ILE A HG23 1  
ATOM   50   H HD11 . ILE A 1 3  ? 0.591  -4.789 -3.046 1.00 0.00 ? 3  ILE A HD11 1  
ATOM   51   H HD12 . ILE A 1 3  ? 1.074  -6.028 -1.886 1.00 0.00 ? 3  ILE A HD12 1  
ATOM   52   H HD13 . ILE A 1 3  ? 1.552  -6.170 -3.577 1.00 0.00 ? 3  ILE A HD13 1  
ATOM   53   N N    . GLN A 1 4  ? 3.983  -4.671 1.405  1.00 0.00 ? 4  GLN A N    1  
ATOM   54   C CA   . GLN A 1 4  ? 4.647  -4.037 2.555  1.00 0.00 ? 4  GLN A CA   1  
ATOM   55   C C    . GLN A 1 4  ? 4.269  -2.580 2.713  1.00 0.00 ? 4  GLN A C    1  
ATOM   56   O O    . GLN A 1 4  ? 4.435  -1.947 3.736  1.00 0.00 ? 4  GLN A O    1  
ATOM   57   C CB   . GLN A 1 4  ? 6.120  -4.219 2.283  1.00 0.00 ? 4  GLN A CB   1  
ATOM   58   C CG   . GLN A 1 4  ? 6.610  -5.434 3.047  1.00 0.00 ? 4  GLN A CG   1  
ATOM   59   C CD   . GLN A 1 4  ? 8.115  -5.318 3.298  1.00 0.00 ? 4  GLN A CD   1  
ATOM   60   O OE1  . GLN A 1 4  ? 8.546  -5.157 4.424  1.00 0.00 ? 4  GLN A OE1  1  
ATOM   61   N NE2  . GLN A 1 4  ? 8.941  -5.391 2.290  1.00 0.00 ? 4  GLN A NE2  1  
ATOM   62   H H    . GLN A 1 4  ? 4.473  -5.214 0.788  1.00 0.00 ? 4  GLN A H    1  
ATOM   63   H HA   . GLN A 1 4  ? 4.353  -4.520 3.360  1.00 0.00 ? 4  GLN A HA   1  
ATOM   64   H HB2  . GLN A 1 4  ? 6.264  -4.375 1.221  1.00 0.00 ? 4  GLN A HB2  1  
ATOM   65   H HB3  . GLN A 1 4  ? 6.656  -3.344 2.600  1.00 0.00 ? 4  GLN A HB3  1  
ATOM   66   H HG2  . GLN A 1 4  ? 6.087  -5.491 3.989  1.00 0.00 ? 4  GLN A HG2  1  
ATOM   67   H HG3  . GLN A 1 4  ? 6.409  -6.320 2.466  1.00 0.00 ? 4  GLN A HG3  1  
ATOM   68   H HE21 . GLN A 1 4  ? 8.594  -5.520 1.382  1.00 0.00 ? 4  GLN A HE21 1  
ATOM   69   H HE22 . GLN A 1 4  ? 9.907  -5.317 2.441  1.00 0.00 ? 4  GLN A HE22 1  
ATOM   70   N N    . ASN A 1 5  ? 3.763  -2.105 1.686  1.00 0.00 ? 5  ASN A N    1  
ATOM   71   C CA   . ASN A 1 5  ? 3.290  -0.650 1.603  1.00 0.00 ? 5  ASN A CA   1  
ATOM   72   C C    . ASN A 1 5  ? 1.805  -0.546 1.222  1.00 0.00 ? 5  ASN A C    1  
ATOM   73   O O    . ASN A 1 5  ? 1.178  -1.513 0.845  1.00 0.00 ? 5  ASN A O    1  
ATOM   74   C CB   . ASN A 1 5  ? 4.160  -0.046 0.508  1.00 0.00 ? 5  ASN A CB   1  
ATOM   75   C CG   . ASN A 1 5  ? 4.188  1.476  0.652  1.00 0.00 ? 5  ASN A CG   1  
ATOM   76   O OD1  . ASN A 1 5  ? 3.672  2.187  -0.185 1.00 0.00 ? 5  ASN A OD1  1  
ATOM   77   N ND2  . ASN A 1 5  ? 4.777  2.009  1.689  1.00 0.00 ? 5  ASN A ND2  1  
ATOM   78   H H    . ASN A 1 5  ? 3.702  -2.742 0.937  1.00 0.00 ? 5  ASN A H    1  
ATOM   79   H HA   . ASN A 1 5  ? 3.448  -0.104 2.550  1.00 0.00 ? 5  ASN A HA   1  
ATOM   80   H HB2  . ASN A 1 5  ? 5.163  -0.440 0.592  1.00 0.00 ? 5  ASN A HB2  1  
ATOM   81   H HB3  . ASN A 1 5  ? 3.751  -0.310 -0.457 1.00 0.00 ? 5  ASN A HB3  1  
ATOM   82   H HD21 . ASN A 1 5  ? 5.193  1.436  2.364  1.00 0.00 ? 5  ASN A HD21 1  
ATOM   83   H HD22 . ASN A 1 5  ? 4.801  2.983  1.791  1.00 0.00 ? 5  ASN A HD22 1  
ATOM   84   N N    . CYS A 1 6  ? 1.248  0.643  1.344  1.00 0.00 ? 6  CYS A N    1  
ATOM   85   C CA   . CYS A 1 6  ? -0.204 0.870  1.028  1.00 0.00 ? 6  CYS A CA   1  
ATOM   86   C C    . CYS A 1 6  ? -0.397 1.285  -0.437 1.00 0.00 ? 6  CYS A C    1  
ATOM   87   O O    . CYS A 1 6  ? 0.442  1.960  -1.000 1.00 0.00 ? 6  CYS A O    1  
ATOM   88   C CB   . CYS A 1 6  ? -0.626 2.023  1.944  1.00 0.00 ? 6  CYS A CB   1  
ATOM   89   S SG   . CYS A 1 6  ? -0.422 1.572  3.694  1.00 0.00 ? 6  CYS A SG   1  
ATOM   90   H H    . CYS A 1 6  ? 1.789  1.393  1.666  1.00 0.00 ? 6  CYS A H    1  
ATOM   91   H HA   . CYS A 1 6  ? -0.788 0.006  1.251  1.00 0.00 ? 6  CYS A HA   1  
ATOM   92   H HB2  . CYS A 1 6  ? -0.016 2.888  1.731  1.00 0.00 ? 6  CYS A HB2  1  
ATOM   93   H HB3  . CYS A 1 6  ? -1.661 2.266  1.756  1.00 0.00 ? 6  CYS A HB3  1  
ATOM   94   N N    . PRO A 1 7  ? -1.519 0.892  -1.006 1.00 0.00 ? 7  PRO A N    1  
ATOM   95   C CA   . PRO A 1 7  ? -1.835 1.258  -2.412 1.00 0.00 ? 7  PRO A CA   1  
ATOM   96   C C    . PRO A 1 7  ? -2.077 2.746  -2.490 1.00 0.00 ? 7  PRO A C    1  
ATOM   97   O O    . PRO A 1 7  ? -1.430 3.554  -1.852 1.00 0.00 ? 7  PRO A O    1  
ATOM   98   C CB   . PRO A 1 7  ? -3.125 0.484  -2.689 1.00 0.00 ? 7  PRO A CB   1  
ATOM   99   C CG   . PRO A 1 7  ? -3.738 0.376  -1.363 1.00 0.00 ? 7  PRO A CG   1  
ATOM   100  C CD   . PRO A 1 7  ? -2.603 0.073  -0.428 1.00 0.00 ? 7  PRO A CD   1  
ATOM   101  H HA   . PRO A 1 7  ? -1.096 0.980  -3.108 1.00 0.00 ? 7  PRO A HA   1  
ATOM   102  H HB2  . PRO A 1 7  ? -3.772 1.009  -3.367 1.00 0.00 ? 7  PRO A HB2  1  
ATOM   103  H HB3  . PRO A 1 7  ? -2.900 -0.500 -3.068 1.00 0.00 ? 7  PRO A HB3  1  
ATOM   104  H HG2  . PRO A 1 7  ? -4.196 1.331  -1.117 1.00 0.00 ? 7  PRO A HG2  1  
ATOM   105  H HG3  . PRO A 1 7  ? -4.462 -0.408 -1.359 1.00 0.00 ? 7  PRO A HG3  1  
ATOM   106  H HD2  . PRO A 1 7  ? -2.836 0.370  0.584  1.00 0.00 ? 7  PRO A HD2  1  
ATOM   107  H HD3  . PRO A 1 7  ? -2.350 -0.976 -0.476 1.00 0.00 ? 7  PRO A HD3  1  
ATOM   108  N N    . LEU A 1 8  ? -3.007 3.079  -3.275 1.00 0.00 ? 8  LEU A N    1  
ATOM   109  C CA   . LEU A 1 8  ? -3.389 4.491  -3.484 1.00 0.00 ? 8  LEU A CA   1  
ATOM   110  C C    . LEU A 1 8  ? -3.771 5.151  -2.153 1.00 0.00 ? 8  LEU A C    1  
ATOM   111  O O    . LEU A 1 8  ? -3.735 4.528  -1.109 1.00 0.00 ? 8  LEU A O    1  
ATOM   112  C CB   . LEU A 1 8  ? -4.584 4.383  -4.429 1.00 0.00 ? 8  LEU A CB   1  
ATOM   113  C CG   . LEU A 1 8  ? -5.867 4.109  -3.639 1.00 0.00 ? 8  LEU A CG   1  
ATOM   114  C CD1  . LEU A 1 8  ? -7.077 4.224  -4.570 1.00 0.00 ? 8  LEU A CD1  1  
ATOM   115  C CD2  . LEU A 1 8  ? -5.812 2.695  -3.054 1.00 0.00 ? 8  LEU A CD2  1  
ATOM   116  H H    . LEU A 1 8  ? -3.468 2.374  -3.743 1.00 0.00 ? 8  LEU A H    1  
ATOM   117  H HA   . LEU A 1 8  ? -2.592 5.034  -3.963 1.00 0.00 ? 8  LEU A HA   1  
ATOM   118  H HB2  . LEU A 1 8  ? -4.688 5.299  -4.981 1.00 0.00 ? 8  LEU A HB2  1  
ATOM   119  H HB3  . LEU A 1 8  ? -4.412 3.563  -5.115 1.00 0.00 ? 8  LEU A HB3  1  
ATOM   120  H HG   . LEU A 1 8  ? -5.960 4.826  -2.840 1.00 0.00 ? 8  LEU A HG   1  
ATOM   121  H HD11 . LEU A 1 8  ? -7.383 5.258  -4.633 1.00 0.00 ? 8  LEU A HD11 1  
ATOM   122  H HD12 . LEU A 1 8  ? -7.888 3.630  -4.180 1.00 0.00 ? 8  LEU A HD12 1  
ATOM   123  H HD13 . LEU A 1 8  ? -6.807 3.868  -5.552 1.00 0.00 ? 8  LEU A HD13 1  
ATOM   124  H HD21 . LEU A 1 8  ? -6.815 2.341  -2.874 1.00 0.00 ? 8  LEU A HD21 1  
ATOM   125  H HD22 . LEU A 1 8  ? -5.265 2.713  -2.124 1.00 0.00 ? 8  LEU A HD22 1  
ATOM   126  H HD23 . LEU A 1 8  ? -5.317 2.036  -3.751 1.00 0.00 ? 8  LEU A HD23 1  
ATOM   127  N N    . GLY A 1 9  ? -4.132 6.405  -2.183 1.00 0.00 ? 9  GLY A N    1  
ATOM   128  C CA   . GLY A 1 9  ? -4.513 7.101  -0.921 1.00 0.00 ? 9  GLY A CA   1  
ATOM   129  C C    . GLY A 1 9  ? -3.332 7.081  0.050  1.00 0.00 ? 9  GLY A C    1  
ATOM   130  O O    . GLY A 1 9  ? -2.920 6.037  0.515  1.00 0.00 ? 9  GLY A O    1  
ATOM   131  H H    . GLY A 1 9  ? -4.152 6.887  -3.034 1.00 0.00 ? 9  GLY A H    1  
ATOM   132  H HA2  . GLY A 1 9  ? -4.784 8.121  -1.142 1.00 0.00 ? 9  GLY A HA2  1  
ATOM   133  H HA3  . GLY A 1 9  ? -5.352 6.594  -0.470 1.00 0.00 ? 9  GLY A HA3  1  
HETATM 134  N N    . NH2 A 1 10 ? -2.763 8.207  0.382  1.00 0.00 ? 10 NH2 A N    1  
HETATM 135  H HN1  . NH2 A 1 10 ? -3.092 9.052  0.009  1.00 0.00 ? 10 NH2 A HN1  1  
HETATM 136  H HN2  . NH2 A 1 10 ? -2.005 8.209  1.004  1.00 0.00 ? 10 NH2 A HN2  1  
ATOM   137  N N    . CYS A 1 1  ? -2.891 -1.392 4.009  1.00 0.00 ? 1  CYS A N    2  
ATOM   138  C CA   . CYS A 1 1  ? -2.114 -0.886 2.840  1.00 0.00 ? 1  CYS A CA   2  
ATOM   139  C C    . CYS A 1 1  ? -2.105 -1.938 1.723  1.00 0.00 ? 1  CYS A C    2  
ATOM   140  O O    . CYS A 1 1  ? -3.015 -2.736 1.621  1.00 0.00 ? 1  CYS A O    2  
ATOM   141  C CB   . CYS A 1 1  ? -0.706 -0.633 3.389  1.00 0.00 ? 1  CYS A CB   2  
ATOM   142  S SG   . CYS A 1 1  ? -0.619 1.016  4.143  1.00 0.00 ? 1  CYS A SG   2  
ATOM   143  H H1   . CYS A 1 1  ? -3.110 -0.602 4.649  1.00 0.00 ? 1  CYS A H1   2  
ATOM   144  H H2   . CYS A 1 1  ? -2.326 -2.105 4.516  1.00 0.00 ? 1  CYS A H2   2  
ATOM   145  H H3   . CYS A 1 1  ? -3.777 -1.822 3.677  1.00 0.00 ? 1  CYS A H3   2  
ATOM   146  H HA   . CYS A 1 1  ? -2.545 0.029  2.478  1.00 0.00 ? 1  CYS A HA   2  
ATOM   147  H HB2  . CYS A 1 1  ? -0.474 -1.377 4.134  1.00 0.00 ? 1  CYS A HB2  2  
ATOM   148  H HB3  . CYS A 1 1  ? 0.011  -0.696 2.591  1.00 0.00 ? 1  CYS A HB3  2  
ATOM   149  N N    . TYR A 1 2  ? -1.093 -1.970 0.884  1.00 0.00 ? 2  TYR A N    2  
ATOM   150  C CA   . TYR A 1 2  ? -1.088 -3.003 -0.192 1.00 0.00 ? 2  TYR A CA   2  
ATOM   151  C C    . TYR A 1 2  ? -0.039 -4.042 0.203  1.00 0.00 ? 2  TYR A C    2  
ATOM   152  O O    . TYR A 1 2  ? -0.179 -4.723 1.201  1.00 0.00 ? 2  TYR A O    2  
ATOM   153  C CB   . TYR A 1 2  ? -0.687 -2.297 -1.498 1.00 0.00 ? 2  TYR A CB   2  
ATOM   154  C CG   . TYR A 1 2  ? -0.649 -3.299 -2.626 1.00 0.00 ? 2  TYR A CG   2  
ATOM   155  C CD1  . TYR A 1 2  ? 0.205  -3.093 -3.717 1.00 0.00 ? 2  TYR A CD1  2  
ATOM   156  C CD2  . TYR A 1 2  ? -1.472 -4.433 -2.584 1.00 0.00 ? 2  TYR A CD2  2  
ATOM   157  C CE1  . TYR A 1 2  ? 0.236  -4.019 -4.766 1.00 0.00 ? 2  TYR A CE1  2  
ATOM   158  C CE2  . TYR A 1 2  ? -1.438 -5.359 -3.632 1.00 0.00 ? 2  TYR A CE2  2  
ATOM   159  C CZ   . TYR A 1 2  ? -0.585 -5.153 -4.725 1.00 0.00 ? 2  TYR A CZ   2  
ATOM   160  O OH   . TYR A 1 2  ? -0.555 -6.066 -5.759 1.00 0.00 ? 2  TYR A OH   2  
ATOM   161  H H    . TYR A 1 2  ? -0.341 -1.341 0.970  1.00 0.00 ? 2  TYR A H    2  
ATOM   162  H HA   . TYR A 1 2  ? -2.070 -3.428 -0.281 1.00 0.00 ? 2  TYR A HA   2  
ATOM   163  H HB2  . TYR A 1 2  ? -1.405 -1.538 -1.740 1.00 0.00 ? 2  TYR A HB2  2  
ATOM   164  H HB3  . TYR A 1 2  ? 0.289  -1.849 -1.384 1.00 0.00 ? 2  TYR A HB3  2  
ATOM   165  H HD1  . TYR A 1 2  ? 0.837  -2.219 -3.748 1.00 0.00 ? 2  TYR A HD1  2  
ATOM   166  H HD2  . TYR A 1 2  ? -2.130 -4.592 -1.744 1.00 0.00 ? 2  TYR A HD2  2  
ATOM   167  H HE1  . TYR A 1 2  ? 0.894  -3.859 -5.607 1.00 0.00 ? 2  TYR A HE1  2  
ATOM   168  H HE2  . TYR A 1 2  ? -2.072 -6.234 -3.600 1.00 0.00 ? 2  TYR A HE2  2  
ATOM   169  H HH   . TYR A 1 2  ? 0.093  -5.766 -6.401 1.00 0.00 ? 2  TYR A HH   2  
ATOM   170  N N    . ILE A 1 3  ? 1.060  -4.089 -0.497 1.00 0.00 ? 3  ILE A N    2  
ATOM   171  C CA   . ILE A 1 3  ? 2.156  -4.987 -0.062 1.00 0.00 ? 3  ILE A CA   2  
ATOM   172  C C    . ILE A 1 3  ? 2.586  -4.438 1.252  1.00 0.00 ? 3  ILE A C    2  
ATOM   173  O O    . ILE A 1 3  ? 1.824  -3.830 1.978  1.00 0.00 ? 3  ILE A O    2  
ATOM   174  C CB   . ILE A 1 3  ? 3.311  -4.840 -1.068 1.00 0.00 ? 3  ILE A CB   2  
ATOM   175  C CG1  . ILE A 1 3  ? 2.798  -4.509 -2.465 1.00 0.00 ? 3  ILE A CG1  2  
ATOM   176  C CG2  . ILE A 1 3  ? 4.094  -6.153 -1.127 1.00 0.00 ? 3  ILE A CG2  2  
ATOM   177  C CD1  . ILE A 1 3  ? 1.716  -5.514 -2.867 1.00 0.00 ? 3  ILE A CD1  2  
ATOM   178  H H    . ILE A 1 3  ? 1.196  -3.473 -1.233 1.00 0.00 ? 3  ILE A H    2  
ATOM   179  H HA   . ILE A 1 3  ? 1.876  -6.004 0.047  1.00 0.00 ? 3  ILE A HA   2  
ATOM   180  H HB   . ILE A 1 3  ? 3.972  -4.052 -0.732 1.00 0.00 ? 3  ILE A HB   2  
ATOM   181  H HG12 . ILE A 1 3  ? 2.396  -3.508 -2.471 1.00 0.00 ? 3  ILE A HG12 2  
ATOM   182  H HG13 . ILE A 1 3  ? 3.619  -4.568 -3.159 1.00 0.00 ? 3  ILE A HG13 2  
ATOM   183  H HG21 . ILE A 1 3  ? 3.494  -6.949 -0.711 1.00 0.00 ? 3  ILE A HG21 2  
ATOM   184  H HG22 . ILE A 1 3  ? 5.005  -6.053 -0.558 1.00 0.00 ? 3  ILE A HG22 2  
ATOM   185  H HG23 . ILE A 1 3  ? 4.335  -6.383 -2.154 1.00 0.00 ? 3  ILE A HG23 2  
ATOM   186  H HD11 . ILE A 1 3  ? 0.754  -5.158 -2.537 1.00 0.00 ? 3  ILE A HD11 2  
ATOM   187  H HD12 . ILE A 1 3  ? 1.924  -6.469 -2.406 1.00 0.00 ? 3  ILE A HD12 2  
ATOM   188  H HD13 . ILE A 1 3  ? 1.713  -5.629 -3.940 1.00 0.00 ? 3  ILE A HD13 2  
ATOM   189  N N    . GLN A 1 4  ? 3.803  -4.588 1.535  1.00 0.00 ? 4  GLN A N    2  
ATOM   190  C CA   . GLN A 1 4  ? 4.332  -4.022 2.776  1.00 0.00 ? 4  GLN A CA   2  
ATOM   191  C C    . GLN A 1 4  ? 3.978  -2.560 2.908  1.00 0.00 ? 4  GLN A C    2  
ATOM   192  O O    . GLN A 1 4  ? 4.045  -1.940 3.951  1.00 0.00 ? 4  GLN A O    2  
ATOM   193  C CB   . GLN A 1 4  ? 5.823  -4.240 2.687  1.00 0.00 ? 4  GLN A CB   2  
ATOM   194  C CG   . GLN A 1 4  ? 6.176  -5.548 3.382  1.00 0.00 ? 4  GLN A CG   2  
ATOM   195  C CD   . GLN A 1 4  ? 7.357  -5.324 4.330  1.00 0.00 ? 4  GLN A CD   2  
ATOM   196  O OE1  . GLN A 1 4  ? 8.481  -5.176 3.897  1.00 0.00 ? 4  GLN A OE1  2  
ATOM   197  N NE2  . GLN A 1 4  ? 7.144  -5.295 5.617  1.00 0.00 ? 4  GLN A NE2  2  
ATOM   198  H H    . GLN A 1 4  ? 4.371  -5.057 0.925  1.00 0.00 ? 4  GLN A H    2  
ATOM   199  H HA   . GLN A 1 4  ? 3.919  -4.517 3.518  1.00 0.00 ? 4  GLN A HA   2  
ATOM   200  H HB2  . GLN A 1 4  ? 6.102  -4.296 1.643  1.00 0.00 ? 4  GLN A HB2  2  
ATOM   201  H HB3  . GLN A 1 4  ? 6.332  -3.422 3.158  1.00 0.00 ? 4  GLN A HB3  2  
ATOM   202  H HG2  . GLN A 1 4  ? 5.320  -5.892 3.942  1.00 0.00 ? 4  GLN A HG2  2  
ATOM   203  H HG3  . GLN A 1 4  ? 6.443  -6.281 2.639  1.00 0.00 ? 4  GLN A HG3  2  
ATOM   204  H HE21 . GLN A 1 4  ? 6.237  -5.415 5.968  1.00 0.00 ? 4  GLN A HE21 2  
ATOM   205  H HE22 . GLN A 1 4  ? 7.893  -5.153 6.234  1.00 0.00 ? 4  GLN A HE22 2  
ATOM   206  N N    . ASN A 1 5  ? 3.610  -2.064 1.831  1.00 0.00 ? 5  ASN A N    2  
ATOM   207  C CA   . ASN A 1 5  ? 3.196  -0.599 1.706  1.00 0.00 ? 5  ASN A CA   2  
ATOM   208  C C    . ASN A 1 5  ? 1.781  -0.447 1.125  1.00 0.00 ? 5  ASN A C    2  
ATOM   209  O O    . ASN A 1 5  ? 1.245  -1.339 0.498  1.00 0.00 ? 5  ASN A O    2  
ATOM   210  C CB   . ASN A 1 5  ? 4.221  -0.011 0.745  1.00 0.00 ? 5  ASN A CB   2  
ATOM   211  C CG   . ASN A 1 5  ? 4.294  1.505  0.931  1.00 0.00 ? 5  ASN A CG   2  
ATOM   212  O OD1  . ASN A 1 5  ? 3.706  2.252  0.172  1.00 0.00 ? 5  ASN A OD1  2  
ATOM   213  N ND2  . ASN A 1 5  ? 4.991  1.996  1.918  1.00 0.00 ? 5  ASN A ND2  2  
ATOM   214  H H    . ASN A 1 5  ? 3.621  -2.692 1.069  1.00 0.00 ? 5  ASN A H    2  
ATOM   215  H HA   . ASN A 1 5  ? 3.242  -0.064 2.671  1.00 0.00 ? 5  ASN A HA   2  
ATOM   216  H HB2  . ASN A 1 5  ? 5.189  -0.451 0.945  1.00 0.00 ? 5  ASN A HB2  2  
ATOM   217  H HB3  . ASN A 1 5  ? 3.928  -0.236 -0.271 1.00 0.00 ? 5  ASN A HB3  2  
ATOM   218  H HD21 . ASN A 1 5  ? 5.462  1.395  2.530  1.00 0.00 ? 5  ASN A HD21 2  
ATOM   219  H HD22 . ASN A 1 5  ? 5.043  2.966  2.047  1.00 0.00 ? 5  ASN A HD22 2  
ATOM   220  N N    . CYS A 1 6  ? 1.179  0.697  1.359  1.00 0.00 ? 6  CYS A N    2  
ATOM   221  C CA   . CYS A 1 6  ? -0.209 0.982  0.864  1.00 0.00 ? 6  CYS A CA   2  
ATOM   222  C C    . CYS A 1 6  ? -0.262 1.019  -0.668 1.00 0.00 ? 6  CYS A C    2  
ATOM   223  O O    . CYS A 1 6  ? 0.668  1.473  -1.303 1.00 0.00 ? 6  CYS A O    2  
ATOM   224  C CB   . CYS A 1 6  ? -0.519 2.373  1.421  1.00 0.00 ? 6  CYS A CB   2  
ATOM   225  S SG   . CYS A 1 6  ? -1.604 2.239  2.866  1.00 0.00 ? 6  CYS A SG   2  
ATOM   226  H H    . CYS A 1 6  ? 1.649  1.383  1.878  1.00 0.00 ? 6  CYS A H    2  
ATOM   227  H HA   . CYS A 1 6  ? -0.913 0.273  1.253  1.00 0.00 ? 6  CYS A HA   2  
ATOM   228  H HB2  . CYS A 1 6  ? 0.402  2.856  1.711  1.00 0.00 ? 6  CYS A HB2  2  
ATOM   229  H HB3  . CYS A 1 6  ? -1.008 2.964  0.660  1.00 0.00 ? 6  CYS A HB3  2  
ATOM   230  N N    . PRO A 1 7  ? -1.369 0.565  -1.221 1.00 0.00 ? 7  PRO A N    2  
ATOM   231  C CA   . PRO A 1 7  ? -1.549 0.588  -2.700 1.00 0.00 ? 7  PRO A CA   2  
ATOM   232  C C    . PRO A 1 7  ? -1.602 2.022  -3.165 1.00 0.00 ? 7  PRO A C    2  
ATOM   233  O O    . PRO A 1 7  ? -0.904 2.898  -2.694 1.00 0.00 ? 7  PRO A O    2  
ATOM   234  C CB   . PRO A 1 7  ? -2.904 -0.098 -2.891 1.00 0.00 ? 7  PRO A CB   2  
ATOM   235  C CG   . PRO A 1 7  ? -3.598 0.199  -1.637 1.00 0.00 ? 7  PRO A CG   2  
ATOM   236  C CD   . PRO A 1 7  ? -2.563 -0.008 -0.572 1.00 0.00 ? 7  PRO A CD   2  
ATOM   237  H HA   . PRO A 1 7  ? -0.805 0.066  -3.234 1.00 0.00 ? 7  PRO A HA   2  
ATOM   238  H HB2  . PRO A 1 7  ? -3.442 0.301  -3.730 1.00 0.00 ? 7  PRO A HB2  2  
ATOM   239  H HB3  . PRO A 1 7  ? -2.777 -1.163 -2.996 1.00 0.00 ? 7  PRO A HB3  2  
ATOM   240  H HG2  . PRO A 1 7  ? -3.933 1.231  -1.662 1.00 0.00 ? 7  PRO A HG2  2  
ATOM   241  H HG3  . PRO A 1 7  ? -4.422 -0.469 -1.510 1.00 0.00 ? 7  PRO A HG3  2  
ATOM   242  H HD2  . PRO A 1 7  ? -2.822 0.509  0.337  1.00 0.00 ? 7  PRO A HD2  2  
ATOM   243  H HD3  . PRO A 1 7  ? -2.425 -1.063 -0.393 1.00 0.00 ? 7  PRO A HD3  2  
ATOM   244  N N    . LEU A 1 8  ? -2.435 2.235  -4.092 1.00 0.00 ? 8  LEU A N    2  
ATOM   245  C CA   . LEU A 1 8  ? -2.624 3.585  -4.678 1.00 0.00 ? 8  LEU A CA   2  
ATOM   246  C C    . LEU A 1 8  ? -3.042 4.588  -3.592 1.00 0.00 ? 8  LEU A C    2  
ATOM   247  O O    . LEU A 1 8  ? -3.268 4.228  -2.453 1.00 0.00 ? 8  LEU A O    2  
ATOM   248  C CB   . LEU A 1 8  ? -3.726 3.377  -5.725 1.00 0.00 ? 8  LEU A CB   2  
ATOM   249  C CG   . LEU A 1 8  ? -5.107 3.712  -5.144 1.00 0.00 ? 8  LEU A CG   2  
ATOM   250  C CD1  . LEU A 1 8  ? -5.442 5.176  -5.433 1.00 0.00 ? 8  LEU A CD1  2  
ATOM   251  C CD2  . LEU A 1 8  ? -6.161 2.813  -5.791 1.00 0.00 ? 8  LEU A CD2  2  
ATOM   252  H H    . LEU A 1 8  ? -2.945 1.481  -4.408 1.00 0.00 ? 8  LEU A H    2  
ATOM   253  H HA   . LEU A 1 8  ? -1.719 3.914  -5.161 1.00 0.00 ? 8  LEU A HA   2  
ATOM   254  H HB2  . LEU A 1 8  ? -3.532 4.011  -6.575 1.00 0.00 ? 8  LEU A HB2  2  
ATOM   255  H HB3  . LEU A 1 8  ? -3.717 2.343  -6.041 1.00 0.00 ? 8  LEU A HB3  2  
ATOM   256  H HG   . LEU A 1 8  ? -5.095 3.549  -4.076 1.00 0.00 ? 8  LEU A HG   2  
ATOM   257  H HD11 . LEU A 1 8  ? -4.548 5.696  -5.747 1.00 0.00 ? 8  LEU A HD11 2  
ATOM   258  H HD12 . LEU A 1 8  ? -5.831 5.638  -4.538 1.00 0.00 ? 8  LEU A HD12 2  
ATOM   259  H HD13 . LEU A 1 8  ? -6.183 5.228  -6.216 1.00 0.00 ? 8  LEU A HD13 2  
ATOM   260  H HD21 . LEU A 1 8  ? -5.874 1.778  -5.672 1.00 0.00 ? 8  LEU A HD21 2  
ATOM   261  H HD22 . LEU A 1 8  ? -6.239 3.047  -6.843 1.00 0.00 ? 8  LEU A HD22 2  
ATOM   262  H HD23 . LEU A 1 8  ? -7.117 2.978  -5.315 1.00 0.00 ? 8  LEU A HD23 2  
ATOM   263  N N    . GLY A 1 9  ? -3.145 5.843  -3.938 1.00 0.00 ? 9  GLY A N    2  
ATOM   264  C CA   . GLY A 1 9  ? -3.547 6.865  -2.931 1.00 0.00 ? 9  GLY A CA   2  
ATOM   265  C C    . GLY A 1 9  ? -2.384 7.825  -2.687 1.00 0.00 ? 9  GLY A C    2  
ATOM   266  O O    . GLY A 1 9  ? -1.831 8.387  -3.611 1.00 0.00 ? 9  GLY A O    2  
ATOM   267  H H    . GLY A 1 9  ? -2.959 6.113  -4.862 1.00 0.00 ? 9  GLY A H    2  
ATOM   268  H HA2  . GLY A 1 9  ? -4.402 7.417  -3.299 1.00 0.00 ? 9  GLY A HA2  2  
ATOM   269  H HA3  . GLY A 1 9  ? -3.807 6.375  -2.004 1.00 0.00 ? 9  GLY A HA3  2  
HETATM 270  N N    . NH2 A 1 10 ? -1.984 8.042  -1.463 1.00 0.00 ? 10 NH2 A N    2  
HETATM 271  H HN1  . NH2 A 1 10 ? -2.427 7.591  -0.714 1.00 0.00 ? 10 NH2 A HN1  2  
HETATM 272  H HN2  . NH2 A 1 10 ? -1.239 8.658  -1.293 1.00 0.00 ? 10 NH2 A HN2  2  
ATOM   273  N N    . CYS A 1 1  ? -2.879 -1.398 4.015  1.00 0.00 ? 1  CYS A N    3  
ATOM   274  C CA   . CYS A 1 1  ? -2.121 -0.874 2.842  1.00 0.00 ? 1  CYS A CA   3  
ATOM   275  C C    . CYS A 1 1  ? -2.128 -1.916 1.712  1.00 0.00 ? 1  CYS A C    3  
ATOM   276  O O    . CYS A 1 1  ? -3.060 -2.686 1.591  1.00 0.00 ? 1  CYS A O    3  
ATOM   277  C CB   . CYS A 1 1  ? -0.709 -0.620 3.376  1.00 0.00 ? 1  CYS A CB   3  
ATOM   278  S SG   . CYS A 1 1  ? -0.602 1.045  4.090  1.00 0.00 ? 1  CYS A SG   3  
ATOM   279  H H1   . CYS A 1 1  ? -2.508 -0.968 4.885  1.00 0.00 ? 1  CYS A H1   3  
ATOM   280  H H2   . CYS A 1 1  ? -2.771 -2.431 4.064  1.00 0.00 ? 1  CYS A H2   3  
ATOM   281  H H3   . CYS A 1 1  ? -3.886 -1.157 3.914  1.00 0.00 ? 1  CYS A H3   3  
ATOM   282  H HA   . CYS A 1 1  ? -2.563 0.042  2.496  1.00 0.00 ? 1  CYS A HA   3  
ATOM   283  H HB2  . CYS A 1 1  ? -0.480 -1.349 4.138  1.00 0.00 ? 1  CYS A HB2  3  
ATOM   284  H HB3  . CYS A 1 1  ? 0.002  -0.711 2.578  1.00 0.00 ? 1  CYS A HB3  3  
ATOM   285  N N    . TYR A 1 2  ? -1.107 -1.973 0.883  1.00 0.00 ? 2  TYR A N    3  
ATOM   286  C CA   . TYR A 1 2  ? -1.125 -2.999 -0.200 1.00 0.00 ? 2  TYR A CA   3  
ATOM   287  C C    . TYR A 1 2  ? -0.097 -4.063 0.172  1.00 0.00 ? 2  TYR A C    3  
ATOM   288  O O    . TYR A 1 2  ? -0.293 -4.841 1.083  1.00 0.00 ? 2  TYR A O    3  
ATOM   289  C CB   . TYR A 1 2  ? -0.717 -2.289 -1.499 1.00 0.00 ? 2  TYR A CB   3  
ATOM   290  C CG   . TYR A 1 2  ? -0.555 -3.310 -2.601 1.00 0.00 ? 2  TYR A CG   3  
ATOM   291  C CD1  . TYR A 1 2  ? 0.411  -3.122 -3.596 1.00 0.00 ? 2  TYR A CD1  3  
ATOM   292  C CD2  . TYR A 1 2  ? -1.376 -4.445 -2.625 1.00 0.00 ? 2  TYR A CD2  3  
ATOM   293  C CE1  . TYR A 1 2  ? 0.556  -4.066 -4.618 1.00 0.00 ? 2  TYR A CE1  3  
ATOM   294  C CE2  . TYR A 1 2  ? -1.231 -5.390 -3.649 1.00 0.00 ? 2  TYR A CE2  3  
ATOM   295  C CZ   . TYR A 1 2  ? -0.266 -5.201 -4.645 1.00 0.00 ? 2  TYR A CZ   3  
ATOM   296  O OH   . TYR A 1 2  ? -0.124 -6.132 -5.654 1.00 0.00 ? 2  TYR A OH   3  
ATOM   297  H H    . TYR A 1 2  ? -0.338 -1.370 0.982  1.00 0.00 ? 2  TYR A H    3  
ATOM   298  H HA   . TYR A 1 2  ? -2.116 -3.404 -0.292 1.00 0.00 ? 2  TYR A HA   3  
ATOM   299  H HB2  . TYR A 1 2  ? -1.478 -1.592 -1.787 1.00 0.00 ? 2  TYR A HB2  3  
ATOM   300  H HB3  . TYR A 1 2  ? 0.216  -1.768 -1.353 1.00 0.00 ? 2  TYR A HB3  3  
ATOM   301  H HD1  . TYR A 1 2  ? 1.043  -2.246 -3.575 1.00 0.00 ? 2  TYR A HD1  3  
ATOM   302  H HD2  . TYR A 1 2  ? -2.121 -4.590 -1.859 1.00 0.00 ? 2  TYR A HD2  3  
ATOM   303  H HE1  . TYR A 1 2  ? 1.300  -3.922 -5.388 1.00 0.00 ? 2  TYR A HE1  3  
ATOM   304  H HE2  . TYR A 1 2  ? -1.863 -6.264 -3.669 1.00 0.00 ? 2  TYR A HE2  3  
ATOM   305  H HH   . TYR A 1 2  ? -0.790 -5.952 -6.320 1.00 0.00 ? 2  TYR A HH   3  
ATOM   306  N N    . ILE A 1 3  ? 1.047  -4.026 -0.453 1.00 0.00 ? 3  ILE A N    3  
ATOM   307  C CA   . ILE A 1 3  ? 2.131  -4.952 -0.051 1.00 0.00 ? 3  ILE A CA   3  
ATOM   308  C C    . ILE A 1 3  ? 2.600  -4.421 1.257  1.00 0.00 ? 3  ILE A C    3  
ATOM   309  O O    . ILE A 1 3  ? 1.858  -3.837 2.019  1.00 0.00 ? 3  ILE A O    3  
ATOM   310  C CB   . ILE A 1 3  ? 3.260  -4.840 -1.098 1.00 0.00 ? 3  ILE A CB   3  
ATOM   311  C CG1  . ILE A 1 3  ? 2.710  -4.346 -2.439 1.00 0.00 ? 3  ILE A CG1  3  
ATOM   312  C CG2  . ILE A 1 3  ? 3.904  -6.217 -1.283 1.00 0.00 ? 3  ILE A CG2  3  
ATOM   313  C CD1  . ILE A 1 3  ? 3.691  -4.678 -3.569 1.00 0.00 ? 3  ILE A CD1  3  
ATOM   314  H H    . ILE A 1 3  ? 1.220  -3.335 -1.116 1.00 0.00 ? 3  ILE A H    3  
ATOM   315  H HA   . ILE A 1 3  ? 1.827  -5.958 0.065  1.00 0.00 ? 3  ILE A HA   3  
ATOM   316  H HB   . ILE A 1 3  ? 4.008  -4.146 -0.739 1.00 0.00 ? 3  ILE A HB   3  
ATOM   317  H HG12 . ILE A 1 3  ? 1.762  -4.820 -2.627 1.00 0.00 ? 3  ILE A HG12 3  
ATOM   318  H HG13 . ILE A 1 3  ? 2.577  -3.275 -2.386 1.00 0.00 ? 3  ILE A HG13 3  
ATOM   319  H HG21 . ILE A 1 3  ? 3.160  -6.920 -1.629 1.00 0.00 ? 3  ILE A HG21 3  
ATOM   320  H HG22 . ILE A 1 3  ? 4.307  -6.555 -0.340 1.00 0.00 ? 3  ILE A HG22 3  
ATOM   321  H HG23 . ILE A 1 3  ? 4.699  -6.147 -2.010 1.00 0.00 ? 3  ILE A HG23 3  
ATOM   322  H HD11 . ILE A 1 3  ? 4.637  -4.191 -3.380 1.00 0.00 ? 3  ILE A HD11 3  
ATOM   323  H HD12 . ILE A 1 3  ? 3.288  -4.327 -4.508 1.00 0.00 ? 3  ILE A HD12 3  
ATOM   324  H HD13 . ILE A 1 3  ? 3.837  -5.745 -3.617 1.00 0.00 ? 3  ILE A HD13 3  
ATOM   325  N N    . GLN A 1 4  ? 3.822  -4.573 1.498  1.00 0.00 ? 4  GLN A N    3  
ATOM   326  C CA   . GLN A 1 4  ? 4.388  -4.034 2.737  1.00 0.00 ? 4  GLN A CA   3  
ATOM   327  C C    . GLN A 1 4  ? 4.025  -2.577 2.921  1.00 0.00 ? 4  GLN A C    3  
ATOM   328  O O    . GLN A 1 4  ? 4.112  -1.984 3.977  1.00 0.00 ? 4  GLN A O    3  
ATOM   329  C CB   . GLN A 1 4  ? 5.878  -4.244 2.602  1.00 0.00 ? 4  GLN A CB   3  
ATOM   330  C CG   . GLN A 1 4  ? 6.259  -5.540 3.299  1.00 0.00 ? 4  GLN A CG   3  
ATOM   331  C CD   . GLN A 1 4  ? 7.635  -5.391 3.953  1.00 0.00 ? 4  GLN A CD   3  
ATOM   332  O OE1  . GLN A 1 4  ? 7.844  -4.507 4.760  1.00 0.00 ? 4  GLN A OE1  3  
ATOM   333  N NE2  . GLN A 1 4  ? 8.587  -6.228 3.638  1.00 0.00 ? 4  GLN A NE2  3  
ATOM   334  H H    . GLN A 1 4  ? 4.368  -5.028 0.859  1.00 0.00 ? 4  GLN A H    3  
ATOM   335  H HA   . GLN A 1 4  ? 3.999  -4.551 3.478  1.00 0.00 ? 4  GLN A HA   3  
ATOM   336  H HB2  . GLN A 1 4  ? 6.126  -4.309 1.549  1.00 0.00 ? 4  GLN A HB2  3  
ATOM   337  H HB3  . GLN A 1 4  ? 6.398  -3.419 3.048  1.00 0.00 ? 4  GLN A HB3  3  
ATOM   338  H HG2  . GLN A 1 4  ? 5.520  -5.768 4.052  1.00 0.00 ? 4  GLN A HG2  3  
ATOM   339  H HG3  . GLN A 1 4  ? 6.290  -6.336 2.572  1.00 0.00 ? 4  GLN A HG3  3  
ATOM   340  H HE21 . GLN A 1 4  ? 8.417  -6.941 2.989  1.00 0.00 ? 4  GLN A HE21 3  
ATOM   341  H HE22 . GLN A 1 4  ? 9.471  -6.142 4.053  1.00 0.00 ? 4  GLN A HE22 3  
ATOM   342  N N    . ASN A 1 5  ? 3.624  -2.057 1.865  1.00 0.00 ? 5  ASN A N    3  
ATOM   343  C CA   . ASN A 1 5  ? 3.189  -0.596 1.776  1.00 0.00 ? 5  ASN A CA   3  
ATOM   344  C C    . ASN A 1 5  ? 1.786  -0.460 1.158  1.00 0.00 ? 5  ASN A C    3  
ATOM   345  O O    . ASN A 1 5  ? 1.267  -1.367 0.540  1.00 0.00 ? 5  ASN A O    3  
ATOM   346  C CB   . ASN A 1 5  ? 4.230  0.029  0.856  1.00 0.00 ? 5  ASN A CB   3  
ATOM   347  C CG   . ASN A 1 5  ? 4.167  1.553  0.967  1.00 0.00 ? 5  ASN A CG   3  
ATOM   348  O OD1  . ASN A 1 5  ? 4.823  2.139  1.804  1.00 0.00 ? 5  ASN A OD1  3  
ATOM   349  N ND2  . ASN A 1 5  ? 3.399  2.224  0.151  1.00 0.00 ? 5  ASN A ND2  3  
ATOM   350  H H    . ASN A 1 5  ? 3.624  -2.665 1.096  1.00 0.00 ? 5  ASN A H    3  
ATOM   351  H HA   . ASN A 1 5  ? 3.201  -0.087 2.757  1.00 0.00 ? 5  ASN A HA   3  
ATOM   352  H HB2  . ASN A 1 5  ? 5.211  -0.320 1.144  1.00 0.00 ? 5  ASN A HB2  3  
ATOM   353  H HB3  . ASN A 1 5  ? 4.026  -0.269 -0.162 1.00 0.00 ? 5  ASN A HB3  3  
ATOM   354  H HD21 . ASN A 1 5  ? 2.871  1.751  -0.524 1.00 0.00 ? 5  ASN A HD21 3  
ATOM   355  H HD22 . ASN A 1 5  ? 3.353  3.202  0.215  1.00 0.00 ? 5  ASN A HD22 3  
ATOM   356  N N    . CYS A 1 6  ? 1.173  0.686  1.354  1.00 0.00 ? 6  CYS A N    3  
ATOM   357  C CA   . CYS A 1 6  ? -0.208 0.953  0.823  1.00 0.00 ? 6  CYS A CA   3  
ATOM   358  C C    . CYS A 1 6  ? -0.238 0.954  -0.713 1.00 0.00 ? 6  CYS A C    3  
ATOM   359  O O    . CYS A 1 6  ? 0.715  1.367  -1.343 1.00 0.00 ? 6  CYS A O    3  
ATOM   360  C CB   . CYS A 1 6  ? -0.534 2.355  1.344  1.00 0.00 ? 6  CYS A CB   3  
ATOM   361  S SG   . CYS A 1 6  ? -1.600 2.247  2.803  1.00 0.00 ? 6  CYS A SG   3  
ATOM   362  H H    . CYS A 1 6  ? 1.626  1.386  1.870  1.00 0.00 ? 6  CYS A H    3  
ATOM   363  H HA   . CYS A 1 6  ? -0.916 0.250  1.218  1.00 0.00 ? 6  CYS A HA   3  
ATOM   364  H HB2  . CYS A 1 6  ? 0.382  2.862  1.608  1.00 0.00 ? 6  CYS A HB2  3  
ATOM   365  H HB3  . CYS A 1 6  ? -1.039 2.915  0.571  1.00 0.00 ? 6  CYS A HB3  3  
ATOM   366  N N    . PRO A 1 7  ? -1.352 0.524  -1.272 1.00 0.00 ? 7  PRO A N    3  
ATOM   367  C CA   . PRO A 1 7  ? -1.517 0.519  -2.754 1.00 0.00 ? 7  PRO A CA   3  
ATOM   368  C C    . PRO A 1 7  ? -1.532 1.943  -3.251 1.00 0.00 ? 7  PRO A C    3  
ATOM   369  O O    . PRO A 1 7  ? -0.820 2.812  -2.789 1.00 0.00 ? 7  PRO A O    3  
ATOM   370  C CB   . PRO A 1 7  ? -2.888 -0.135 -2.946 1.00 0.00 ? 7  PRO A CB   3  
ATOM   371  C CG   . PRO A 1 7  ? -3.588 0.200  -1.705 1.00 0.00 ? 7  PRO A CG   3  
ATOM   372  C CD   . PRO A 1 7  ? -2.569 -0.003 -0.621 1.00 0.00 ? 7  PRO A CD   3  
ATOM   373  H HA   . PRO A 1 7  ? -0.782 -0.032 -3.272 1.00 0.00 ? 7  PRO A HA   3  
ATOM   374  H HB2  . PRO A 1 7  ? -3.409 0.263  -3.797 1.00 0.00 ? 7  PRO A HB2  3  
ATOM   375  H HB3  . PRO A 1 7  ? -2.789 -1.204 -3.033 1.00 0.00 ? 7  PRO A HB3  3  
ATOM   376  H HG2  . PRO A 1 7  ? -3.902 1.241  -1.756 1.00 0.00 ? 7  PRO A HG2  3  
ATOM   377  H HG3  . PRO A 1 7  ? -4.427 -0.446 -1.572 1.00 0.00 ? 7  PRO A HG3  3  
ATOM   378  H HD2  . PRO A 1 7  ? -2.823 0.550  0.268  1.00 0.00 ? 7  PRO A HD2  3  
ATOM   379  H HD3  . PRO A 1 7  ? -2.458 -1.053 -0.412 1.00 0.00 ? 7  PRO A HD3  3  
ATOM   380  N N    . LEU A 1 8  ? -2.352 2.156  -4.187 1.00 0.00 ? 8  LEU A N    3  
ATOM   381  C CA   . LEU A 1 8  ? -2.510 3.493  -4.801 1.00 0.00 ? 8  LEU A CA   3  
ATOM   382  C C    . LEU A 1 8  ? -2.991 4.509  -3.758 1.00 0.00 ? 8  LEU A C    3  
ATOM   383  O O    . LEU A 1 8  ? -3.319 4.158  -2.642 1.00 0.00 ? 8  LEU A O    3  
ATOM   384  C CB   . LEU A 1 8  ? -3.539 3.251  -5.912 1.00 0.00 ? 8  LEU A CB   3  
ATOM   385  C CG   . LEU A 1 8  ? -4.979 3.498  -5.432 1.00 0.00 ? 8  LEU A CG   3  
ATOM   386  C CD1  . LEU A 1 8  ? -5.226 2.857  -4.062 1.00 0.00 ? 8  LEU A CD1  3  
ATOM   387  C CD2  . LEU A 1 8  ? -5.246 5.002  -5.349 1.00 0.00 ? 8  LEU A CD2  3  
ATOM   388  H H    . LEU A 1 8  ? -2.879 1.410  -4.494 1.00 0.00 ? 8  LEU A H    3  
ATOM   389  H HA   . LEU A 1 8  ? -1.575 3.816  -5.233 1.00 0.00 ? 8  LEU A HA   3  
ATOM   390  H HB2  . LEU A 1 8  ? -3.323 3.906  -6.737 1.00 0.00 ? 8  LEU A HB2  3  
ATOM   391  H HB3  . LEU A 1 8  ? -3.451 2.226  -6.241 1.00 0.00 ? 8  LEU A HB3  3  
ATOM   392  H HG   . LEU A 1 8  ? -5.658 3.057  -6.145 1.00 0.00 ? 8  LEU A HG   3  
ATOM   393  H HD11 . LEU A 1 8  ? -4.465 2.122  -3.861 1.00 0.00 ? 8  LEU A HD11 3  
ATOM   394  H HD12 . LEU A 1 8  ? -6.193 2.378  -4.061 1.00 0.00 ? 8  LEU A HD12 3  
ATOM   395  H HD13 . LEU A 1 8  ? -5.204 3.620  -3.301 1.00 0.00 ? 8  LEU A HD13 3  
ATOM   396  H HD21 . LEU A 1 8  ? -4.494 5.533  -5.913 1.00 0.00 ? 8  LEU A HD21 3  
ATOM   397  H HD22 . LEU A 1 8  ? -5.213 5.318  -4.317 1.00 0.00 ? 8  LEU A HD22 3  
ATOM   398  H HD23 . LEU A 1 8  ? -6.222 5.218  -5.760 1.00 0.00 ? 8  LEU A HD23 3  
ATOM   399  N N    . GLY A 1 9  ? -3.026 5.763  -4.110 1.00 0.00 ? 9  GLY A N    3  
ATOM   400  C CA   . GLY A 1 9  ? -3.479 6.795  -3.136 1.00 0.00 ? 9  GLY A CA   3  
ATOM   401  C C    . GLY A 1 9  ? -2.832 6.531  -1.776 1.00 0.00 ? 9  GLY A C    3  
ATOM   402  O O    . GLY A 1 9  ? -1.703 6.091  -1.696 1.00 0.00 ? 9  GLY A O    3  
ATOM   403  H H    . GLY A 1 9  ? -2.749 6.029  -5.011 1.00 0.00 ? 9  GLY A H    3  
ATOM   404  H HA2  . GLY A 1 9  ? -3.191 7.776  -3.488 1.00 0.00 ? 9  GLY A HA2  3  
ATOM   405  H HA3  . GLY A 1 9  ? -4.553 6.750  -3.035 1.00 0.00 ? 9  GLY A HA3  3  
HETATM 406  N N    . NH2 A 1 10 ? -3.507 6.782  -0.688 1.00 0.00 ? 10 NH2 A N    3  
HETATM 407  H HN1  . NH2 A 1 10 ? -4.417 7.137  -0.747 1.00 0.00 ? 10 NH2 A HN1  3  
HETATM 408  H HN2  . NH2 A 1 10 ? -3.103 6.614  0.190  1.00 0.00 ? 10 NH2 A HN2  3  
ATOM   409  N N    . CYS A 1 1  ? -3.869 -0.959 3.421  1.00 0.00 ? 1  CYS A N    4  
ATOM   410  C CA   . CYS A 1 1  ? -2.510 -0.830 2.821  1.00 0.00 ? 1  CYS A CA   4  
ATOM   411  C C    . CYS A 1 1  ? -2.366 -1.781 1.630  1.00 0.00 ? 1  CYS A C    4  
ATOM   412  O O    . CYS A 1 1  ? -3.341 -2.280 1.099  1.00 0.00 ? 1  CYS A O    4  
ATOM   413  C CB   . CYS A 1 1  ? -1.546 -1.220 3.940  1.00 0.00 ? 1  CYS A CB   4  
ATOM   414  S SG   . CYS A 1 1  ? 0.013  -0.324 3.731  1.00 0.00 ? 1  CYS A SG   4  
ATOM   415  H H1   . CYS A 1 1  ? -4.080 -0.114 3.988  1.00 0.00 ? 1  CYS A H1   4  
ATOM   416  H H2   . CYS A 1 1  ? -3.902 -1.804 4.030  1.00 0.00 ? 1  CYS A H2   4  
ATOM   417  H H3   . CYS A 1 1  ? -4.576 -1.050 2.665  1.00 0.00 ? 1  CYS A H3   4  
ATOM   418  H HA   . CYS A 1 1  ? -2.328 0.189  2.514  1.00 0.00 ? 1  CYS A HA   4  
ATOM   419  H HB2  . CYS A 1 1  ? -1.980 -0.966 4.895  1.00 0.00 ? 1  CYS A HB2  4  
ATOM   420  H HB3  . CYS A 1 1  ? -1.359 -2.281 3.900  1.00 0.00 ? 1  CYS A HB3  4  
ATOM   421  N N    . TYR A 1 2  ? -1.159 -2.041 1.205  1.00 0.00 ? 2  TYR A N    4  
ATOM   422  C CA   . TYR A 1 2  ? -0.946 -2.960 0.056  1.00 0.00 ? 2  TYR A CA   4  
ATOM   423  C C    . TYR A 1 2  ? 0.088  -3.986 0.494  1.00 0.00 ? 2  TYR A C    4  
ATOM   424  O O    . TYR A 1 2  ? 0.076  -4.435 1.622  1.00 0.00 ? 2  TYR A O    4  
ATOM   425  C CB   . TYR A 1 2  ? -0.364 -2.081 -1.059 1.00 0.00 ? 2  TYR A CB   4  
ATOM   426  C CG   . TYR A 1 2  ? -1.001 -2.444 -2.380 1.00 0.00 ? 2  TYR A CG   4  
ATOM   427  C CD1  . TYR A 1 2  ? -0.219 -2.491 -3.541 1.00 0.00 ? 2  TYR A CD1  4  
ATOM   428  C CD2  . TYR A 1 2  ? -2.370 -2.736 -2.447 1.00 0.00 ? 2  TYR A CD2  4  
ATOM   429  C CE1  . TYR A 1 2  ? -0.805 -2.830 -4.766 1.00 0.00 ? 2  TYR A CE1  4  
ATOM   430  C CE2  . TYR A 1 2  ? -2.954 -3.074 -3.674 1.00 0.00 ? 2  TYR A CE2  4  
ATOM   431  C CZ   . TYR A 1 2  ? -2.171 -3.120 -4.833 1.00 0.00 ? 2  TYR A CZ   4  
ATOM   432  O OH   . TYR A 1 2  ? -2.748 -3.453 -6.042 1.00 0.00 ? 2  TYR A OH   4  
ATOM   433  H H    . TYR A 1 2  ? -0.374 -1.633 1.654  1.00 0.00 ? 2  TYR A H    4  
ATOM   434  H HA   . TYR A 1 2  ? -1.873 -3.407 -0.249 1.00 0.00 ? 2  TYR A HA   4  
ATOM   435  H HB2  . TYR A 1 2  ? -0.553 -1.049 -0.837 1.00 0.00 ? 2  TYR A HB2  4  
ATOM   436  H HB3  . TYR A 1 2  ? 0.700  -2.230 -1.120 1.00 0.00 ? 2  TYR A HB3  4  
ATOM   437  H HD1  . TYR A 1 2  ? 0.837  -2.267 -3.491 1.00 0.00 ? 2  TYR A HD1  4  
ATOM   438  H HD2  . TYR A 1 2  ? -2.975 -2.700 -1.554 1.00 0.00 ? 2  TYR A HD2  4  
ATOM   439  H HE1  . TYR A 1 2  ? -0.200 -2.865 -5.661 1.00 0.00 ? 2  TYR A HE1  4  
ATOM   440  H HE2  . TYR A 1 2  ? -4.010 -3.299 -3.725 1.00 0.00 ? 2  TYR A HE2  4  
ATOM   441  H HH   . TYR A 1 2  ? -2.902 -4.401 -6.045 1.00 0.00 ? 2  TYR A HH   4  
ATOM   442  N N    . ILE A 1 3  ? 1.036  -4.288 -0.349 1.00 0.00 ? 3  ILE A N    4  
ATOM   443  C CA   . ILE A 1 3  ? 2.120  -5.160 0.043  1.00 0.00 ? 3  ILE A CA   4  
ATOM   444  C C    . ILE A 1 3  ? 2.786  -4.514 1.222  1.00 0.00 ? 3  ILE A C    4  
ATOM   445  O O    . ILE A 1 3  ? 2.174  -3.875 2.052  1.00 0.00 ? 3  ILE A O    4  
ATOM   446  C CB   . ILE A 1 3  ? 2.993  -5.102 -1.193 1.00 0.00 ? 3  ILE A CB   4  
ATOM   447  C CG1  . ILE A 1 3  ? 3.439  -3.659 -1.440 1.00 0.00 ? 3  ILE A CG1  4  
ATOM   448  C CG2  . ILE A 1 3  ? 2.199  -5.601 -2.402 1.00 0.00 ? 3  ILE A CG2  4  
ATOM   449  C CD1  . ILE A 1 3  ? 4.951  -3.549 -1.239 1.00 0.00 ? 3  ILE A CD1  4  
ATOM   450  H H    . ILE A 1 3  ? 1.086  -3.884 -1.228 1.00 0.00 ? 3  ILE A H    4  
ATOM   451  H HA   . ILE A 1 3  ? 1.847  -6.153 0.265  1.00 0.00 ? 3  ILE A HA   4  
ATOM   452  H HB   . ILE A 1 3  ? 3.827  -5.709 -1.052 1.00 0.00 ? 3  ILE A HB   4  
ATOM   453  H HG12 . ILE A 1 3  ? 3.188  -3.373 -2.452 1.00 0.00 ? 3  ILE A HG12 4  
ATOM   454  H HG13 . ILE A 1 3  ? 2.936  -3.002 -0.746 1.00 0.00 ? 3  ILE A HG13 4  
ATOM   455  H HG21 . ILE A 1 3  ? 2.845  -6.188 -3.039 1.00 0.00 ? 3  ILE A HG21 4  
ATOM   456  H HG22 . ILE A 1 3  ? 1.820  -4.757 -2.957 1.00 0.00 ? 3  ILE A HG22 4  
ATOM   457  H HG23 . ILE A 1 3  ? 1.375  -6.211 -2.065 1.00 0.00 ? 3  ILE A HG23 4  
ATOM   458  H HD11 . ILE A 1 3  ? 5.420  -3.276 -2.173 1.00 0.00 ? 3  ILE A HD11 4  
ATOM   459  H HD12 . ILE A 1 3  ? 5.340  -4.501 -0.908 1.00 0.00 ? 3  ILE A HD12 4  
ATOM   460  H HD13 . ILE A 1 3  ? 5.163  -2.796 -0.495 1.00 0.00 ? 3  ILE A HD13 4  
ATOM   461  N N    . GLN A 1 4  ? 4.031  -4.652 1.290  1.00 0.00 ? 4  GLN A N    4  
ATOM   462  C CA   . GLN A 1 4  ? 4.785  -4.034 2.397  1.00 0.00 ? 4  GLN A CA   4  
ATOM   463  C C    . GLN A 1 4  ? 4.380  -2.599 2.661  1.00 0.00 ? 4  GLN A C    4  
ATOM   464  O O    . GLN A 1 4  ? 4.629  -2.008 3.693  1.00 0.00 ? 4  GLN A O    4  
ATOM   465  C CB   . GLN A 1 4  ? 6.232  -4.155 1.982  1.00 0.00 ? 4  GLN A CB   4  
ATOM   466  C CG   . GLN A 1 4  ? 6.837  -5.362 2.671  1.00 0.00 ? 4  GLN A CG   4  
ATOM   467  C CD   . GLN A 1 4  ? 8.298  -5.080 3.024  1.00 0.00 ? 4  GLN A CD   4  
ATOM   468  O OE1  . GLN A 1 4  ? 9.157  -5.103 2.167  1.00 0.00 ? 4  GLN A OE1  4  
ATOM   469  N NE2  . GLN A 1 4  ? 8.617  -4.811 4.261  1.00 0.00 ? 4  GLN A NE2  4  
ATOM   470  H H    . GLN A 1 4  ? 4.475  -5.167 0.613  1.00 0.00 ? 4  GLN A H    4  
ATOM   471  H HA   . GLN A 1 4  ? 4.588  -4.561 3.206  1.00 0.00 ? 4  GLN A HA   4  
ATOM   472  H HB2  . GLN A 1 4  ? 6.278  -4.287 0.907  1.00 0.00 ? 4  GLN A HB2  4  
ATOM   473  H HB3  . GLN A 1 4  ? 6.765  -3.265 2.263  1.00 0.00 ? 4  GLN A HB3  4  
ATOM   474  H HG2  . GLN A 1 4  ? 6.275  -5.567 3.570  1.00 0.00 ? 4  GLN A HG2  4  
ATOM   475  H HG3  . GLN A 1 4  ? 6.781  -6.210 2.008  1.00 0.00 ? 4  GLN A HG3  4  
ATOM   476  H HE21 . GLN A 1 4  ? 7.924  -4.792 4.953  1.00 0.00 ? 4  GLN A HE21 4  
ATOM   477  H HE22 . GLN A 1 4  ? 9.551  -4.629 4.498  1.00 0.00 ? 4  GLN A HE22 4  
ATOM   478  N N    . ASN A 1 5  ? 3.774  -2.096 1.711  1.00 0.00 ? 5  ASN A N    4  
ATOM   479  C CA   . ASN A 1 5  ? 3.262  -0.654 1.731  1.00 0.00 ? 5  ASN A CA   4  
ATOM   480  C C    . ASN A 1 5  ? 1.788  -0.551 1.306  1.00 0.00 ? 5  ASN A C    4  
ATOM   481  O O    . ASN A 1 5  ? 1.167  -1.522 0.927  1.00 0.00 ? 5  ASN A O    4  
ATOM   482  C CB   . ASN A 1 5  ? 4.150  0.037  0.708  1.00 0.00 ? 5  ASN A CB   4  
ATOM   483  C CG   . ASN A 1 5  ? 4.056  1.554  0.877  1.00 0.00 ? 5  ASN A CG   4  
ATOM   484  O OD1  . ASN A 1 5  ? 3.802  2.042  1.961  1.00 0.00 ? 5  ASN A OD1  4  
ATOM   485  N ND2  . ASN A 1 5  ? 4.247  2.327  -0.157 1.00 0.00 ? 5  ASN A ND2  4  
ATOM   486  H H    . ASN A 1 5  ? 3.670  -2.695 0.945  1.00 0.00 ? 5  ASN A H    4  
ATOM   487  H HA   . ASN A 1 5  ? 3.385  -0.174 2.718  1.00 0.00 ? 5  ASN A HA   4  
ATOM   488  H HB2  . ASN A 1 5  ? 5.171  -0.286 0.852  1.00 0.00 ? 5  ASN A HB2  4  
ATOM   489  H HB3  . ASN A 1 5  ? 3.824  -0.240 -0.285 1.00 0.00 ? 5  ASN A HB3  4  
ATOM   490  H HD21 . ASN A 1 5  ? 4.450  1.933  -1.031 1.00 0.00 ? 5  ASN A HD21 4  
ATOM   491  H HD22 . ASN A 1 5  ? 4.187  3.300  -0.061 1.00 0.00 ? 5  ASN A HD22 4  
ATOM   492  N N    . CYS A 1 6  ? 1.235  0.642  1.389  1.00 0.00 ? 6  CYS A N    4  
ATOM   493  C CA   . CYS A 1 6  ? -0.206 0.873  1.022  1.00 0.00 ? 6  CYS A CA   4  
ATOM   494  C C    . CYS A 1 6  ? -0.347 1.262  -0.455 1.00 0.00 ? 6  CYS A C    4  
ATOM   495  O O    . CYS A 1 6  ? 0.512  1.926  -1.000 1.00 0.00 ? 6  CYS A O    4  
ATOM   496  C CB   . CYS A 1 6  ? -0.647 2.046  1.902  1.00 0.00 ? 6  CYS A CB   4  
ATOM   497  S SG   . CYS A 1 6  ? -0.530 1.622  3.665  1.00 0.00 ? 6  CYS A SG   4  
ATOM   498  H H    . CYS A 1 6  ? 1.770  1.397  1.711  1.00 0.00 ? 6  CYS A H    4  
ATOM   499  H HA   . CYS A 1 6  ? -0.804 0.016  1.244  1.00 0.00 ? 6  CYS A HA   4  
ATOM   500  H HB2  . CYS A 1 6  ? -0.013 2.896  1.702  1.00 0.00 ? 6  CYS A HB2  4  
ATOM   501  H HB3  . CYS A 1 6  ? -1.668 2.304  1.663  1.00 0.00 ? 6  CYS A HB3  4  
ATOM   502  N N    . PRO A 1 7  ? -1.450 0.863  -1.055 1.00 0.00 ? 7  PRO A N    4  
ATOM   503  C CA   . PRO A 1 7  ? -1.713 1.209  -2.477 1.00 0.00 ? 7  PRO A CA   4  
ATOM   504  C C    . PRO A 1 7  ? -1.940 2.700  -2.583 1.00 0.00 ? 7  PRO A C    4  
ATOM   505  O O    . PRO A 1 7  ? -1.310 3.510  -1.935 1.00 0.00 ? 7  PRO A O    4  
ATOM   506  C CB   . PRO A 1 7  ? -2.998 0.440  -2.789 1.00 0.00 ? 7  PRO A CB   4  
ATOM   507  C CG   . PRO A 1 7  ? -3.657 0.350  -1.483 1.00 0.00 ? 7  PRO A CG   4  
ATOM   508  C CD   . PRO A 1 7  ? -2.556 0.056  -0.506 1.00 0.00 ? 7  PRO A CD   4  
ATOM   509  H HA   . PRO A 1 7  ? -0.949 0.917  -3.143 1.00 0.00 ? 7  PRO A HA   4  
ATOM   510  H HB2  . PRO A 1 7  ? -3.617 0.962  -3.494 1.00 0.00 ? 7  PRO A HB2  4  
ATOM   511  H HB3  . PRO A 1 7  ? -2.765 -0.547 -3.150 1.00 0.00 ? 7  PRO A HB3  4  
ATOM   512  H HG2  . PRO A 1 7  ? -4.121 1.309  -1.266 1.00 0.00 ? 7  PRO A HG2  4  
ATOM   513  H HG3  . PRO A 1 7  ? -4.381 -0.431 -1.495 1.00 0.00 ? 7  PRO A HG3  4  
ATOM   514  H HD2  . PRO A 1 7  ? -2.823 0.367  0.493  1.00 0.00 ? 7  PRO A HD2  4  
ATOM   515  H HD3  . PRO A 1 7  ? -2.307 -0.995 -0.530 1.00 0.00 ? 7  PRO A HD3  4  
ATOM   516  N N    . LEU A 1 8  ? -2.842 3.029  -3.404 1.00 0.00 ? 8  LEU A N    4  
ATOM   517  C CA   . LEU A 1 8  ? -3.197 4.454  -3.637 1.00 0.00 ? 8  LEU A CA   4  
ATOM   518  C C    . LEU A 1 8  ? -3.735 5.085  -2.346 1.00 0.00 ? 8  LEU A C    4  
ATOM   519  O O    . LEU A 1 8  ? -4.065 4.397  -1.399 1.00 0.00 ? 8  LEU A O    4  
ATOM   520  C CB   . LEU A 1 8  ? -4.263 4.405  -4.750 1.00 0.00 ? 8  LEU A CB   4  
ATOM   521  C CG   . LEU A 1 8  ? -5.670 4.623  -4.180 1.00 0.00 ? 8  LEU A CG   4  
ATOM   522  C CD1  . LEU A 1 8  ? -5.918 6.121  -3.996 1.00 0.00 ? 8  LEU A CD1  4  
ATOM   523  C CD2  . LEU A 1 8  ? -6.707 4.051  -5.150 1.00 0.00 ? 8  LEU A CD2  4  
ATOM   524  H H    . LEU A 1 8  ? -3.290 2.316  -3.877 1.00 0.00 ? 8  LEU A H    4  
ATOM   525  H HA   . LEU A 1 8  ? -2.334 5.000  -3.986 1.00 0.00 ? 8  LEU A HA   4  
ATOM   526  H HB2  . LEU A 1 8  ? -4.051 5.171  -5.478 1.00 0.00 ? 8  LEU A HB2  4  
ATOM   527  H HB3  . LEU A 1 8  ? -4.222 3.437  -5.230 1.00 0.00 ? 8  LEU A HB3  4  
ATOM   528  H HG   . LEU A 1 8  ? -5.753 4.124  -3.224 1.00 0.00 ? 8  LEU A HG   4  
ATOM   529  H HD11 . LEU A 1 8  ? -6.729 6.434  -4.637 1.00 0.00 ? 8  LEU A HD11 4  
ATOM   530  H HD12 . LEU A 1 8  ? -5.024 6.669  -4.256 1.00 0.00 ? 8  LEU A HD12 4  
ATOM   531  H HD13 . LEU A 1 8  ? -6.176 6.320  -2.966 1.00 0.00 ? 8  LEU A HD13 4  
ATOM   532  H HD21 . LEU A 1 8  ? -6.627 2.975  -5.167 1.00 0.00 ? 8  LEU A HD21 4  
ATOM   533  H HD22 . LEU A 1 8  ? -6.526 4.442  -6.140 1.00 0.00 ? 8  LEU A HD22 4  
ATOM   534  H HD23 . LEU A 1 8  ? -7.697 4.333  -4.824 1.00 0.00 ? 8  LEU A HD23 4  
ATOM   535  N N    . GLY A 1 9  ? -3.825 6.385  -2.301 1.00 0.00 ? 9  GLY A N    4  
ATOM   536  C CA   . GLY A 1 9  ? -4.339 7.056  -1.073 1.00 0.00 ? 9  GLY A CA   4  
ATOM   537  C C    . GLY A 1 9  ? -3.173 7.673  -0.300 1.00 0.00 ? 9  GLY A C    4  
ATOM   538  O O    . GLY A 1 9  ? -2.075 7.784  -0.809 1.00 0.00 ? 9  GLY A O    4  
ATOM   539  H H    . GLY A 1 9  ? -3.553 6.922  -3.075 1.00 0.00 ? 9  GLY A H    4  
ATOM   540  H HA2  . GLY A 1 9  ? -5.039 7.831  -1.354 1.00 0.00 ? 9  GLY A HA2  4  
ATOM   541  H HA3  . GLY A 1 9  ? -4.837 6.330  -0.448 1.00 0.00 ? 9  GLY A HA3  4  
HETATM 542  N N    . NH2 A 1 10 ? -3.366 8.084  0.923  1.00 0.00 ? 10 NH2 A N    4  
HETATM 543  H HN1  . NH2 A 1 10 ? -4.250 7.996  1.336  1.00 0.00 ? 10 NH2 A HN1  4  
HETATM 544  H HN2  . NH2 A 1 10 ? -2.627 8.481  1.429  1.00 0.00 ? 10 NH2 A HN2  4  
ATOM   545  N N    . CYS A 1 1  ? -3.788 -1.133 3.526  1.00 0.00 ? 1  CYS A N    5  
ATOM   546  C CA   . CYS A 1 1  ? -2.562 -0.778 2.757  1.00 0.00 ? 1  CYS A CA   5  
ATOM   547  C C    . CYS A 1 1  ? -2.370 -1.763 1.593  1.00 0.00 ? 1  CYS A C    5  
ATOM   548  O O    . CYS A 1 1  ? -3.328 -2.295 1.069  1.00 0.00 ? 1  CYS A O    5  
ATOM   549  C CB   . CYS A 1 1  ? -1.425 -0.867 3.777  1.00 0.00 ? 1  CYS A CB   5  
ATOM   550  S SG   . CYS A 1 1  ? -1.303 0.712  4.655  1.00 0.00 ? 1  CYS A SG   5  
ATOM   551  H H1   . CYS A 1 1  ? -3.575 -1.915 4.180  1.00 0.00 ? 1  CYS A H1   5  
ATOM   552  H H2   . CYS A 1 1  ? -4.538 -1.424 2.869  1.00 0.00 ? 1  CYS A H2   5  
ATOM   553  H H3   . CYS A 1 1  ? -4.106 -0.307 4.072  1.00 0.00 ? 1  CYS A H3   5  
ATOM   554  H HA   . CYS A 1 1  ? -2.638 0.231  2.381  1.00 0.00 ? 1  CYS A HA   5  
ATOM   555  H HB2  . CYS A 1 1  ? -1.633 -1.657 4.482  1.00 0.00 ? 1  CYS A HB2  5  
ATOM   556  H HB3  . CYS A 1 1  ? -0.494 -1.070 3.276  1.00 0.00 ? 1  CYS A HB3  5  
ATOM   557  N N    . TYR A 1 2  ? -1.157 -2.007 1.172  1.00 0.00 ? 2  TYR A N    5  
ATOM   558  C CA   . TYR A 1 2  ? -0.939 -2.946 0.040  1.00 0.00 ? 2  TYR A CA   5  
ATOM   559  C C    . TYR A 1 2  ? 0.084  -3.975 0.494  1.00 0.00 ? 2  TYR A C    5  
ATOM   560  O O    . TYR A 1 2  ? 0.057  -4.416 1.624  1.00 0.00 ? 2  TYR A O    5  
ATOM   561  C CB   . TYR A 1 2  ? -0.349 -2.077 -1.083 1.00 0.00 ? 2  TYR A CB   5  
ATOM   562  C CG   . TYR A 1 2  ? -0.972 -2.464 -2.403 1.00 0.00 ? 2  TYR A CG   5  
ATOM   563  C CD1  . TYR A 1 2  ? -0.162 -2.643 -3.531 1.00 0.00 ? 2  TYR A CD1  5  
ATOM   564  C CD2  . TYR A 1 2  ? -2.355 -2.642 -2.499 1.00 0.00 ? 2  TYR A CD2  5  
ATOM   565  C CE1  . TYR A 1 2  ? -0.739 -3.000 -4.757 1.00 0.00 ? 2  TYR A CE1  5  
ATOM   566  C CE2  . TYR A 1 2  ? -2.932 -2.999 -3.724 1.00 0.00 ? 2  TYR A CE2  5  
ATOM   567  C CZ   . TYR A 1 2  ? -2.123 -3.178 -4.852 1.00 0.00 ? 2  TYR A CZ   5  
ATOM   568  O OH   . TYR A 1 2  ? -2.692 -3.530 -6.059 1.00 0.00 ? 2  TYR A OH   5  
ATOM   569  H H    . TYR A 1 2  ? -0.373 -1.571 1.599  1.00 0.00 ? 2  TYR A H    5  
ATOM   570  H HA   . TYR A 1 2  ? -1.868 -3.390 -0.270 1.00 0.00 ? 2  TYR A HA   5  
ATOM   571  H HB2  . TYR A 1 2  ? -0.546 -1.041 -0.880 1.00 0.00 ? 2  TYR A HB2  5  
ATOM   572  H HB3  . TYR A 1 2  ? 0.718  -2.224 -1.132 1.00 0.00 ? 2  TYR A HB3  5  
ATOM   573  H HD1  . TYR A 1 2  ? 0.907  -2.505 -3.458 1.00 0.00 ? 2  TYR A HD1  5  
ATOM   574  H HD2  . TYR A 1 2  ? -2.979 -2.503 -1.628 1.00 0.00 ? 2  TYR A HD2  5  
ATOM   575  H HE1  . TYR A 1 2  ? -0.115 -3.137 -5.627 1.00 0.00 ? 2  TYR A HE1  5  
ATOM   576  H HE2  . TYR A 1 2  ? -4.001 -3.136 -3.798 1.00 0.00 ? 2  TYR A HE2  5  
ATOM   577  H HH   . TYR A 1 2  ? -2.068 -4.090 -6.530 1.00 0.00 ? 2  TYR A HH   5  
ATOM   578  N N    . ILE A 1 3  ? 1.037  -4.288 -0.338 1.00 0.00 ? 3  ILE A N    5  
ATOM   579  C CA   . ILE A 1 3  ? 2.112  -5.165 0.069  1.00 0.00 ? 3  ILE A CA   5  
ATOM   580  C C    . ILE A 1 3  ? 2.770  -4.516 1.249  1.00 0.00 ? 3  ILE A C    5  
ATOM   581  O O    . ILE A 1 3  ? 2.155  -3.860 2.063  1.00 0.00 ? 3  ILE A O    5  
ATOM   582  C CB   . ILE A 1 3  ? 2.999  -5.115 -1.160 1.00 0.00 ? 3  ILE A CB   5  
ATOM   583  C CG1  . ILE A 1 3  ? 3.437  -3.672 -1.415 1.00 0.00 ? 3  ILE A CG1  5  
ATOM   584  C CG2  . ILE A 1 3  ? 2.223  -5.633 -2.373 1.00 0.00 ? 3  ILE A CG2  5  
ATOM   585  C CD1  . ILE A 1 3  ? 4.943  -3.546 -1.181 1.00 0.00 ? 3  ILE A CD1  5  
ATOM   586  H H    . ILE A 1 3  ? 1.097  -3.889 -1.220 1.00 0.00 ? 3  ILE A H    5  
ATOM   587  H HA   . ILE A 1 3  ? 1.832  -6.156 0.292  1.00 0.00 ? 3  ILE A HA   5  
ATOM   588  H HB   . ILE A 1 3  ? 3.835  -5.715 -1.000 1.00 0.00 ? 3  ILE A HB   5  
ATOM   589  H HG12 . ILE A 1 3  ? 3.206  -3.401 -2.435 1.00 0.00 ? 3  ILE A HG12 5  
ATOM   590  H HG13 . ILE A 1 3  ? 2.913  -3.012 -0.741 1.00 0.00 ? 3  ILE A HG13 5  
ATOM   591  H HG21 . ILE A 1 3  ? 1.294  -6.075 -2.044 1.00 0.00 ? 3  ILE A HG21 5  
ATOM   592  H HG22 . ILE A 1 3  ? 2.816  -6.375 -2.887 1.00 0.00 ? 3  ILE A HG22 5  
ATOM   593  H HG23 . ILE A 1 3  ? 2.014  -4.812 -3.042 1.00 0.00 ? 3  ILE A HG23 5  
ATOM   594  H HD11 . ILE A 1 3  ? 5.128  -2.791 -0.430 1.00 0.00 ? 3  ILE A HD11 5  
ATOM   595  H HD12 . ILE A 1 3  ? 5.428  -3.261 -2.104 1.00 0.00 ? 3  ILE A HD12 5  
ATOM   596  H HD13 . ILE A 1 3  ? 5.335  -4.494 -0.844 1.00 0.00 ? 3  ILE A HD13 5  
ATOM   597  N N    . GLN A 1 4  ? 4.012  -4.664 1.331  1.00 0.00 ? 4  GLN A N    5  
ATOM   598  C CA   . GLN A 1 4  ? 4.756  -4.037 2.439  1.00 0.00 ? 4  GLN A CA   5  
ATOM   599  C C    . GLN A 1 4  ? 4.367  -2.592 2.666  1.00 0.00 ? 4  GLN A C    5  
ATOM   600  O O    . GLN A 1 4  ? 4.610  -1.978 3.686  1.00 0.00 ? 4  GLN A O    5  
ATOM   601  C CB   . GLN A 1 4  ? 6.207  -4.187 2.050  1.00 0.00 ? 4  GLN A CB   5  
ATOM   602  C CG   . GLN A 1 4  ? 6.783  -5.395 2.765  1.00 0.00 ? 4  GLN A CG   5  
ATOM   603  C CD   . GLN A 1 4  ? 8.273  -5.181 3.031  1.00 0.00 ? 4  GLN A CD   5  
ATOM   604  O OE1  . GLN A 1 4  ? 8.723  -4.059 3.170  1.00 0.00 ? 4  GLN A OE1  5  
ATOM   605  N NE2  . GLN A 1 4  ? 9.066  -6.215 3.109  1.00 0.00 ? 4  GLN A NE2  5  
ATOM   606  H H    . GLN A 1 4  ? 4.459  -5.190 0.667  1.00 0.00 ? 4  GLN A H    5  
ATOM   607  H HA   . GLN A 1 4  ? 4.537  -4.545 3.256  1.00 0.00 ? 4  GLN A HA   5  
ATOM   608  H HB2  . GLN A 1 4  ? 6.269  -4.336 0.978  1.00 0.00 ? 4  GLN A HB2  5  
ATOM   609  H HB3  . GLN A 1 4  ? 6.749  -3.302 2.329  1.00 0.00 ? 4  GLN A HB3  5  
ATOM   610  H HG2  . GLN A 1 4  ? 6.259  -5.528 3.702  1.00 0.00 ? 4  GLN A HG2  5  
ATOM   611  H HG3  . GLN A 1 4  ? 6.646  -6.267 2.147  1.00 0.00 ? 4  GLN A HG3  5  
ATOM   612  H HE21 . GLN A 1 4  ? 8.703  -7.118 2.997  1.00 0.00 ? 4  GLN A HE21 5  
ATOM   613  H HE22 . GLN A 1 4  ? 10.022 -6.087 3.279  1.00 0.00 ? 4  GLN A HE22 5  
ATOM   614  N N    . ASN A 1 5  ? 3.775  -2.104 1.695  1.00 0.00 ? 5  ASN A N    5  
ATOM   615  C CA   . ASN A 1 5  ? 3.279  -0.657 1.674  1.00 0.00 ? 5  ASN A CA   5  
ATOM   616  C C    . ASN A 1 5  ? 1.800  -0.555 1.273  1.00 0.00 ? 5  ASN A C    5  
ATOM   617  O O    . ASN A 1 5  ? 1.169  -1.525 0.915  1.00 0.00 ? 5  ASN A O    5  
ATOM   618  C CB   . ASN A 1 5  ? 4.155  -0.004 0.615  1.00 0.00 ? 5  ASN A CB   5  
ATOM   619  C CG   . ASN A 1 5  ? 4.146  1.515  0.800  1.00 0.00 ? 5  ASN A CG   5  
ATOM   620  O OD1  . ASN A 1 5  ? 3.099  2.131  0.818  1.00 0.00 ? 5  ASN A OD1  5  
ATOM   621  N ND2  . ASN A 1 5  ? 5.279  2.149  0.941  1.00 0.00 ? 5  ASN A ND2  5  
ATOM   622  H H    . ASN A 1 5  ? 3.672  -2.719 0.944  1.00 0.00 ? 5  ASN A H    5  
ATOM   623  H HA   . ASN A 1 5  ? 3.419  -0.147 2.644  1.00 0.00 ? 5  ASN A HA   5  
ATOM   624  H HB2  . ASN A 1 5  ? 5.165  -0.379 0.712  1.00 0.00 ? 5  ASN A HB2  5  
ATOM   625  H HB3  . ASN A 1 5  ? 3.771  -0.252 -0.363 1.00 0.00 ? 5  ASN A HB3  5  
ATOM   626  H HD21 . ASN A 1 5  ? 6.122  1.652  0.927  1.00 0.00 ? 5  ASN A HD21 5  
ATOM   627  H HD22 . ASN A 1 5  ? 5.283  3.121  1.059  1.00 0.00 ? 5  ASN A HD22 5  
ATOM   628  N N    . CYS A 1 6  ? 1.253  0.641  1.361  1.00 0.00 ? 6  CYS A N    5  
ATOM   629  C CA   . CYS A 1 6  ? -0.192 0.880  1.024  1.00 0.00 ? 6  CYS A CA   5  
ATOM   630  C C    . CYS A 1 6  ? -0.357 1.333  -0.432 1.00 0.00 ? 6  CYS A C    5  
ATOM   631  O O    . CYS A 1 6  ? 0.484  2.036  -0.957 1.00 0.00 ? 6  CYS A O    5  
ATOM   632  C CB   . CYS A 1 6  ? -0.638 2.002  1.976  1.00 0.00 ? 6  CYS A CB   5  
ATOM   633  S SG   . CYS A 1 6  ? 0.087  1.757  3.624  1.00 0.00 ? 6  CYS A SG   5  
ATOM   634  H H    . CYS A 1 6  ? 1.801  1.394  1.669  1.00 0.00 ? 6  CYS A H    5  
ATOM   635  H HA   . CYS A 1 6  ? -0.778 0.012  1.206  1.00 0.00 ? 6  CYS A HA   5  
ATOM   636  H HB2  . CYS A 1 6  ? -0.314 2.955  1.582  1.00 0.00 ? 6  CYS A HB2  5  
ATOM   637  H HB3  . CYS A 1 6  ? -1.717 1.996  2.054  1.00 0.00 ? 6  CYS A HB3  5  
ATOM   638  N N    . PRO A 1 7  ? -1.455 0.931  -1.037 1.00 0.00 ? 7  PRO A N    5  
ATOM   639  C CA   . PRO A 1 7  ? -1.742 1.324  -2.442 1.00 0.00 ? 7  PRO A CA   5  
ATOM   640  C C    . PRO A 1 7  ? -2.002 2.812  -2.490 1.00 0.00 ? 7  PRO A C    5  
ATOM   641  O O    . PRO A 1 7  ? -1.369 3.610  -1.831 1.00 0.00 ? 7  PRO A O    5  
ATOM   642  C CB   . PRO A 1 7  ? -3.017 0.540  -2.765 1.00 0.00 ? 7  PRO A CB   5  
ATOM   643  C CG   . PRO A 1 7  ? -3.657 0.394  -1.455 1.00 0.00 ? 7  PRO A CG   5  
ATOM   644  C CD   . PRO A 1 7  ? -2.540 0.086  -0.502 1.00 0.00 ? 7  PRO A CD   5  
ATOM   645  H HA   . PRO A 1 7  ? -0.985 1.072  -3.128 1.00 0.00 ? 7  PRO A HA   5  
ATOM   646  H HB2  . PRO A 1 7  ? -3.656 1.072  -3.447 1.00 0.00 ? 7  PRO A HB2  5  
ATOM   647  H HB3  . PRO A 1 7  ? -2.770 -0.432 -3.160 1.00 0.00 ? 7  PRO A HB3  5  
ATOM   648  H HG2  . PRO A 1 7  ? -4.138 1.334  -1.199 1.00 0.00 ? 7  PRO A HG2  5  
ATOM   649  H HG3  . PRO A 1 7  ? -4.371 -0.401 -1.486 1.00 0.00 ? 7  PRO A HG3  5  
ATOM   650  H HD2  . PRO A 1 7  ? -2.802 0.361  0.509  1.00 0.00 ? 7  PRO A HD2  5  
ATOM   651  H HD3  . PRO A 1 7  ? -2.275 -0.958 -0.564 1.00 0.00 ? 7  PRO A HD3  5  
ATOM   652  N N    . LEU A 1 8  ? -2.924 3.150  -3.284 1.00 0.00 ? 8  LEU A N    5  
ATOM   653  C CA   . LEU A 1 8  ? -3.321 4.563  -3.478 1.00 0.00 ? 8  LEU A CA   5  
ATOM   654  C C    . LEU A 1 8  ? -3.841 5.175  -2.168 1.00 0.00 ? 8  LEU A C    5  
ATOM   655  O O    . LEU A 1 8  ? -4.979 5.585  -2.060 1.00 0.00 ? 8  LEU A O    5  
ATOM   656  C CB   . LEU A 1 8  ? -4.412 4.454  -4.537 1.00 0.00 ? 8  LEU A CB   5  
ATOM   657  C CG   . LEU A 1 8  ? -5.740 4.043  -3.896 1.00 0.00 ? 8  LEU A CG   5  
ATOM   658  C CD1  . LEU A 1 8  ? -6.710 5.226  -3.923 1.00 0.00 ? 8  LEU A CD1  5  
ATOM   659  C CD2  . LEU A 1 8  ? -6.343 2.876  -4.682 1.00 0.00 ? 8  LEU A CD2  5  
ATOM   660  H H    . LEU A 1 8  ? -3.365 2.452  -3.778 1.00 0.00 ? 8  LEU A H    5  
ATOM   661  H HA   . LEU A 1 8  ? -2.494 5.137  -3.858 1.00 0.00 ? 8  LEU A HA   5  
ATOM   662  H HB2  . LEU A 1 8  ? -4.525 5.399  -5.033 1.00 0.00 ? 8  LEU A HB2  5  
ATOM   663  H HB3  . LEU A 1 8  ? -4.122 3.699  -5.258 1.00 0.00 ? 8  LEU A HB3  5  
ATOM   664  H HG   . LEU A 1 8  ? -5.569 3.741  -2.873 1.00 0.00 ? 8  LEU A HG   5  
ATOM   665  H HD11 . LEU A 1 8  ? -7.214 5.299  -2.972 1.00 0.00 ? 8  LEU A HD11 5  
ATOM   666  H HD12 . LEU A 1 8  ? -7.439 5.078  -4.707 1.00 0.00 ? 8  LEU A HD12 5  
ATOM   667  H HD13 . LEU A 1 8  ? -6.162 6.137  -4.111 1.00 0.00 ? 8  LEU A HD13 5  
ATOM   668  H HD21 . LEU A 1 8  ? -6.675 3.224  -5.647 1.00 0.00 ? 8  LEU A HD21 5  
ATOM   669  H HD22 . LEU A 1 8  ? -7.183 2.470  -4.136 1.00 0.00 ? 8  LEU A HD22 5  
ATOM   670  H HD23 . LEU A 1 8  ? -5.597 2.106  -4.815 1.00 0.00 ? 8  LEU A HD23 5  
ATOM   671  N N    . GLY A 1 9  ? -3.003 5.253  -1.174 1.00 0.00 ? 9  GLY A N    5  
ATOM   672  C CA   . GLY A 1 9  ? -3.434 5.844  0.125  1.00 0.00 ? 9  GLY A CA   5  
ATOM   673  C C    . GLY A 1 9  ? -3.636 7.350  -0.041 1.00 0.00 ? 9  GLY A C    5  
ATOM   674  O O    . GLY A 1 9  ? -2.837 8.023  -0.662 1.00 0.00 ? 9  GLY A O    5  
ATOM   675  H H    . GLY A 1 9  ? -2.085 4.928  -1.285 1.00 0.00 ? 9  GLY A H    5  
ATOM   676  H HA2  . GLY A 1 9  ? -4.363 5.385  0.437  1.00 0.00 ? 9  GLY A HA2  5  
ATOM   677  H HA3  . GLY A 1 9  ? -2.676 5.664  0.873  1.00 0.00 ? 9  GLY A HA3  5  
HETATM 678  N N    . NH2 A 1 10 ? -4.683 7.915  0.495  1.00 0.00 ? 10 NH2 A N    5  
HETATM 679  H HN1  . NH2 A 1 10 ? -5.328 7.374  0.996  1.00 0.00 ? 10 NH2 A HN1  5  
HETATM 680  H HN2  . NH2 A 1 10 ? -4.823 8.879  0.397  1.00 0.00 ? 10 NH2 A HN2  5  
ATOM   681  N N    . CYS A 1 1  ? -2.480 -1.796 4.034  1.00 0.00 ? 1  CYS A N    6  
ATOM   682  C CA   . CYS A 1 1  ? -2.978 -1.132 2.793  1.00 0.00 ? 1  CYS A CA   6  
ATOM   683  C C    . CYS A 1 1  ? -2.574 -1.945 1.556  1.00 0.00 ? 1  CYS A C    6  
ATOM   684  O O    . CYS A 1 1  ? -3.391 -2.633 0.977  1.00 0.00 ? 1  CYS A O    6  
ATOM   685  C CB   . CYS A 1 1  ? -2.348 0.267  2.766  1.00 0.00 ? 1  CYS A CB   6  
ATOM   686  S SG   . CYS A 1 1  ? -0.729 0.270  3.584  1.00 0.00 ? 1  CYS A SG   6  
ATOM   687  H H1   . CYS A 1 1  ? -2.496 -1.117 4.822  1.00 0.00 ? 1  CYS A H1   6  
ATOM   688  H H2   . CYS A 1 1  ? -1.504 -2.128 3.882  1.00 0.00 ? 1  CYS A H2   6  
ATOM   689  H H3   . CYS A 1 1  ? -3.090 -2.605 4.265  1.00 0.00 ? 1  CYS A H3   6  
ATOM   690  H HA   . CYS A 1 1  ? -4.052 -1.043 2.833  1.00 0.00 ? 1  CYS A HA   6  
ATOM   691  H HB2  . CYS A 1 1  ? -2.226 0.581  1.741  1.00 0.00 ? 1  CYS A HB2  6  
ATOM   692  H HB3  . CYS A 1 1  ? -3.005 0.959  3.273  1.00 0.00 ? 1  CYS A HB3  6  
ATOM   693  N N    . TYR A 1 2  ? -1.328 -1.910 1.151  1.00 0.00 ? 2  TYR A N    6  
ATOM   694  C CA   . TYR A 1 2  ? -0.938 -2.735 -0.037 1.00 0.00 ? 2  TYR A CA   6  
ATOM   695  C C    . TYR A 1 2  ? 0.009  -3.817 0.444  1.00 0.00 ? 2  TYR A C    6  
ATOM   696  O O    . TYR A 1 2  ? -0.089 -4.279 1.562  1.00 0.00 ? 2  TYR A O    6  
ATOM   697  C CB   . TYR A 1 2  ? -0.168 -1.810 -0.977 1.00 0.00 ? 2  TYR A CB   6  
ATOM   698  C CG   . TYR A 1 2  ? -0.557 -2.100 -2.406 1.00 0.00 ? 2  TYR A CG   6  
ATOM   699  C CD1  . TYR A 1 2  ? 0.422  -2.119 -3.406 1.00 0.00 ? 2  TYR A CD1  6  
ATOM   700  C CD2  . TYR A 1 2  ? -1.896 -2.351 -2.734 1.00 0.00 ? 2  TYR A CD2  6  
ATOM   701  C CE1  . TYR A 1 2  ? 0.064  -2.388 -4.733 1.00 0.00 ? 2  TYR A CE1  6  
ATOM   702  C CE2  . TYR A 1 2  ? -2.254 -2.621 -4.061 1.00 0.00 ? 2  TYR A CE2  6  
ATOM   703  C CZ   . TYR A 1 2  ? -1.274 -2.640 -5.061 1.00 0.00 ? 2  TYR A CZ   6  
ATOM   704  O OH   . TYR A 1 2  ? -1.625 -2.907 -6.367 1.00 0.00 ? 2  TYR A OH   6  
ATOM   705  H H    . TYR A 1 2  ? -0.640 -1.372 1.637  1.00 0.00 ? 2  TYR A H    6  
ATOM   706  H HA   . TYR A 1 2  ? -1.808 -3.130 -0.526 1.00 0.00 ? 2  TYR A HA   6  
ATOM   707  H HB2  . TYR A 1 2  ? -0.392 -0.799 -0.738 1.00 0.00 ? 2  TYR A HB2  6  
ATOM   708  H HB3  . TYR A 1 2  ? 0.891  -1.974 -0.856 1.00 0.00 ? 2  TYR A HB3  6  
ATOM   709  H HD1  . TYR A 1 2  ? 1.455  -1.925 -3.155 1.00 0.00 ? 2  TYR A HD1  6  
ATOM   710  H HD2  . TYR A 1 2  ? -2.654 -2.335 -1.964 1.00 0.00 ? 2  TYR A HD2  6  
ATOM   711  H HE1  . TYR A 1 2  ? 0.821  -2.404 -5.504 1.00 0.00 ? 2  TYR A HE1  6  
ATOM   712  H HE2  . TYR A 1 2  ? -3.286 -2.816 -4.314 1.00 0.00 ? 2  TYR A HE2  6  
ATOM   713  H HH   . TYR A 1 2  ? -2.550 -2.673 -6.479 1.00 0.00 ? 2  TYR A HH   6  
ATOM   714  N N    . ILE A 1 3  ? 0.982  -4.152 -0.356 1.00 0.00 ? 3  ILE A N    6  
ATOM   715  C CA   . ILE A 1 3  ? 1.998  -5.078 0.073  1.00 0.00 ? 3  ILE A CA   6  
ATOM   716  C C    . ILE A 1 3  ? 2.641  -4.467 1.282  1.00 0.00 ? 3  ILE A C    6  
ATOM   717  O O    . ILE A 1 3  ? 2.013  -3.829 2.099  1.00 0.00 ? 3  ILE A O    6  
ATOM   718  C CB   . ILE A 1 3  ? 2.920  -5.096 -1.137 1.00 0.00 ? 3  ILE A CB   6  
ATOM   719  C CG1  . ILE A 1 3  ? 3.489  -3.697 -1.409 1.00 0.00 ? 3  ILE A CG1  6  
ATOM   720  C CG2  . ILE A 1 3  ? 2.138  -5.565 -2.364 1.00 0.00 ? 3  ILE A CG2  6  
ATOM   721  C CD1  . ILE A 1 3  ? 4.505  -3.778 -2.549 1.00 0.00 ? 3  ILE A CD1  6  
ATOM   722  H H    . ILE A 1 3  ? 1.096  -3.735 -1.222 1.00 0.00 ? 3  ILE A H    6  
ATOM   723  H HA   . ILE A 1 3  ? 1.657  -6.049 0.293  1.00 0.00 ? 3  ILE A HA   6  
ATOM   724  H HB   . ILE A 1 3  ? 3.698  -5.759 -0.954 1.00 0.00 ? 3  ILE A HB   6  
ATOM   725  H HG12 . ILE A 1 3  ? 2.691  -3.026 -1.689 1.00 0.00 ? 3  ILE A HG12 6  
ATOM   726  H HG13 . ILE A 1 3  ? 3.978  -3.328 -0.524 1.00 0.00 ? 3  ILE A HG13 6  
ATOM   727  H HG21 . ILE A 1 3  ? 2.755  -6.229 -2.951 1.00 0.00 ? 3  ILE A HG21 6  
ATOM   728  H HG22 . ILE A 1 3  ? 1.862  -4.708 -2.963 1.00 0.00 ? 3  ILE A HG22 6  
ATOM   729  H HG23 . ILE A 1 3  ? 1.247  -6.085 -2.048 1.00 0.00 ? 3  ILE A HG23 6  
ATOM   730  H HD11 . ILE A 1 3  ? 4.174  -3.160 -3.370 1.00 0.00 ? 3  ILE A HD11 6  
ATOM   731  H HD12 . ILE A 1 3  ? 4.592  -4.803 -2.882 1.00 0.00 ? 3  ILE A HD12 6  
ATOM   732  H HD13 . ILE A 1 3  ? 5.467  -3.430 -2.200 1.00 0.00 ? 3  ILE A HD13 6  
ATOM   733  N N    . GLN A 1 4  ? 3.872  -4.640 1.394  1.00 0.00 ? 4  GLN A N    6  
ATOM   734  C CA   . GLN A 1 4  ? 4.598  -4.062 2.544  1.00 0.00 ? 4  GLN A CA   6  
ATOM   735  C C    . GLN A 1 4  ? 4.211  -2.626 2.837  1.00 0.00 ? 4  GLN A C    6  
ATOM   736  O O    . GLN A 1 4  ? 4.439  -2.068 3.892  1.00 0.00 ? 4  GLN A O    6  
ATOM   737  C CB   . GLN A 1 4  ? 6.057  -4.199 2.173  1.00 0.00 ? 4  GLN A CB   6  
ATOM   738  C CG   . GLN A 1 4  ? 6.618  -5.425 2.866  1.00 0.00 ? 4  GLN A CG   6  
ATOM   739  C CD   . GLN A 1 4  ? 8.107  -5.227 3.146  1.00 0.00 ? 4  GLN A CD   6  
ATOM   740  O OE1  . GLN A 1 4  ? 8.477  -4.597 4.116  1.00 0.00 ? 4  GLN A OE1  6  
ATOM   741  N NE2  . GLN A 1 4  ? 8.987  -5.744 2.330  1.00 0.00 ? 4  GLN A NE2  6  
ATOM   742  H H    . GLN A 1 4  ? 4.325  -5.165 0.729  1.00 0.00 ? 4  GLN A H    6  
ATOM   743  H HA   . GLN A 1 4  ? 4.366  -4.605 3.332  1.00 0.00 ? 4  GLN A HA   6  
ATOM   744  H HB2  . GLN A 1 4  ? 6.135  -4.321 1.098  1.00 0.00 ? 4  GLN A HB2  6  
ATOM   745  H HB3  . GLN A 1 4  ? 6.592  -3.323 2.481  1.00 0.00 ? 4  GLN A HB3  6  
ATOM   746  H HG2  . GLN A 1 4  ? 6.086  -5.574 3.794  1.00 0.00 ? 4  GLN A HG2  6  
ATOM   747  H HG3  . GLN A 1 4  ? 6.479  -6.283 2.228  1.00 0.00 ? 4  GLN A HG3  6  
ATOM   748  H HE21 . GLN A 1 4  ? 8.689  -6.250 1.547  1.00 0.00 ? 4  GLN A HE21 6  
ATOM   749  H HE22 . GLN A 1 4  ? 9.944  -5.621 2.501  1.00 0.00 ? 4  GLN A HE22 6  
ATOM   750  N N    . ASN A 1 5  ? 3.643  -2.083 1.885  1.00 0.00 ? 5  ASN A N    6  
ATOM   751  C CA   . ASN A 1 5  ? 3.161  -0.633 1.924  1.00 0.00 ? 5  ASN A CA   6  
ATOM   752  C C    . ASN A 1 5  ? 1.740  -0.469 1.370  1.00 0.00 ? 5  ASN A C    6  
ATOM   753  O O    . ASN A 1 5  ? 0.992  -1.414 1.264  1.00 0.00 ? 5  ASN A O    6  
ATOM   754  C CB   . ASN A 1 5  ? 4.160  0.075  1.027  1.00 0.00 ? 5  ASN A CB   6  
ATOM   755  C CG   . ASN A 1 5  ? 4.313  1.532  1.462  1.00 0.00 ? 5  ASN A CG   6  
ATOM   756  O OD1  . ASN A 1 5  ? 3.962  1.888  2.571  1.00 0.00 ? 5  ASN A OD1  6  
ATOM   757  N ND2  . ASN A 1 5  ? 4.828  2.398  0.631  1.00 0.00 ? 5  ASN A ND2  6  
ATOM   758  H H    . ASN A 1 5  ? 3.558  -2.654 1.103  1.00 0.00 ? 5  ASN A H    6  
ATOM   759  H HA   . ASN A 1 5  ? 3.191  -0.199 2.940  1.00 0.00 ? 5  ASN A HA   6  
ATOM   760  H HB2  . ASN A 1 5  ? 5.113  -0.433 1.097  1.00 0.00 ? 5  ASN A HB2  6  
ATOM   761  H HB3  . ASN A 1 5  ? 3.807  0.032  0.008  1.00 0.00 ? 5  ASN A HB3  6  
ATOM   762  H HD21 . ASN A 1 5  ? 5.110  2.113  -0.262 1.00 0.00 ? 5  ASN A HD21 6  
ATOM   763  H HD22 . ASN A 1 5  ? 4.930  3.335  0.902  1.00 0.00 ? 5  ASN A HD22 6  
ATOM   764  N N    . CYS A 1 6  ? 1.365  0.757  1.066  1.00 0.00 ? 6  CYS A N    6  
ATOM   765  C CA   . CYS A 1 6  ? -0.022 1.053  0.565  1.00 0.00 ? 6  CYS A CA   6  
ATOM   766  C C    . CYS A 1 6  ? -0.022 1.407  -0.929 1.00 0.00 ? 6  CYS A C    6  
ATOM   767  O O    . CYS A 1 6  ? 0.921  1.989  -1.426 1.00 0.00 ? 6  CYS A O    6  
ATOM   768  C CB   . CYS A 1 6  ? -0.468 2.277  1.375  1.00 0.00 ? 6  CYS A CB   6  
ATOM   769  S SG   . CYS A 1 6  ? 0.014  2.082  3.110  1.00 0.00 ? 6  CYS A SG   6  
ATOM   770  H H    . CYS A 1 6  ? 1.992  1.497  1.202  1.00 0.00 ? 6  CYS A H    6  
ATOM   771  H HA   . CYS A 1 6  ? -0.682 0.229  0.761  1.00 0.00 ? 6  CYS A HA   6  
ATOM   772  H HB2  . CYS A 1 6  ? -0.001 3.163  0.973  1.00 0.00 ? 6  CYS A HB2  6  
ATOM   773  H HB3  . CYS A 1 6  ? -1.541 2.379  1.309  1.00 0.00 ? 6  CYS A HB3  6  
ATOM   774  N N    . PRO A 1 7  ? -1.107 1.065  -1.596 1.00 0.00 ? 7  PRO A N    6  
ATOM   775  C CA   . PRO A 1 7  ? -1.248 1.379  -3.043 1.00 0.00 ? 7  PRO A CA   6  
ATOM   776  C C    . PRO A 1 7  ? -1.338 2.876  -3.213 1.00 0.00 ? 7  PRO A C    6  
ATOM   777  O O    . PRO A 1 7  ? -0.680 3.657  -2.554 1.00 0.00 ? 7  PRO A O    6  
ATOM   778  C CB   . PRO A 1 7  ? -2.574 0.707  -3.416 1.00 0.00 ? 7  PRO A CB   6  
ATOM   779  C CG   . PRO A 1 7  ? -3.319 0.718  -2.153 1.00 0.00 ? 7  PRO A CG   6  
ATOM   780  C CD   . PRO A 1 7  ? -2.311 0.362  -1.101 1.00 0.00 ? 7  PRO A CD   6  
ATOM   781  H HA   . PRO A 1 7  ? -0.474 0.998  -3.646 1.00 0.00 ? 7  PRO A HA   6  
ATOM   782  H HB2  . PRO A 1 7  ? -3.101 1.253  -4.176 1.00 0.00 ? 7  PRO A HB2  6  
ATOM   783  H HB3  . PRO A 1 7  ? -2.405 -0.309 -3.731 1.00 0.00 ? 7  PRO A HB3  6  
ATOM   784  H HG2  . PRO A 1 7  ? -3.709 1.720  -1.994 1.00 0.00 ? 7  PRO A HG2  6  
ATOM   785  H HG3  . PRO A 1 7  ? -4.109 0.002  -2.192 1.00 0.00 ? 7  PRO A HG3  6  
ATOM   786  H HD2  . PRO A 1 7  ? -2.616 0.720  -0.128 1.00 0.00 ? 7  PRO A HD2  6  
ATOM   787  H HD3  . PRO A 1 7  ? -2.148 -0.708 -1.085 1.00 0.00 ? 7  PRO A HD3  6  
ATOM   788  N N    . LEU A 1 8  ? -2.157 3.250  -4.100 1.00 0.00 ? 8  LEU A N    6  
ATOM   789  C CA   . LEU A 1 8  ? -2.375 4.692  -4.402 1.00 0.00 ? 8  LEU A CA   6  
ATOM   790  C C    . LEU A 1 8  ? -3.331 5.300  -3.361 1.00 0.00 ? 8  LEU A C    6  
ATOM   791  O O    . LEU A 1 8  ? -4.388 4.768  -3.090 1.00 0.00 ? 8  LEU A O    6  
ATOM   792  C CB   . LEU A 1 8  ? -2.977 4.699  -5.822 1.00 0.00 ? 8  LEU A CB   6  
ATOM   793  C CG   . LEU A 1 8  ? -4.208 5.606  -5.896 1.00 0.00 ? 8  LEU A CG   6  
ATOM   794  C CD1  . LEU A 1 8  ? -3.800 7.049  -5.600 1.00 0.00 ? 8  LEU A CD1  6  
ATOM   795  C CD2  . LEU A 1 8  ? -4.817 5.524  -7.298 1.00 0.00 ? 8  LEU A CD2  6  
ATOM   796  H H    . LEU A 1 8  ? -2.636 2.561  -4.573 1.00 0.00 ? 8  LEU A H    6  
ATOM   797  H HA   . LEU A 1 8  ? -1.436 5.220  -4.398 1.00 0.00 ? 8  LEU A HA   6  
ATOM   798  H HB2  . LEU A 1 8  ? -2.232 5.053  -6.518 1.00 0.00 ? 8  LEU A HB2  6  
ATOM   799  H HB3  . LEU A 1 8  ? -3.259 3.691  -6.091 1.00 0.00 ? 8  LEU A HB3  6  
ATOM   800  H HG   . LEU A 1 8  ? -4.935 5.281  -5.166 1.00 0.00 ? 8  LEU A HG   6  
ATOM   801  H HD11 . LEU A 1 8  ? -4.482 7.475  -4.879 1.00 0.00 ? 8  LEU A HD11 6  
ATOM   802  H HD12 . LEU A 1 8  ? -3.834 7.629  -6.513 1.00 0.00 ? 8  LEU A HD12 6  
ATOM   803  H HD13 . LEU A 1 8  ? -2.796 7.065  -5.203 1.00 0.00 ? 8  LEU A HD13 6  
ATOM   804  H HD21 . LEU A 1 8  ? -5.855 5.234  -7.223 1.00 0.00 ? 8  LEU A HD21 6  
ATOM   805  H HD22 . LEU A 1 8  ? -4.279 4.792  -7.882 1.00 0.00 ? 8  LEU A HD22 6  
ATOM   806  H HD23 . LEU A 1 8  ? -4.746 6.489  -7.778 1.00 0.00 ? 8  LEU A HD23 6  
ATOM   807  N N    . GLY A 1 9  ? -2.960 6.408  -2.780 1.00 0.00 ? 9  GLY A N    6  
ATOM   808  C CA   . GLY A 1 9  ? -3.843 7.047  -1.763 1.00 0.00 ? 9  GLY A CA   6  
ATOM   809  C C    . GLY A 1 9  ? -3.074 8.155  -1.042 1.00 0.00 ? 9  GLY A C    6  
ATOM   810  O O    . GLY A 1 9  ? -2.709 9.151  -1.637 1.00 0.00 ? 9  GLY A O    6  
ATOM   811  H H    . GLY A 1 9  ? -2.102 6.821  -3.013 1.00 0.00 ? 9  GLY A H    6  
ATOM   812  H HA2  . GLY A 1 9  ? -4.710 7.466  -2.253 1.00 0.00 ? 9  GLY A HA2  6  
ATOM   813  H HA3  . GLY A 1 9  ? -4.158 6.306  -1.043 1.00 0.00 ? 9  GLY A HA3  6  
HETATM 814  N N    . NH2 A 1 10 ? -2.809 8.025  0.228  1.00 0.00 ? 10 NH2 A N    6  
HETATM 815  H HN1  . NH2 A 1 10 ? -3.102 7.223  0.709  1.00 0.00 ? 10 NH2 A HN1  6  
HETATM 816  H HN2  . NH2 A 1 10 ? -2.316 8.728  0.701  1.00 0.00 ? 10 NH2 A HN2  6  
ATOM   817  N N    . CYS A 1 1  ? -3.770 -1.015 3.517  1.00 0.00 ? 1  CYS A N    7  
ATOM   818  C CA   . CYS A 1 1  ? -2.432 -0.868 2.873  1.00 0.00 ? 1  CYS A CA   7  
ATOM   819  C C    . CYS A 1 1  ? -2.324 -1.799 1.661  1.00 0.00 ? 1  CYS A C    7  
ATOM   820  O O    . CYS A 1 1  ? -3.313 -2.287 1.154  1.00 0.00 ? 1  CYS A O    7  
ATOM   821  C CB   . CYS A 1 1  ? -1.428 -1.273 3.953  1.00 0.00 ? 1  CYS A CB   7  
ATOM   822  S SG   . CYS A 1 1  ? 0.120  -0.371 3.704  1.00 0.00 ? 1  CYS A SG   7  
ATOM   823  H H1   . CYS A 1 1  ? -3.899 -0.265 4.225  1.00 0.00 ? 1  CYS A H1   7  
ATOM   824  H H2   . CYS A 1 1  ? -3.832 -1.945 3.982  1.00 0.00 ? 1  CYS A H2   7  
ATOM   825  H H3   . CYS A 1 1  ? -4.513 -0.939 2.794  1.00 0.00 ? 1  CYS A H3   7  
ATOM   826  H HA   . CYS A 1 1  ? -2.265 0.156  2.580  1.00 0.00 ? 1  CYS A HA   7  
ATOM   827  H HB2  . CYS A 1 1  ? -1.832 -1.033 4.926  1.00 0.00 ? 1  CYS A HB2  7  
ATOM   828  H HB3  . CYS A 1 1  ? -1.241 -2.335 3.892  1.00 0.00 ? 1  CYS A HB3  7  
ATOM   829  N N    . TYR A 1 2  ? -1.129 -2.050 1.194  1.00 0.00 ? 2  TYR A N    7  
ATOM   830  C CA   . TYR A 1 2  ? -0.955 -2.949 0.021  1.00 0.00 ? 2  TYR A CA   7  
ATOM   831  C C    . TYR A 1 2  ? 0.084  -3.992 0.414  1.00 0.00 ? 2  TYR A C    7  
ATOM   832  O O    . TYR A 1 2  ? 0.042  -4.525 1.505  1.00 0.00 ? 2  TYR A O    7  
ATOM   833  C CB   . TYR A 1 2  ? -0.411 -2.039 -1.091 1.00 0.00 ? 2  TYR A CB   7  
ATOM   834  C CG   . TYR A 1 2  ? -1.065 -2.392 -2.405 1.00 0.00 ? 2  TYR A CG   7  
ATOM   835  C CD1  . TYR A 1 2  ? -0.295 -2.473 -3.570 1.00 0.00 ? 2  TYR A CD1  7  
ATOM   836  C CD2  . TYR A 1 2  ? -2.442 -2.639 -2.456 1.00 0.00 ? 2  TYR A CD2  7  
ATOM   837  C CE1  . TYR A 1 2  ? -0.901 -2.801 -4.789 1.00 0.00 ? 2  TYR A CE1  7  
ATOM   838  C CE2  . TYR A 1 2  ? -3.049 -2.967 -3.675 1.00 0.00 ? 2  TYR A CE2  7  
ATOM   839  C CZ   . TYR A 1 2  ? -2.278 -3.048 -4.840 1.00 0.00 ? 2  TYR A CZ   7  
ATOM   840  O OH   . TYR A 1 2  ? -2.876 -3.369 -6.041 1.00 0.00 ? 2  TYR A OH   7  
ATOM   841  H H    . TYR A 1 2  ? -0.328 -1.650 1.623  1.00 0.00 ? 2  TYR A H    7  
ATOM   842  H HA   . TYR A 1 2  ? -1.895 -3.385 -0.267 1.00 0.00 ? 2  TYR A HA   7  
ATOM   843  H HB2  . TYR A 1 2  ? -0.617 -1.016 -0.848 1.00 0.00 ? 2  TYR A HB2  7  
ATOM   844  H HB3  . TYR A 1 2  ? 0.654  -2.162 -1.175 1.00 0.00 ? 2  TYR A HB3  7  
ATOM   845  H HD1  . TYR A 1 2  ? 0.767  -2.283 -3.530 1.00 0.00 ? 2  TYR A HD1  7  
ATOM   846  H HD2  . TYR A 1 2  ? -3.037 -2.576 -1.557 1.00 0.00 ? 2  TYR A HD2  7  
ATOM   847  H HE1  . TYR A 1 2  ? -0.307 -2.862 -5.688 1.00 0.00 ? 2  TYR A HE1  7  
ATOM   848  H HE2  . TYR A 1 2  ? -4.111 -3.157 -3.715 1.00 0.00 ? 2  TYR A HE2  7  
ATOM   849  H HH   . TYR A 1 2  ? -3.029 -2.554 -6.526 1.00 0.00 ? 2  TYR A HH   7  
ATOM   850  N N    . ILE A 1 3  ? 1.068  -4.218 -0.413 1.00 0.00 ? 3  ILE A N    7  
ATOM   851  C CA   . ILE A 1 3  ? 2.170  -5.128 -0.002 1.00 0.00 ? 3  ILE A CA   7  
ATOM   852  C C    . ILE A 1 3  ? 2.754  -4.493 1.219  1.00 0.00 ? 3  ILE A C    7  
ATOM   853  O O    . ILE A 1 3  ? 2.097  -3.808 1.975  1.00 0.00 ? 3  ILE A O    7  
ATOM   854  C CB   . ILE A 1 3  ? 3.232  -5.139 -1.127 1.00 0.00 ? 3  ILE A CB   7  
ATOM   855  C CG1  . ILE A 1 3  ? 2.657  -4.688 -2.472 1.00 0.00 ? 3  ILE A CG1  7  
ATOM   856  C CG2  . ILE A 1 3  ? 3.784  -6.555 -1.280 1.00 0.00 ? 3  ILE A CG2  7  
ATOM   857  C CD1  . ILE A 1 3  ? 1.375  -5.468 -2.776 1.00 0.00 ? 3  ILE A CD1  7  
ATOM   858  H H    . ILE A 1 3  ? 1.119  -3.733 -1.249 1.00 0.00 ? 3  ILE A H    7  
ATOM   859  H HA   . ILE A 1 3  ? 1.861  -6.113 0.226  1.00 0.00 ? 3  ILE A HA   7  
ATOM   860  H HB   . ILE A 1 3  ? 4.040  -4.476 -0.849 1.00 0.00 ? 3  ILE A HB   7  
ATOM   861  H HG12 . ILE A 1 3  ? 2.442  -3.630 -2.432 1.00 0.00 ? 3  ILE A HG12 7  
ATOM   862  H HG13 . ILE A 1 3  ? 3.382  -4.875 -3.245 1.00 0.00 ? 3  ILE A HG13 7  
ATOM   863  H HG21 . ILE A 1 3  ? 3.501  -7.146 -0.422 1.00 0.00 ? 3  ILE A HG21 7  
ATOM   864  H HG22 . ILE A 1 3  ? 4.861  -6.515 -1.352 1.00 0.00 ? 3  ILE A HG22 7  
ATOM   865  H HG23 . ILE A 1 3  ? 3.381  -7.005 -2.176 1.00 0.00 ? 3  ILE A HG23 7  
ATOM   866  H HD11 . ILE A 1 3  ? 1.594  -6.265 -3.472 1.00 0.00 ? 3  ILE A HD11 7  
ATOM   867  H HD12 . ILE A 1 3  ? 0.644  -4.802 -3.212 1.00 0.00 ? 3  ILE A HD12 7  
ATOM   868  H HD13 . ILE A 1 3  ? 0.980  -5.887 -1.863 1.00 0.00 ? 3  ILE A HD13 7  
ATOM   869  N N    . GLN A 1 4  ? 3.985  -4.670 1.403  1.00 0.00 ? 4  GLN A N    7  
ATOM   870  C CA   . GLN A 1 4  ? 4.649  -4.039 2.555  1.00 0.00 ? 4  GLN A CA   7  
ATOM   871  C C    . GLN A 1 4  ? 4.269  -2.583 2.714  1.00 0.00 ? 4  GLN A C    7  
ATOM   872  O O    . GLN A 1 4  ? 4.431  -1.953 3.741  1.00 0.00 ? 4  GLN A O    7  
ATOM   873  C CB   . GLN A 1 4  ? 6.125  -4.218 2.286  1.00 0.00 ? 4  GLN A CB   7  
ATOM   874  C CG   . GLN A 1 4  ? 6.617  -5.426 3.059  1.00 0.00 ? 4  GLN A CG   7  
ATOM   875  C CD   . GLN A 1 4  ? 8.059  -5.197 3.517  1.00 0.00 ? 4  GLN A CD   7  
ATOM   876  O OE1  . GLN A 1 4  ? 8.986  -5.715 2.928  1.00 0.00 ? 4  GLN A OE1  7  
ATOM   877  N NE2  . GLN A 1 4  ? 8.287  -4.436 4.554  1.00 0.00 ? 4  GLN A NE2  7  
ATOM   878  H H    . GLN A 1 4  ? 4.476  -5.212 0.785  1.00 0.00 ? 4  GLN A H    7  
ATOM   879  H HA   . GLN A 1 4  ? 4.353  -4.525 3.359  1.00 0.00 ? 4  GLN A HA   7  
ATOM   880  H HB2  . GLN A 1 4  ? 6.268  -4.380 1.225  1.00 0.00 ? 4  GLN A HB2  7  
ATOM   881  H HB3  . GLN A 1 4  ? 6.656  -3.338 2.597  1.00 0.00 ? 4  GLN A HB3  7  
ATOM   882  H HG2  . GLN A 1 4  ? 5.978  -5.578 3.917  1.00 0.00 ? 4  GLN A HG2  7  
ATOM   883  H HG3  . GLN A 1 4  ? 6.573  -6.293 2.419  1.00 0.00 ? 4  GLN A HG3  7  
ATOM   884  H HE21 . GLN A 1 4  ? 7.539  -4.018 5.030  1.00 0.00 ? 4  GLN A HE21 7  
ATOM   885  H HE22 . GLN A 1 4  ? 9.207  -4.283 4.855  1.00 0.00 ? 4  GLN A HE22 7  
ATOM   886  N N    . ASN A 1 5  ? 3.765  -2.107 1.689  1.00 0.00 ? 5  ASN A N    7  
ATOM   887  C CA   . ASN A 1 5  ? 3.290  -0.651 1.607  1.00 0.00 ? 5  ASN A CA   7  
ATOM   888  C C    . ASN A 1 5  ? 1.806  -0.550 1.225  1.00 0.00 ? 5  ASN A C    7  
ATOM   889  O O    . ASN A 1 5  ? 1.176  -1.517 0.855  1.00 0.00 ? 5  ASN A O    7  
ATOM   890  C CB   . ASN A 1 5  ? 4.159  -0.046 0.512  1.00 0.00 ? 5  ASN A CB   7  
ATOM   891  C CG   . ASN A 1 5  ? 4.132  1.481  0.618  1.00 0.00 ? 5  ASN A CG   7  
ATOM   892  O OD1  . ASN A 1 5  ? 3.192  2.114  0.181  1.00 0.00 ? 5  ASN A OD1  7  
ATOM   893  N ND2  . ASN A 1 5  ? 5.130  2.101  1.186  1.00 0.00 ? 5  ASN A ND2  7  
ATOM   894  H H    . ASN A 1 5  ? 3.707  -2.741 0.938  1.00 0.00 ? 5  ASN A H    7  
ATOM   895  H HA   . ASN A 1 5  ? 3.446  -0.107 2.555  1.00 0.00 ? 5  ASN A HA   7  
ATOM   896  H HB2  . ASN A 1 5  ? 5.173  -0.401 0.627  1.00 0.00 ? 5  ASN A HB2  7  
ATOM   897  H HB3  . ASN A 1 5  ? 3.779  -0.347 -0.451 1.00 0.00 ? 5  ASN A HB3  7  
ATOM   898  H HD21 . ASN A 1 5  ? 5.888  1.590  1.538  1.00 0.00 ? 5  ASN A HD21 7  
ATOM   899  H HD22 . ASN A 1 5  ? 5.122  3.077  1.257  1.00 0.00 ? 5  ASN A HD22 7  
ATOM   900  N N    . CYS A 1 6  ? 1.250  0.641  1.341  1.00 0.00 ? 6  CYS A N    7  
ATOM   901  C CA   . CYS A 1 6  ? -0.202 0.867  1.023  1.00 0.00 ? 6  CYS A CA   7  
ATOM   902  C C    . CYS A 1 6  ? -0.397 1.278  -0.443 1.00 0.00 ? 6  CYS A C    7  
ATOM   903  O O    . CYS A 1 6  ? 0.448  1.941  -1.013 1.00 0.00 ? 6  CYS A O    7  
ATOM   904  C CB   . CYS A 1 6  ? -0.624 2.023  1.937  1.00 0.00 ? 6  CYS A CB   7  
ATOM   905  S SG   . CYS A 1 6  ? -0.426 1.575  3.687  1.00 0.00 ? 6  CYS A SG   7  
ATOM   906  H H    . CYS A 1 6  ? 1.791  1.393  1.659  1.00 0.00 ? 6  CYS A H    7  
ATOM   907  H HA   . CYS A 1 6  ? -0.785 0.003  1.249  1.00 0.00 ? 6  CYS A HA   7  
ATOM   908  H HB2  . CYS A 1 6  ? -0.013 2.886  1.721  1.00 0.00 ? 6  CYS A HB2  7  
ATOM   909  H HB3  . CYS A 1 6  ? -1.659 2.265  1.746  1.00 0.00 ? 6  CYS A HB3  7  
ATOM   910  N N    . PRO A 1 7  ? -1.526 0.891  -1.004 1.00 0.00 ? 7  PRO A N    7  
ATOM   911  C CA   . PRO A 1 7  ? -1.849 1.255  -2.421 1.00 0.00 ? 7  PRO A CA   7  
ATOM   912  C C    . PRO A 1 7  ? -2.037 2.734  -2.584 1.00 0.00 ? 7  PRO A C    7  
ATOM   913  O O    . PRO A 1 7  ? -2.072 3.302  -3.658 1.00 0.00 ? 7  PRO A O    7  
ATOM   914  C CB   . PRO A 1 7  ? -3.157 0.527  -2.686 1.00 0.00 ? 7  PRO A CB   7  
ATOM   915  C CG   . PRO A 1 7  ? -3.746 0.406  -1.318 1.00 0.00 ? 7  PRO A CG   7  
ATOM   916  C CD   . PRO A 1 7  ? -2.599 0.080  -0.417 1.00 0.00 ? 7  PRO A CD   7  
ATOM   917  H HA   . PRO A 1 7  ? -1.107 0.953  -3.013 1.00 0.00 ? 7  PRO A HA   7  
ATOM   918  H HB2  . PRO A 1 7  ? -3.795 1.114  -3.333 1.00 0.00 ? 7  PRO A HB2  7  
ATOM   919  H HB3  . PRO A 1 7  ? -2.976 -0.451 -3.103 1.00 0.00 ? 7  PRO A HB3  7  
ATOM   920  H HG2  . PRO A 1 7  ? -4.185 1.353  -1.023 1.00 0.00 ? 7  PRO A HG2  7  
ATOM   921  H HG3  . PRO A 1 7  ? -4.476 -0.377 -1.285 1.00 0.00 ? 7  PRO A HG3  7  
ATOM   922  H HD2  . PRO A 1 7  ? -2.806 0.365  0.604  1.00 0.00 ? 7  PRO A HD2  7  
ATOM   923  H HD3  . PRO A 1 7  ? -2.357 -0.972 -0.485 1.00 0.00 ? 7  PRO A HD3  7  
ATOM   924  N N    . LEU A 1 8  ? -2.155 3.303  -1.500 1.00 0.00 ? 8  LEU A N    7  
ATOM   925  C CA   . LEU A 1 8  ? -2.355 4.775  -1.382 1.00 0.00 ? 8  LEU A CA   7  
ATOM   926  C C    . LEU A 1 8  ? -1.036 5.503  -1.678 1.00 0.00 ? 8  LEU A C    7  
ATOM   927  O O    . LEU A 1 8  ? -0.006 5.197  -1.112 1.00 0.00 ? 8  LEU A O    7  
ATOM   928  C CB   . LEU A 1 8  ? -2.827 4.982  0.071  1.00 0.00 ? 8  LEU A CB   7  
ATOM   929  C CG   . LEU A 1 8  ? -2.002 6.068  0.773  1.00 0.00 ? 8  LEU A CG   7  
ATOM   930  C CD1  . LEU A 1 8  ? -2.311 7.430  0.151  1.00 0.00 ? 8  LEU A CD1  7  
ATOM   931  C CD2  . LEU A 1 8  ? -2.360 6.094  2.262  1.00 0.00 ? 8  LEU A CD2  7  
ATOM   932  H H    . LEU A 1 8  ? -2.108 2.730  -0.739 1.00 0.00 ? 8  LEU A H    7  
ATOM   933  H HA   . LEU A 1 8  ? -3.122 5.102  -2.067 1.00 0.00 ? 8  LEU A HA   7  
ATOM   934  H HB2  . LEU A 1 8  ? -3.865 5.277  0.066  1.00 0.00 ? 8  LEU A HB2  7  
ATOM   935  H HB3  . LEU A 1 8  ? -2.725 4.054  0.612  1.00 0.00 ? 8  LEU A HB3  7  
ATOM   936  H HG   . LEU A 1 8  ? -0.951 5.849  0.657  1.00 0.00 ? 8  LEU A HG   7  
ATOM   937  H HD11 . LEU A 1 8  ? -1.738 7.550  -0.758 1.00 0.00 ? 8  LEU A HD11 7  
ATOM   938  H HD12 . LEU A 1 8  ? -2.049 8.212  0.850  1.00 0.00 ? 8  LEU A HD12 7  
ATOM   939  H HD13 . LEU A 1 8  ? -3.365 7.491  -0.078 1.00 0.00 ? 8  LEU A HD13 7  
ATOM   940  H HD21 . LEU A 1 8  ? -3.285 5.559  2.420  1.00 0.00 ? 8  LEU A HD21 7  
ATOM   941  H HD22 . LEU A 1 8  ? -2.478 7.117  2.586  1.00 0.00 ? 8  LEU A HD22 7  
ATOM   942  H HD23 . LEU A 1 8  ? -1.570 5.625  2.829  1.00 0.00 ? 8  LEU A HD23 7  
ATOM   943  N N    . GLY A 1 9  ? -1.063 6.463  -2.563 1.00 0.00 ? 9  GLY A N    7  
ATOM   944  C CA   . GLY A 1 9  ? 0.185  7.208  -2.892 1.00 0.00 ? 9  GLY A CA   7  
ATOM   945  C C    . GLY A 1 9  ? 0.930  7.553  -1.601 1.00 0.00 ? 9  GLY A C    7  
ATOM   946  O O    . GLY A 1 9  ? 0.378  7.480  -0.521 1.00 0.00 ? 9  GLY A O    7  
ATOM   947  H H    . GLY A 1 9  ? -1.905 6.694  -3.008 1.00 0.00 ? 9  GLY A H    7  
ATOM   948  H HA2  . GLY A 1 9  ? 0.814  6.595  -3.522 1.00 0.00 ? 9  GLY A HA2  7  
ATOM   949  H HA3  . GLY A 1 9  ? -0.067 8.120  -3.412 1.00 0.00 ? 9  GLY A HA3  7  
HETATM 950  N N    . NH2 A 1 10 ? 2.178  7.930  -1.669 1.00 0.00 ? 10 NH2 A N    7  
HETATM 951  H HN1  . NH2 A 1 10 ? 2.626  7.989  -2.539 1.00 0.00 ? 10 NH2 A HN1  7  
HETATM 952  H HN2  . NH2 A 1 10 ? 2.667  8.152  -0.849 1.00 0.00 ? 10 NH2 A HN2  7  
ATOM   953  N N    . CYS A 1 1  ? -3.622 -1.045 3.591  1.00 0.00 ? 1  CYS A N    8  
ATOM   954  C CA   . CYS A 1 1  ? -2.315 -0.909 2.888  1.00 0.00 ? 1  CYS A CA   8  
ATOM   955  C C    . CYS A 1 1  ? -2.248 -1.885 1.711  1.00 0.00 ? 1  CYS A C    8  
ATOM   956  O O    . CYS A 1 1  ? -3.226 -2.523 1.375  1.00 0.00 ? 1  CYS A O    8  
ATOM   957  C CB   . CYS A 1 1  ? -1.264 -1.253 3.944  1.00 0.00 ? 1  CYS A CB   8  
ATOM   958  S SG   . CYS A 1 1  ? 0.158  -0.145 3.777  1.00 0.00 ? 1  CYS A SG   8  
ATOM   959  H H1   . CYS A 1 1  ? -3.588 -1.867 4.227  1.00 0.00 ? 1  CYS A H1   8  
ATOM   960  H H2   . CYS A 1 1  ? -4.380 -1.179 2.891  1.00 0.00 ? 1  CYS A H2   8  
ATOM   961  H H3   . CYS A 1 1  ? -3.809 -0.187 4.147  1.00 0.00 ? 1  CYS A H3   8  
ATOM   962  H HA   . CYS A 1 1  ? -2.180 0.103  2.543  1.00 0.00 ? 1  CYS A HA   8  
ATOM   963  H HB2  . CYS A 1 1  ? -1.693 -1.138 4.927  1.00 0.00 ? 1  CYS A HB2  8  
ATOM   964  H HB3  . CYS A 1 1  ? -0.939 -2.273 3.809  1.00 0.00 ? 1  CYS A HB3  8  
ATOM   965  N N    . TYR A 1 2  ? -1.103 -2.028 1.084  1.00 0.00 ? 2  TYR A N    8  
ATOM   966  C CA   . TYR A 1 2  ? -1.002 -2.983 -0.057 1.00 0.00 ? 2  TYR A CA   8  
ATOM   967  C C    . TYR A 1 2  ? 0.031  -4.036 0.338  1.00 0.00 ? 2  TYR A C    8  
ATOM   968  O O    . TYR A 1 2  ? -0.067 -4.645 1.384  1.00 0.00 ? 2  TYR A O    8  
ATOM   969  C CB   . TYR A 1 2  ? -0.501 -2.173 -1.270 1.00 0.00 ? 2  TYR A CB   8  
ATOM   970  C CG   . TYR A 1 2  ? -0.619 -2.998 -2.535 1.00 0.00 ? 2  TYR A CG   8  
ATOM   971  C CD1  . TYR A 1 2  ? -0.200 -2.454 -3.755 1.00 0.00 ? 2  TYR A CD1  8  
ATOM   972  C CD2  . TYR A 1 2  ? -1.145 -4.297 -2.493 1.00 0.00 ? 2  TYR A CD2  8  
ATOM   973  C CE1  . TYR A 1 2  ? -0.303 -3.208 -4.931 1.00 0.00 ? 2  TYR A CE1  8  
ATOM   974  C CE2  . TYR A 1 2  ? -1.249 -5.048 -3.670 1.00 0.00 ? 2  TYR A CE2  8  
ATOM   975  C CZ   . TYR A 1 2  ? -0.829 -4.502 -4.889 1.00 0.00 ? 2  TYR A CZ   8  
ATOM   976  O OH   . TYR A 1 2  ? -0.932 -5.243 -6.049 1.00 0.00 ? 2  TYR A OH   8  
ATOM   977  H H    . TYR A 1 2  ? -0.301 -1.523 1.377  1.00 0.00 ? 2  TYR A H    8  
ATOM   978  H HA   . TYR A 1 2  ? -1.967 -3.413 -0.263 1.00 0.00 ? 2  TYR A HA   8  
ATOM   979  H HB2  . TYR A 1 2  ? -1.078 -1.281 -1.382 1.00 0.00 ? 2  TYR A HB2  8  
ATOM   980  H HB3  . TYR A 1 2  ? 0.534  -1.907 -1.116 1.00 0.00 ? 2  TYR A HB3  8  
ATOM   981  H HD1  . TYR A 1 2  ? 0.208  -1.452 -3.789 1.00 0.00 ? 2  TYR A HD1  8  
ATOM   982  H HD2  . TYR A 1 2  ? -1.470 -4.719 -1.554 1.00 0.00 ? 2  TYR A HD2  8  
ATOM   983  H HE1  . TYR A 1 2  ? 0.020  -2.786 -5.872 1.00 0.00 ? 2  TYR A HE1  8  
ATOM   984  H HE2  . TYR A 1 2  ? -1.654 -6.048 -3.638 1.00 0.00 ? 2  TYR A HE2  8  
ATOM   985  H HH   . TYR A 1 2  ? -1.237 -6.122 -5.813 1.00 0.00 ? 2  TYR A HH   8  
ATOM   986  N N    . ILE A 1 3  ? 1.077  -4.178 -0.428 1.00 0.00 ? 3  ILE A N    8  
ATOM   987  C CA   . ILE A 1 3  ? 2.164  -5.096 -0.003 1.00 0.00 ? 3  ILE A CA   8  
ATOM   988  C C    . ILE A 1 3  ? 2.699  -4.480 1.242  1.00 0.00 ? 3  ILE A C    8  
ATOM   989  O O    . ILE A 1 3  ? 2.006  -3.819 1.986  1.00 0.00 ? 3  ILE A O    8  
ATOM   990  C CB   . ILE A 1 3  ? 3.256  -5.094 -1.099 1.00 0.00 ? 3  ILE A CB   8  
ATOM   991  C CG1  . ILE A 1 3  ? 2.686  -4.667 -2.452 1.00 0.00 ? 3  ILE A CG1  8  
ATOM   992  C CG2  . ILE A 1 3  ? 3.842  -6.503 -1.215 1.00 0.00 ? 3  ILE A CG2  8  
ATOM   993  C CD1  . ILE A 1 3  ? 3.630  -5.088 -3.583 1.00 0.00 ? 3  ILE A CD1  8  
ATOM   994  H H    . ILE A 1 3  ? 1.185  -3.621 -1.214 1.00 0.00 ? 3  ILE A H    8  
ATOM   995  H HA   . ILE A 1 3  ? 1.844  -6.084 0.201  1.00 0.00 ? 3  ILE A HA   8  
ATOM   996  H HB   . ILE A 1 3  ? 4.042  -4.410 -0.810 1.00 0.00 ? 3  ILE A HB   8  
ATOM   997  H HG12 . ILE A 1 3  ? 1.724  -5.130 -2.592 1.00 0.00 ? 3  ILE A HG12 8  
ATOM   998  H HG13 . ILE A 1 3  ? 2.577  -3.593 -2.459 1.00 0.00 ? 3  ILE A HG13 8  
ATOM   999  H HG21 . ILE A 1 3  ? 3.989  -6.916 -0.228 1.00 0.00 ? 3  ILE A HG21 8  
ATOM   1000 H HG22 . ILE A 1 3  ? 4.789  -6.458 -1.731 1.00 0.00 ? 3  ILE A HG22 8  
ATOM   1001 H HG23 . ILE A 1 3  ? 3.161  -7.133 -1.769 1.00 0.00 ? 3  ILE A HG23 8  
ATOM   1002 H HD11 . ILE A 1 3  ? 4.651  -5.058 -3.230 1.00 0.00 ? 3  ILE A HD11 8  
ATOM   1003 H HD12 . ILE A 1 3  ? 3.519  -4.409 -4.415 1.00 0.00 ? 3  ILE A HD12 8  
ATOM   1004 H HD13 . ILE A 1 3  ? 3.388  -6.092 -3.901 1.00 0.00 ? 3  ILE A HD13 8  
ATOM   1005 N N    . GLN A 1 4  ? 3.927  -4.643 1.446  1.00 0.00 ? 4  GLN A N    8  
ATOM   1006 C CA   . GLN A 1 4  ? 4.562  -4.027 2.617  1.00 0.00 ? 4  GLN A CA   8  
ATOM   1007 C C    . GLN A 1 4  ? 4.211  -2.562 2.751  1.00 0.00 ? 4  GLN A C    8  
ATOM   1008 O O    . GLN A 1 4  ? 4.378  -1.917 3.768  1.00 0.00 ? 4  GLN A O    8  
ATOM   1009 C CB   . GLN A 1 4  ? 6.039  -4.235 2.395  1.00 0.00 ? 4  GLN A CB   8  
ATOM   1010 C CG   . GLN A 1 4  ? 6.479  -5.486 3.138  1.00 0.00 ? 4  GLN A CG   8  
ATOM   1011 C CD   . GLN A 1 4  ? 7.870  -5.269 3.737  1.00 0.00 ? 4  GLN A CD   8  
ATOM   1012 O OE1  . GLN A 1 4  ? 8.865  -5.404 3.054  1.00 0.00 ? 4  GLN A OE1  8  
ATOM   1013 N NE2  . GLN A 1 4  ? 7.982  -4.938 4.994  1.00 0.00 ? 4  GLN A NE2  8  
ATOM   1014 H H    . GLN A 1 4  ? 4.435  -5.162 0.822  1.00 0.00 ? 4  GLN A H    8  
ATOM   1015 H HA   . GLN A 1 4  ? 4.229  -4.505 3.412  1.00 0.00 ? 4  GLN A HA   8  
ATOM   1016 H HB2  . GLN A 1 4  ? 6.216  -4.360 1.333  1.00 0.00 ? 4  GLN A HB2  8  
ATOM   1017 H HB3  . GLN A 1 4  ? 6.579  -3.381 2.758  1.00 0.00 ? 4  GLN A HB3  8  
ATOM   1018 H HG2  . GLN A 1 4  ? 5.770  -5.692 3.926  1.00 0.00 ? 4  GLN A HG2  8  
ATOM   1019 H HG3  . GLN A 1 4  ? 6.506  -6.314 2.449  1.00 0.00 ? 4  GLN A HG3  8  
ATOM   1020 H HE21 . GLN A 1 4  ? 7.179  -4.828 5.544  1.00 0.00 ? 4  GLN A HE21 8  
ATOM   1021 H HE22 . GLN A 1 4  ? 8.869  -4.796 5.387  1.00 0.00 ? 4  GLN A HE22 8  
ATOM   1022 N N    . ASN A 1 5  ? 3.729  -2.095 1.709  1.00 0.00 ? 5  ASN A N    8  
ATOM   1023 C CA   . ASN A 1 5  ? 3.287  -0.635 1.591  1.00 0.00 ? 5  ASN A CA   8  
ATOM   1024 C C    . ASN A 1 5  ? 1.807  -0.518 1.207  1.00 0.00 ? 5  ASN A C    8  
ATOM   1025 O O    . ASN A 1 5  ? 1.177  -1.477 0.820  1.00 0.00 ? 5  ASN A O    8  
ATOM   1026 C CB   . ASN A 1 5  ? 4.167  -0.073 0.479  1.00 0.00 ? 5  ASN A CB   8  
ATOM   1027 C CG   . ASN A 1 5  ? 4.127  1.456  0.513  1.00 0.00 ? 5  ASN A CG   8  
ATOM   1028 O OD1  . ASN A 1 5  ? 3.475  2.041  1.354  1.00 0.00 ? 5  ASN A OD1  8  
ATOM   1029 N ND2  . ASN A 1 5  ? 4.803  2.133  -0.375 1.00 0.00 ? 5  ASN A ND2  8  
ATOM   1030 H H    . ASN A 1 5  ? 3.667  -2.742 0.969  1.00 0.00 ? 5  ASN A H    8  
ATOM   1031 H HA   . ASN A 1 5  ? 3.453  -0.068 2.523  1.00 0.00 ? 5  ASN A HA   8  
ATOM   1032 H HB2  . ASN A 1 5  ? 5.181  -0.414 0.620  1.00 0.00 ? 5  ASN A HB2  8  
ATOM   1033 H HB3  . ASN A 1 5  ? 3.800  -0.421 -0.477 1.00 0.00 ? 5  ASN A HB3  8  
ATOM   1034 H HD21 . ASN A 1 5  ? 5.330  1.662  -1.054 1.00 0.00 ? 5  ASN A HD21 8  
ATOM   1035 H HD22 . ASN A 1 5  ? 4.785  3.113  -0.361 1.00 0.00 ? 5  ASN A HD22 8  
ATOM   1036 N N    . CYS A 1 6  ? 1.258  0.670  1.344  1.00 0.00 ? 6  CYS A N    8  
ATOM   1037 C CA   . CYS A 1 6  ? -0.190 0.911  1.028  1.00 0.00 ? 6  CYS A CA   8  
ATOM   1038 C C    . CYS A 1 6  ? -0.392 1.216  -0.461 1.00 0.00 ? 6  CYS A C    8  
ATOM   1039 O O    . CYS A 1 6  ? 0.452  1.829  -1.083 1.00 0.00 ? 6  CYS A O    8  
ATOM   1040 C CB   . CYS A 1 6  ? -0.558 2.140  1.866  1.00 0.00 ? 6  CYS A CB   8  
ATOM   1041 S SG   . CYS A 1 6  ? -0.644 1.707  3.630  1.00 0.00 ? 6  CYS A SG   8  
ATOM   1042 H H    . CYS A 1 6  ? 1.804  1.413  1.675  1.00 0.00 ? 6  CYS A H    8  
ATOM   1043 H HA   . CYS A 1 6  ? -0.794 0.082  1.326  1.00 0.00 ? 6  CYS A HA   8  
ATOM   1044 H HB2  . CYS A 1 6  ? 0.189  2.904  1.723  1.00 0.00 ? 6  CYS A HB2  8  
ATOM   1045 H HB3  . CYS A 1 6  ? -1.519 2.515  1.543  1.00 0.00 ? 6  CYS A HB3  8  
ATOM   1046 N N    . PRO A 1 7  ? -1.527 0.798  -0.988 1.00 0.00 ? 7  PRO A N    8  
ATOM   1047 C CA   . PRO A 1 7  ? -1.853 1.060  -2.428 1.00 0.00 ? 7  PRO A CA   8  
ATOM   1048 C C    . PRO A 1 7  ? -2.004 2.526  -2.708 1.00 0.00 ? 7  PRO A C    8  
ATOM   1049 O O    . PRO A 1 7  ? -2.027 3.006  -3.824 1.00 0.00 ? 7  PRO A O    8  
ATOM   1050 C CB   . PRO A 1 7  ? -3.182 0.347  -2.626 1.00 0.00 ? 7  PRO A CB   8  
ATOM   1051 C CG   . PRO A 1 7  ? -3.759 0.344  -1.248 1.00 0.00 ? 7  PRO A CG   8  
ATOM   1052 C CD   . PRO A 1 7  ? -2.608 0.041  -0.343 1.00 0.00 ? 7  PRO A CD   8  
ATOM   1053 H HA   . PRO A 1 7  ? -1.124 0.695  -2.999 1.00 0.00 ? 7  PRO A HA   8  
ATOM   1054 H HB2  . PRO A 1 7  ? -3.812 0.900  -3.311 1.00 0.00 ? 7  PRO A HB2  8  
ATOM   1055 H HB3  . PRO A 1 7  ? -3.029 -0.662 -2.971 1.00 0.00 ? 7  PRO A HB3  8  
ATOM   1056 H HG2  . PRO A 1 7  ? -4.162 1.322  -1.016 1.00 0.00 ? 7  PRO A HG2  8  
ATOM   1057 H HG3  . PRO A 1 7  ? -4.512 -0.411 -1.152 1.00 0.00 ? 7  PRO A HG3  8  
ATOM   1058 H HD2  . PRO A 1 7  ? -2.796 0.383  0.661  1.00 0.00 ? 7  PRO A HD2  8  
ATOM   1059 H HD3  . PRO A 1 7  ? -2.390 -1.016 -0.361 1.00 0.00 ? 7  PRO A HD3  8  
ATOM   1060 N N    . LEU A 1 8  ? -2.101 3.183  -1.674 1.00 0.00 ? 8  LEU A N    8  
ATOM   1061 C CA   . LEU A 1 8  ? -2.262 4.664  -1.676 1.00 0.00 ? 8  LEU A CA   8  
ATOM   1062 C C    . LEU A 1 8  ? -0.886 5.333  -1.544 1.00 0.00 ? 8  LEU A C    8  
ATOM   1063 O O    . LEU A 1 8  ? -0.111 5.016  -0.662 1.00 0.00 ? 8  LEU A O    8  
ATOM   1064 C CB   . LEU A 1 8  ? -3.168 4.951  -0.464 1.00 0.00 ? 8  LEU A CB   8  
ATOM   1065 C CG   . LEU A 1 8  ? -2.631 6.125  0.360  1.00 0.00 ? 8  LEU A CG   8  
ATOM   1066 C CD1  . LEU A 1 8  ? -2.681 7.405  -0.478 1.00 0.00 ? 8  LEU A CD1  8  
ATOM   1067 C CD2  . LEU A 1 8  ? -3.490 6.303  1.614  1.00 0.00 ? 8  LEU A CD2  8  
ATOM   1068 H H    . LEU A 1 8  ? -2.068 2.674  -0.868 1.00 0.00 ? 8  LEU A H    8  
ATOM   1069 H HA   . LEU A 1 8  ? -2.748 4.985  -2.582 1.00 0.00 ? 8  LEU A HA   8  
ATOM   1070 H HB2  . LEU A 1 8  ? -4.162 5.187  -0.813 1.00 0.00 ? 8  LEU A HB2  8  
ATOM   1071 H HB3  . LEU A 1 8  ? -3.214 4.070  0.161  1.00 0.00 ? 8  LEU A HB3  8  
ATOM   1072 H HG   . LEU A 1 8  ? -1.611 5.920  0.647  1.00 0.00 ? 8  LEU A HG   8  
ATOM   1073 H HD11 . LEU A 1 8  ? -2.048 8.155  -0.028 1.00 0.00 ? 8  LEU A HD11 8  
ATOM   1074 H HD12 . LEU A 1 8  ? -3.698 7.768  -0.519 1.00 0.00 ? 8  LEU A HD12 8  
ATOM   1075 H HD13 . LEU A 1 8  ? -2.335 7.192  -1.478 1.00 0.00 ? 8  LEU A HD13 8  
ATOM   1076 H HD21 . LEU A 1 8  ? -4.312 5.602  1.591  1.00 0.00 ? 8  LEU A HD21 8  
ATOM   1077 H HD22 . LEU A 1 8  ? -3.877 7.311  1.645  1.00 0.00 ? 8  LEU A HD22 8  
ATOM   1078 H HD23 . LEU A 1 8  ? -2.886 6.122  2.492  1.00 0.00 ? 8  LEU A HD23 8  
ATOM   1079 N N    . GLY A 1 9  ? -0.578 6.256  -2.415 1.00 0.00 ? 9  GLY A N    8  
ATOM   1080 C CA   . GLY A 1 9  ? 0.743  6.944  -2.338 1.00 0.00 ? 9  GLY A CA   8  
ATOM   1081 C C    . GLY A 1 9  ? 0.670  8.276  -3.085 1.00 0.00 ? 9  GLY A C    8  
ATOM   1082 O O    . GLY A 1 9  ? 1.117  9.294  -2.591 1.00 0.00 ? 9  GLY A O    8  
ATOM   1083 H H    . GLY A 1 9  ? -1.218 6.498  -3.118 1.00 0.00 ? 9  GLY A H    8  
ATOM   1084 H HA2  . GLY A 1 9  ? 0.995  7.122  -1.302 1.00 0.00 ? 9  GLY A HA2  8  
ATOM   1085 H HA3  . GLY A 1 9  ? 1.498  6.320  -2.792 1.00 0.00 ? 9  GLY A HA3  8  
HETATM 1086 N N    . NH2 A 1 10 ? 0.120  8.316  -4.266 1.00 0.00 ? 10 NH2 A N    8  
HETATM 1087 H HN1  . NH2 A 1 10 ? -0.241 7.498  -4.668 1.00 0.00 ? 10 NH2 A HN1  8  
HETATM 1088 H HN2  . NH2 A 1 10 ? 0.067  9.165  -4.755 1.00 0.00 ? 10 NH2 A HN2  8  
ATOM   1089 N N    . CYS A 1 1  ? -3.560 -1.160 3.642  1.00 0.00 ? 1  CYS A N    9  
ATOM   1090 C CA   . CYS A 1 1  ? -2.399 -0.810 2.774  1.00 0.00 ? 1  CYS A CA   9  
ATOM   1091 C C    . CYS A 1 1  ? -2.286 -1.810 1.616  1.00 0.00 ? 1  CYS A C    9  
ATOM   1092 O O    . CYS A 1 1  ? -3.266 -2.402 1.206  1.00 0.00 ? 1  CYS A O    9  
ATOM   1093 C CB   . CYS A 1 1  ? -1.185 -0.877 3.702  1.00 0.00 ? 1  CYS A CB   9  
ATOM   1094 S SG   . CYS A 1 1  ? -1.107 0.645  4.679  1.00 0.00 ? 1  CYS A SG   9  
ATOM   1095 H H1   . CYS A 1 1  ? -3.336 -2.012 4.193  1.00 0.00 ? 1  CYS A H1   9  
ATOM   1096 H H2   . CYS A 1 1  ? -4.394 -1.340 3.046  1.00 0.00 ? 1  CYS A H2   9  
ATOM   1097 H H3   . CYS A 1 1  ? -3.759 -0.374 4.292  1.00 0.00 ? 1  CYS A H3   9  
ATOM   1098 H HA   . CYS A 1 1  ? -2.512 0.194  2.393  1.00 0.00 ? 1  CYS A HA   9  
ATOM   1099 H HB2  . CYS A 1 1  ? -1.281 -1.725 4.363  1.00 0.00 ? 1  CYS A HB2  9  
ATOM   1100 H HB3  . CYS A 1 1  ? -0.284 -0.974 3.119  1.00 0.00 ? 1  CYS A HB3  9  
ATOM   1101 N N    . TYR A 1 2  ? -1.110 -2.008 1.077  1.00 0.00 ? 2  TYR A N    9  
ATOM   1102 C CA   . TYR A 1 2  ? -0.959 -2.966 -0.050 1.00 0.00 ? 2  TYR A CA   9  
ATOM   1103 C C    . TYR A 1 2  ? 0.068  -4.007 0.389  1.00 0.00 ? 2  TYR A C    9  
ATOM   1104 O O    . TYR A 1 2  ? 0.001  -4.510 1.493  1.00 0.00 ? 2  TYR A O    9  
ATOM   1105 C CB   . TYR A 1 2  ? -0.415 -2.126 -1.219 1.00 0.00 ? 2  TYR A CB   9  
ATOM   1106 C CG   . TYR A 1 2  ? -0.967 -2.640 -2.529 1.00 0.00 ? 2  TYR A CG   9  
ATOM   1107 C CD1  . TYR A 1 2  ? -0.927 -1.828 -3.671 1.00 0.00 ? 2  TYR A CD1  9  
ATOM   1108 C CD2  . TYR A 1 2  ? -1.516 -3.927 -2.607 1.00 0.00 ? 2  TYR A CD2  9  
ATOM   1109 C CE1  . TYR A 1 2  ? -1.436 -2.302 -4.886 1.00 0.00 ? 2  TYR A CE1  9  
ATOM   1110 C CE2  . TYR A 1 2  ? -2.024 -4.401 -3.823 1.00 0.00 ? 2  TYR A CE2  9  
ATOM   1111 C CZ   . TYR A 1 2  ? -1.984 -3.588 -4.962 1.00 0.00 ? 2  TYR A CZ   9  
ATOM   1112 O OH   . TYR A 1 2  ? -2.482 -4.055 -6.161 1.00 0.00 ? 2  TYR A OH   9  
ATOM   1113 H H    . TYR A 1 2  ? -0.310 -1.532 1.416  1.00 0.00 ? 2  TYR A H    9  
ATOM   1114 H HA   . TYR A 1 2  ? -1.910 -3.404 -0.303 1.00 0.00 ? 2  TYR A HA   9  
ATOM   1115 H HB2  . TYR A 1 2  ? -0.697 -1.098 -1.091 1.00 0.00 ? 2  TYR A HB2  9  
ATOM   1116 H HB3  . TYR A 1 2  ? 0.660  -2.184 -1.237 1.00 0.00 ? 2  TYR A HB3  9  
ATOM   1117 H HD1  . TYR A 1 2  ? -0.504 -0.837 -3.612 1.00 0.00 ? 2  TYR A HD1  9  
ATOM   1118 H HD2  . TYR A 1 2  ? -1.547 -4.555 -1.729 1.00 0.00 ? 2  TYR A HD2  9  
ATOM   1119 H HE1  . TYR A 1 2  ? -1.403 -1.677 -5.765 1.00 0.00 ? 2  TYR A HE1  9  
ATOM   1120 H HE2  . TYR A 1 2  ? -2.446 -5.392 -3.883 1.00 0.00 ? 2  TYR A HE2  9  
ATOM   1121 H HH   . TYR A 1 2  ? -2.021 -4.868 -6.378 1.00 0.00 ? 2  TYR A HH   9  
ATOM   1122 N N    . ILE A 1 3  ? 1.065  -4.258 -0.412 1.00 0.00 ? 3  ILE A N    9  
ATOM   1123 C CA   . ILE A 1 3  ? 2.153  -5.163 0.045  1.00 0.00 ? 3  ILE A CA   9  
ATOM   1124 C C    . ILE A 1 3  ? 2.717  -4.496 1.259  1.00 0.00 ? 3  ILE A C    9  
ATOM   1125 O O    . ILE A 1 3  ? 2.051  -3.786 1.983  1.00 0.00 ? 3  ILE A O    9  
ATOM   1126 C CB   . ILE A 1 3  ? 3.237  -5.209 -1.055 1.00 0.00 ? 3  ILE A CB   9  
ATOM   1127 C CG1  . ILE A 1 3  ? 2.686  -4.814 -2.425 1.00 0.00 ? 3  ILE A CG1  9  
ATOM   1128 C CG2  . ILE A 1 3  ? 3.797  -6.628 -1.144 1.00 0.00 ? 3  ILE A CG2  9  
ATOM   1129 C CD1  . ILE A 1 3  ? 1.419  -5.620 -2.723 1.00 0.00 ? 3  ILE A CD1  9  
ATOM   1130 H H    . ILE A 1 3  ? 1.135  -3.795 -1.259 1.00 0.00 ? 3  ILE A H    9  
ATOM   1131 H HA   . ILE A 1 3  ? 1.834  -6.140 0.295  1.00 0.00 ? 3  ILE A HA   9  
ATOM   1132 H HB   . ILE A 1 3  ? 4.037  -4.533 -0.786 1.00 0.00 ? 3  ILE A HB   9  
ATOM   1133 H HG12 . ILE A 1 3  ? 2.459  -3.756 -2.428 1.00 0.00 ? 3  ILE A HG12 9  
ATOM   1134 H HG13 . ILE A 1 3  ? 3.429  -5.019 -3.177 1.00 0.00 ? 3  ILE A HG13 9  
ATOM   1135 H HG21 . ILE A 1 3  ? 4.127  -6.947 -0.167 1.00 0.00 ? 3  ILE A HG21 9  
ATOM   1136 H HG22 . ILE A 1 3  ? 4.632  -6.642 -1.830 1.00 0.00 ? 3  ILE A HG22 9  
ATOM   1137 H HG23 . ILE A 1 3  ? 3.028  -7.297 -1.500 1.00 0.00 ? 3  ILE A HG23 9  
ATOM   1138 H HD11 . ILE A 1 3  ? 0.552  -4.998 -2.564 1.00 0.00 ? 3  ILE A HD11 9  
ATOM   1139 H HD12 . ILE A 1 3  ? 1.375  -6.475 -2.064 1.00 0.00 ? 3  ILE A HD12 9  
ATOM   1140 H HD13 . ILE A 1 3  ? 1.441  -5.956 -3.749 1.00 0.00 ? 3  ILE A HD13 9  
ATOM   1141 N N    . GLN A 1 4  ? 3.944  -4.674 1.469  1.00 0.00 ? 4  GLN A N    9  
ATOM   1142 C CA   . GLN A 1 4  ? 4.594  -4.015 2.610  1.00 0.00 ? 4  GLN A CA   9  
ATOM   1143 C C    . GLN A 1 4  ? 4.226  -2.551 2.720  1.00 0.00 ? 4  GLN A C    9  
ATOM   1144 O O    . GLN A 1 4  ? 4.387  -1.890 3.726  1.00 0.00 ? 4  GLN A O    9  
ATOM   1145 C CB   . GLN A 1 4  ? 6.071  -4.216 2.370  1.00 0.00 ? 4  GLN A CB   9  
ATOM   1146 C CG   . GLN A 1 4  ? 6.537  -5.416 3.174  1.00 0.00 ? 4  GLN A CG   9  
ATOM   1147 C CD   . GLN A 1 4  ? 8.048  -5.331 3.404  1.00 0.00 ? 4  GLN A CD   9  
ATOM   1148 O OE1  . GLN A 1 4  ? 8.763  -6.289 3.184  1.00 0.00 ? 4  GLN A OE1  9  
ATOM   1149 N NE2  . GLN A 1 4  ? 8.568  -4.218 3.843  1.00 0.00 ? 4  GLN A NE2  9  
ATOM   1150 H H    . GLN A 1 4  ? 4.442  -5.236 0.872  1.00 0.00 ? 4  GLN A H    9  
ATOM   1151 H HA   . GLN A 1 4  ? 4.283  -4.473 3.425  1.00 0.00 ? 4  GLN A HA   9  
ATOM   1152 H HB2  . GLN A 1 4  ? 6.229  -4.399 1.313  1.00 0.00 ? 4  GLN A HB2  9  
ATOM   1153 H HB3  . GLN A 1 4  ? 6.607  -3.337 2.672  1.00 0.00 ? 4  GLN A HB3  9  
ATOM   1154 H HG2  . GLN A 1 4  ? 6.023  -5.422 4.121  1.00 0.00 ? 4  GLN A HG2  9  
ATOM   1155 H HG3  . GLN A 1 4  ? 6.305  -6.315 2.627  1.00 0.00 ? 4  GLN A HG3  9  
ATOM   1156 H HE21 . GLN A 1 4  ? 7.992  -3.446 4.023  1.00 0.00 ? 4  GLN A HE21 9  
ATOM   1157 H HE22 . GLN A 1 4  ? 9.535  -4.154 3.994  1.00 0.00 ? 4  GLN A HE22 9  
ATOM   1158 N N    . ASN A 1 5  ? 3.740  -2.101 1.673  1.00 0.00 ? 5  ASN A N    9  
ATOM   1159 C CA   . ASN A 1 5  ? 3.285  -0.645 1.540  1.00 0.00 ? 5  ASN A CA   9  
ATOM   1160 C C    . ASN A 1 5  ? 1.797  -0.530 1.159  1.00 0.00 ? 5  ASN A C    9  
ATOM   1161 O O    . ASN A 1 5  ? 1.185  -1.462 0.685  1.00 0.00 ? 5  ASN A O    9  
ATOM   1162 C CB   . ASN A 1 5  ? 4.157  -0.089 0.420  1.00 0.00 ? 5  ASN A CB   9  
ATOM   1163 C CG   . ASN A 1 5  ? 3.997  1.431  0.351  1.00 0.00 ? 5  ASN A CG   9  
ATOM   1164 O OD1  . ASN A 1 5  ? 4.476  2.144  1.209  1.00 0.00 ? 5  ASN A OD1  9  
ATOM   1165 N ND2  . ASN A 1 5  ? 3.337  1.960  -0.643 1.00 0.00 ? 5  ASN A ND2  9  
ATOM   1166 H H    . ASN A 1 5  ? 3.683  -2.760 0.941  1.00 0.00 ? 5  ASN A H    9  
ATOM   1167 H HA   . ASN A 1 5  ? 3.455  -0.068 2.466  1.00 0.00 ? 5  ASN A HA   9  
ATOM   1168 H HB2  . ASN A 1 5  ? 5.191  -0.339 0.617  1.00 0.00 ? 5  ASN A HB2  9  
ATOM   1169 H HB3  . ASN A 1 5  ? 3.853  -0.528 -0.519 1.00 0.00 ? 5  ASN A HB3  9  
ATOM   1170 H HD21 . ASN A 1 5  ? 2.950  1.386  -1.336 1.00 0.00 ? 5  ASN A HD21 9  
ATOM   1171 H HD22 . ASN A 1 5  ? 3.227  2.933  -0.697 1.00 0.00 ? 5  ASN A HD22 9  
ATOM   1172 N N    . CYS A 1 6  ? 1.230  0.639  1.388  1.00 0.00 ? 6  CYS A N    9  
ATOM   1173 C CA   . CYS A 1 6  ? -0.220 0.898  1.079  1.00 0.00 ? 6  CYS A CA   9  
ATOM   1174 C C    . CYS A 1 6  ? -0.402 1.332  -0.380 1.00 0.00 ? 6  CYS A C    9  
ATOM   1175 O O    . CYS A 1 6  ? 0.431  2.036  -0.916 1.00 0.00 ? 6  CYS A O    9  
ATOM   1176 C CB   . CYS A 1 6  ? -0.626 2.046  2.016  1.00 0.00 ? 6  CYS A CB   9  
ATOM   1177 S SG   . CYS A 1 6  ? 0.153  1.840  3.646  1.00 0.00 ? 6  CYS A SG   9  
ATOM   1178 H H    . CYS A 1 6  ? 1.768  1.360  1.777  1.00 0.00 ? 6  CYS A H    9  
ATOM   1179 H HA   . CYS A 1 6  ? -0.819 0.043  1.288  1.00 0.00 ? 6  CYS A HA   9  
ATOM   1180 H HB2  . CYS A 1 6  ? -0.310 2.984  1.587  1.00 0.00 ? 6  CYS A HB2  9  
ATOM   1181 H HB3  . CYS A 1 6  ? -1.700 2.050  2.133  1.00 0.00 ? 6  CYS A HB3  9  
ATOM   1182 N N    . PRO A 1 7  ? -1.505 0.923  -0.979 1.00 0.00 ? 7  PRO A N    9  
ATOM   1183 C CA   . PRO A 1 7  ? -1.794 1.315  -2.393 1.00 0.00 ? 7  PRO A CA   9  
ATOM   1184 C C    . PRO A 1 7  ? -2.019 2.793  -2.514 1.00 0.00 ? 7  PRO A C    9  
ATOM   1185 O O    . PRO A 1 7  ? -2.020 3.401  -3.567 1.00 0.00 ? 7  PRO A O    9  
ATOM   1186 C CB   . PRO A 1 7  ? -3.069 0.555  -2.722 1.00 0.00 ? 7  PRO A CB   9  
ATOM   1187 C CG   . PRO A 1 7  ? -3.702 0.370  -1.382 1.00 0.00 ? 7  PRO A CG   9  
ATOM   1188 C CD   . PRO A 1 7  ? -2.576 0.070  -0.444 1.00 0.00 ? 7  PRO A CD   9  
ATOM   1189 H HA   . PRO A 1 7  ? -1.023 1.056  -2.967 1.00 0.00 ? 7  PRO A HA   9  
ATOM   1190 H HB2  . PRO A 1 7  ? -3.704 1.141  -3.375 1.00 0.00 ? 7  PRO A HB2  9  
ATOM   1191 H HB3  . PRO A 1 7  ? -2.842 -0.402 -3.164 1.00 0.00 ? 7  PRO A HB3  9  
ATOM   1192 H HG2  . PRO A 1 7  ? -4.195 1.286  -1.080 1.00 0.00 ? 7  PRO A HG2  9  
ATOM   1193 H HG3  . PRO A 1 7  ? -4.395 -0.447 -1.399 1.00 0.00 ? 7  PRO A HG3  9  
ATOM   1194 H HD2  . PRO A 1 7  ? -2.830 0.336  0.570  1.00 0.00 ? 7  PRO A HD2  9  
ATOM   1195 H HD3  . PRO A 1 7  ? -2.301 -0.973 -0.512 1.00 0.00 ? 7  PRO A HD3  9  
ATOM   1196 N N    . LEU A 1 8  ? -2.202 3.316  -1.413 1.00 0.00 ? 8  LEU A N    9  
ATOM   1197 C CA   . LEU A 1 8  ? -2.452 4.771  -1.244 1.00 0.00 ? 8  LEU A CA   9  
ATOM   1198 C C    . LEU A 1 8  ? -1.129 5.547  -1.337 1.00 0.00 ? 8  LEU A C    9  
ATOM   1199 O O    . LEU A 1 8  ? -0.063 5.001  -1.133 1.00 0.00 ? 8  LEU A O    9  
ATOM   1200 C CB   . LEU A 1 8  ? -3.100 4.875  0.149  1.00 0.00 ? 8  LEU A CB   9  
ATOM   1201 C CG   . LEU A 1 8  ? -2.179 5.587  1.149  1.00 0.00 ? 8  LEU A CG   9  
ATOM   1202 C CD1  . LEU A 1 8  ? -2.291 7.100  0.960  1.00 0.00 ? 8  LEU A CD1  9  
ATOM   1203 C CD2  . LEU A 1 8  ? -2.597 5.221  2.576  1.00 0.00 ? 8  LEU A CD2  9  
ATOM   1204 H H    . LEU A 1 8  ? -2.177 2.716  -0.674 1.00 0.00 ? 8  LEU A H    9  
ATOM   1205 H HA   . LEU A 1 8  ? -3.143 5.122  -1.995 1.00 0.00 ? 8  LEU A HA   9  
ATOM   1206 H HB2  . LEU A 1 8  ? -4.027 5.421  0.068  1.00 0.00 ? 8  LEU A HB2  9  
ATOM   1207 H HB3  . LEU A 1 8  ? -3.309 3.875  0.511  1.00 0.00 ? 8  LEU A HB3  9  
ATOM   1208 H HG   . LEU A 1 8  ? -1.157 5.277  0.981  1.00 0.00 ? 8  LEU A HG   9  
ATOM   1209 H HD11 . LEU A 1 8  ? -1.315 7.549  1.071  1.00 0.00 ? 8  LEU A HD11 9  
ATOM   1210 H HD12 . LEU A 1 8  ? -2.960 7.508  1.702  1.00 0.00 ? 8  LEU A HD12 9  
ATOM   1211 H HD13 . LEU A 1 8  ? -2.674 7.312  -0.028 1.00 0.00 ? 8  LEU A HD13 9  
ATOM   1212 H HD21 . LEU A 1 8  ? -3.648 5.433  2.708  1.00 0.00 ? 8  LEU A HD21 9  
ATOM   1213 H HD22 . LEU A 1 8  ? -2.022 5.804  3.279  1.00 0.00 ? 8  LEU A HD22 9  
ATOM   1214 H HD23 . LEU A 1 8  ? -2.419 4.170  2.745  1.00 0.00 ? 8  LEU A HD23 9  
ATOM   1215 N N    . GLY A 1 9  ? -1.193 6.815  -1.641 1.00 0.00 ? 9  GLY A N    9  
ATOM   1216 C CA   . GLY A 1 9  ? 0.056  7.622  -1.743 1.00 0.00 ? 9  GLY A CA   9  
ATOM   1217 C C    . GLY A 1 9  ? 0.278  8.391  -0.441 1.00 0.00 ? 9  GLY A C    9  
ATOM   1218 O O    . GLY A 1 9  ? 1.209  8.127  0.290  1.00 0.00 ? 9  GLY A O    9  
ATOM   1219 H H    . GLY A 1 9  ? -2.063 7.238  -1.800 1.00 0.00 ? 9  GLY A H    9  
ATOM   1220 H HA2  . GLY A 1 9  ? 0.895  6.963  -1.923 1.00 0.00 ? 9  GLY A HA2  9  
ATOM   1221 H HA3  . GLY A 1 9  ? -0.034 8.320  -2.561 1.00 0.00 ? 9  GLY A HA3  9  
HETATM 1222 N N    . NH2 A 1 10 ? -0.553 9.347  -0.117 1.00 0.00 ? 10 NH2 A N    9  
HETATM 1223 H HN1  . NH2 A 1 10 ? -1.306 9.561  -0.705 1.00 0.00 ? 10 NH2 A HN1  9  
HETATM 1224 H HN2  . NH2 A 1 10 ? -0.421 9.847  0.715  1.00 0.00 ? 10 NH2 A HN2  9  
ATOM   1225 N N    . CYS A 1 1  ? -0.727 -1.082 3.351  1.00 0.00 ? 1  CYS A N    10 
ATOM   1226 C CA   . CYS A 1 1  ? -2.156 -1.291 2.974  1.00 0.00 ? 1  CYS A CA   10 
ATOM   1227 C C    . CYS A 1 1  ? -2.251 -2.123 1.682  1.00 0.00 ? 1  CYS A C    10 
ATOM   1228 O O    . CYS A 1 1  ? -3.230 -2.806 1.458  1.00 0.00 ? 1  CYS A O    10 
ATOM   1229 C CB   . CYS A 1 1  ? -2.764 0.109  2.791  1.00 0.00 ? 1  CYS A CB   10 
ATOM   1230 S SG   . CYS A 1 1  ? -2.149 1.228  4.079  1.00 0.00 ? 1  CYS A SG   10 
ATOM   1231 H H1   . CYS A 1 1  ? -0.665 -0.867 4.365  1.00 0.00 ? 1  CYS A H1   10 
ATOM   1232 H H2   . CYS A 1 1  ? -0.334 -0.296 2.806  1.00 0.00 ? 1  CYS A H2   10 
ATOM   1233 H H3   . CYS A 1 1  ? -0.186 -1.947 3.150  1.00 0.00 ? 1  CYS A H3   10 
ATOM   1234 H HA   . CYS A 1 1  ? -2.670 -1.804 3.772  1.00 0.00 ? 1  CYS A HA   10 
ATOM   1235 H HB2  . CYS A 1 1  ? -2.502 0.496  1.829  1.00 0.00 ? 1  CYS A HB2  10 
ATOM   1236 H HB3  . CYS A 1 1  ? -3.839 0.040  2.865  1.00 0.00 ? 1  CYS A HB3  10 
ATOM   1237 N N    . TYR A 1 2  ? -1.225 -2.131 0.856  1.00 0.00 ? 2  TYR A N    10 
ATOM   1238 C CA   . TYR A 1 2  ? -1.286 -3.000 -0.366 1.00 0.00 ? 2  TYR A CA   10 
ATOM   1239 C C    . TYR A 1 2  ? -0.319 -4.149 -0.102 1.00 0.00 ? 2  TYR A C    10 
ATOM   1240 O O    . TYR A 1 2  ? -0.676 -5.205 0.382  1.00 0.00 ? 2  TYR A O    10 
ATOM   1241 C CB   . TYR A 1 2  ? -0.804 -2.179 -1.577 1.00 0.00 ? 2  TYR A CB   10 
ATOM   1242 C CG   . TYR A 1 2  ? -0.609 -3.090 -2.765 1.00 0.00 ? 2  TYR A CG   10 
ATOM   1243 C CD1  . TYR A 1 2  ? -1.319 -4.297 -2.849 1.00 0.00 ? 2  TYR A CD1  10 
ATOM   1244 C CD2  . TYR A 1 2  ? 0.263  -2.721 -3.797 1.00 0.00 ? 2  TYR A CD2  10 
ATOM   1245 C CE1  . TYR A 1 2  ? -1.154 -5.131 -3.960 1.00 0.00 ? 2  TYR A CE1  10 
ATOM   1246 C CE2  . TYR A 1 2  ? 0.429  -3.558 -4.908 1.00 0.00 ? 2  TYR A CE2  10 
ATOM   1247 C CZ   . TYR A 1 2  ? -0.280 -4.762 -4.990 1.00 0.00 ? 2  TYR A CZ   10 
ATOM   1248 O OH   . TYR A 1 2  ? -0.119 -5.584 -6.086 1.00 0.00 ? 2  TYR A OH   10 
ATOM   1249 H H    . TYR A 1 2  ? -0.403 -1.620 1.071  1.00 0.00 ? 2  TYR A H    10 
ATOM   1250 H HA   . TYR A 1 2  ? -2.298 -3.341 -0.519 1.00 0.00 ? 2  TYR A HA   10 
ATOM   1251 H HB2  . TYR A 1 2  ? -1.543 -1.453 -1.838 1.00 0.00 ? 2  TYR A HB2  10 
ATOM   1252 H HB3  . TYR A 1 2  ? 0.124  -1.685 -1.343 1.00 0.00 ? 2  TYR A HB3  10 
ATOM   1253 H HD1  . TYR A 1 2  ? -1.991 -4.582 -2.054 1.00 0.00 ? 2  TYR A HD1  10 
ATOM   1254 H HD2  . TYR A 1 2  ? 0.811  -1.792 -3.735 1.00 0.00 ? 2  TYR A HD2  10 
ATOM   1255 H HE1  . TYR A 1 2  ? -1.703 -6.059 -4.024 1.00 0.00 ? 2  TYR A HE1  10 
ATOM   1256 H HE2  . TYR A 1 2  ? 1.104  -3.273 -5.702 1.00 0.00 ? 2  TYR A HE2  10 
ATOM   1257 H HH   . TYR A 1 2  ? -0.949 -5.602 -6.568 1.00 0.00 ? 2  TYR A HH   10 
ATOM   1258 N N    . ILE A 1 3  ? 0.931  -3.868 -0.314 1.00 0.00 ? 3  ILE A N    10 
ATOM   1259 C CA   . ILE A 1 3  ? 2.023  -4.814 0.016  1.00 0.00 ? 3  ILE A CA   10 
ATOM   1260 C C    . ILE A 1 3  ? 2.511  -4.351 1.339  1.00 0.00 ? 3  ILE A C    10 
ATOM   1261 O O    . ILE A 1 3  ? 1.775  -3.807 2.140  1.00 0.00 ? 3  ILE A O    10 
ATOM   1262 C CB   . ILE A 1 3  ? 3.123  -4.611 -1.039 1.00 0.00 ? 3  ILE A CB   10 
ATOM   1263 C CG1  . ILE A 1 3  ? 2.514  -4.238 -2.386 1.00 0.00 ? 3  ILE A CG1  10 
ATOM   1264 C CG2  . ILE A 1 3  ? 3.933  -5.900 -1.187 1.00 0.00 ? 3  ILE A CG2  10 
ATOM   1265 C CD1  . ILE A 1 3  ? 1.740  -5.430 -2.957 1.00 0.00 ? 3  ILE A CD1  10 
ATOM   1266 H H    . ILE A 1 3  ? 1.168  -2.969 -0.616 1.00 0.00 ? 3  ILE A H    10 
ATOM   1267 H HA   . ILE A 1 3  ? 1.734  -5.829 0.072  1.00 0.00 ? 3  ILE A HA   10 
ATOM   1268 H HB   . ILE A 1 3  ? 3.780  -3.818 -0.711 1.00 0.00 ? 3  ILE A HB   10 
ATOM   1269 H HG12 . ILE A 1 3  ? 1.850  -3.400 -2.253 1.00 0.00 ? 3  ILE A HG12 10 
ATOM   1270 H HG13 . ILE A 1 3  ? 3.306  -3.964 -3.066 1.00 0.00 ? 3  ILE A HG13 10 
ATOM   1271 H HG21 . ILE A 1 3  ? 3.999  -6.163 -2.233 1.00 0.00 ? 3  ILE A HG21 10 
ATOM   1272 H HG22 . ILE A 1 3  ? 3.444  -6.696 -0.646 1.00 0.00 ? 3  ILE A HG22 10 
ATOM   1273 H HG23 . ILE A 1 3  ? 4.925  -5.750 -0.789 1.00 0.00 ? 3  ILE A HG23 10 
ATOM   1274 H HD11 . ILE A 1 3  ? 0.722  -5.399 -2.603 1.00 0.00 ? 3  ILE A HD11 10 
ATOM   1275 H HD12 . ILE A 1 3  ? 2.203  -6.351 -2.640 1.00 0.00 ? 3  ILE A HD12 10 
ATOM   1276 H HD13 . ILE A 1 3  ? 1.747  -5.376 -4.036 1.00 0.00 ? 3  ILE A HD13 10 
ATOM   1277 N N    . GLN A 1 4  ? 3.742  -4.490 1.553  1.00 0.00 ? 4  GLN A N    10 
ATOM   1278 C CA   . GLN A 1 4  ? 4.317  -3.987 2.801  1.00 0.00 ? 4  GLN A CA   10 
ATOM   1279 C C    . GLN A 1 4  ? 3.917  -2.547 3.037  1.00 0.00 ? 4  GLN A C    10 
ATOM   1280 O O    . GLN A 1 4  ? 3.977  -1.994 4.118  1.00 0.00 ? 4  GLN A O    10 
ATOM   1281 C CB   . GLN A 1 4  ? 5.813  -4.157 2.633  1.00 0.00 ? 4  GLN A CB   10 
ATOM   1282 C CG   . GLN A 1 4  ? 6.240  -5.465 3.284  1.00 0.00 ? 4  GLN A CG   10 
ATOM   1283 C CD   . GLN A 1 4  ? 7.658  -5.326 3.838  1.00 0.00 ? 4  GLN A CD   10 
ATOM   1284 O OE1  . GLN A 1 4  ? 8.028  -6.012 4.769  1.00 0.00 ? 4  GLN A OE1  10 
ATOM   1285 N NE2  . GLN A 1 4  ? 8.474  -4.462 3.299  1.00 0.00 ? 4  GLN A NE2  10 
ATOM   1286 H H    . GLN A 1 4  ? 4.285  -4.900 0.884  1.00 0.00 ? 4  GLN A H    10 
ATOM   1287 H HA   . GLN A 1 4  ? 3.954  -4.541 3.528  1.00 0.00 ? 4  GLN A HA   10 
ATOM   1288 H HB2  . GLN A 1 4  ? 6.044  -4.184 1.576  1.00 0.00 ? 4  GLN A HB2  10 
ATOM   1289 H HB3  . GLN A 1 4  ? 6.321  -3.332 3.097  1.00 0.00 ? 4  GLN A HB3  10 
ATOM   1290 H HG2  . GLN A 1 4  ? 5.556  -5.699 4.086  1.00 0.00 ? 4  GLN A HG2  10 
ATOM   1291 H HG3  . GLN A 1 4  ? 6.214  -6.250 2.546  1.00 0.00 ? 4  GLN A HG3  10 
ATOM   1292 H HE21 . GLN A 1 4  ? 8.177  -3.910 2.546  1.00 0.00 ? 4  GLN A HE21 10 
ATOM   1293 H HE22 . GLN A 1 4  ? 9.387  -4.367 3.646  1.00 0.00 ? 4  GLN A HE22 10 
ATOM   1294 N N    . ASN A 1 5  ? 3.504  -2.003 1.997  1.00 0.00 ? 5  ASN A N    10 
ATOM   1295 C CA   . ASN A 1 5  ? 3.016  -0.557 1.951  1.00 0.00 ? 5  ASN A CA   10 
ATOM   1296 C C    . ASN A 1 5  ? 1.616  -0.474 1.324  1.00 0.00 ? 5  ASN A C    10 
ATOM   1297 O O    . ASN A 1 5  ? 1.093  -1.445 0.817  1.00 0.00 ? 5  ASN A O    10 
ATOM   1298 C CB   . ASN A 1 5  ? 4.036  0.136  1.060  1.00 0.00 ? 5  ASN A CB   10 
ATOM   1299 C CG   . ASN A 1 5  ? 3.990  1.646  1.301  1.00 0.00 ? 5  ASN A CG   10 
ATOM   1300 O OD1  . ASN A 1 5  ? 3.871  2.419  0.370  1.00 0.00 ? 5  ASN A OD1  10 
ATOM   1301 N ND2  . ASN A 1 5  ? 4.080  2.103  2.519  1.00 0.00 ? 5  ASN A ND2  10 
ATOM   1302 H H    . ASN A 1 5  ? 3.518  -2.584 1.206  1.00 0.00 ? 5  ASN A H    10 
ATOM   1303 H HA   . ASN A 1 5  ? 2.994  -0.081 2.948  1.00 0.00 ? 5  ASN A HA   10 
ATOM   1304 H HB2  . ASN A 1 5  ? 5.022  -0.242 1.290  1.00 0.00 ? 5  ASN A HB2  10 
ATOM   1305 H HB3  . ASN A 1 5  ? 3.803  -0.072 0.027  1.00 0.00 ? 5  ASN A HB3  10 
ATOM   1306 H HD21 . ASN A 1 5  ? 4.177  1.481  3.270  1.00 0.00 ? 5  ASN A HD21 10 
ATOM   1307 H HD22 . ASN A 1 5  ? 4.053  3.068  2.684  1.00 0.00 ? 5  ASN A HD22 10 
ATOM   1308 N N    . CYS A 1 6  ? 1.004  0.687  1.381  1.00 0.00 ? 6  CYS A N    10 
ATOM   1309 C CA   . CYS A 1 6  ? -0.376 0.859  0.820  1.00 0.00 ? 6  CYS A CA   10 
ATOM   1310 C C    . CYS A 1 6  ? -0.359 0.998  -0.702 1.00 0.00 ? 6  CYS A C    10 
ATOM   1311 O O    . CYS A 1 6  ? 0.615  1.451  -1.272 1.00 0.00 ? 6  CYS A O    10 
ATOM   1312 C CB   . CYS A 1 6  ? -0.908 2.147  1.460  1.00 0.00 ? 6  CYS A CB   10 
ATOM   1313 S SG   . CYS A 1 6  ? -0.553 2.145  3.238  1.00 0.00 ? 6  CYS A SG   10 
ATOM   1314 H H    . CYS A 1 6  ? 1.449  1.447  1.811  1.00 0.00 ? 6  CYS A H    10 
ATOM   1315 H HA   . CYS A 1 6  ? -0.997 0.034  1.103  1.00 0.00 ? 6  CYS A HA   10 
ATOM   1316 H HB2  . CYS A 1 6  ? -0.429 2.998  1.002  1.00 0.00 ? 6  CYS A HB2  10 
ATOM   1317 H HB3  . CYS A 1 6  ? -1.974 2.211  1.307  1.00 0.00 ? 6  CYS A HB3  10 
ATOM   1318 N N    . PRO A 1 7  ? -1.455 0.611  -1.314 1.00 0.00 ? 7  PRO A N    10 
ATOM   1319 C CA   . PRO A 1 7  ? -1.579 0.705  -2.800 1.00 0.00 ? 7  PRO A CA   10 
ATOM   1320 C C    . PRO A 1 7  ? -1.656 2.133  -3.252 1.00 0.00 ? 7  PRO A C    10 
ATOM   1321 O O    . PRO A 1 7  ? -1.523 2.491  -4.405 1.00 0.00 ? 7  PRO A O    10 
ATOM   1322 C CB   . PRO A 1 7  ? -2.887 -0.008 -3.097 1.00 0.00 ? 7  PRO A CB   10 
ATOM   1323 C CG   . PRO A 1 7  ? -3.659 0.168  -1.831 1.00 0.00 ? 7  PRO A CG   10 
ATOM   1324 C CD   . PRO A 1 7  ? -2.671 0.045  -0.713 1.00 0.00 ? 7  PRO A CD   10 
ATOM   1325 H HA   . PRO A 1 7  ? -0.789 0.269  -3.224 1.00 0.00 ? 7  PRO A HA   10 
ATOM   1326 H HB2  . PRO A 1 7  ? -3.395 0.461  -3.930 1.00 0.00 ? 7  PRO A HB2  10 
ATOM   1327 H HB3  . PRO A 1 7  ? -2.718 -1.056 -3.289 1.00 0.00 ? 7  PRO A HB3  10 
ATOM   1328 H HG2  . PRO A 1 7  ? -4.105 1.158  -1.811 1.00 0.00 ? 7  PRO A HG2  10 
ATOM   1329 H HG3  . PRO A 1 7  ? -4.413 -0.586 -1.739 1.00 0.00 ? 7  PRO A HG3  10 
ATOM   1330 H HD2  . PRO A 1 7  ? -2.992 0.609  0.141  1.00 0.00 ? 7  PRO A HD2  10 
ATOM   1331 H HD3  . PRO A 1 7  ? -2.516 -0.997 -0.454 1.00 0.00 ? 7  PRO A HD3  10 
ATOM   1332 N N    . LEU A 1 8  ? -1.871 2.896  -2.311 1.00 0.00 ? 8  LEU A N    10 
ATOM   1333 C CA   . LEU A 1 8  ? -1.994 4.368  -2.477 1.00 0.00 ? 8  LEU A CA   10 
ATOM   1334 C C    . LEU A 1 8  ? -0.844 4.906  -3.340 1.00 0.00 ? 8  LEU A C    10 
ATOM   1335 O O    . LEU A 1 8  ? 0.209  4.307  -3.433 1.00 0.00 ? 8  LEU A O    10 
ATOM   1336 C CB   . LEU A 1 8  ? -1.935 4.901  -1.041 1.00 0.00 ? 8  LEU A CB   10 
ATOM   1337 C CG   . LEU A 1 8  ? -0.502 5.295  -0.662 1.00 0.00 ? 8  LEU A CG   10 
ATOM   1338 C CD1  . LEU A 1 8  ? -0.177 6.669  -1.251 1.00 0.00 ? 8  LEU A CD1  10 
ATOM   1339 C CD2  . LEU A 1 8  ? -0.376 5.352  0.862  1.00 0.00 ? 8  LEU A CD2  10 
ATOM   1340 H H    . LEU A 1 8  ? -1.952 2.471  -1.457 1.00 0.00 ? 8  LEU A H    10 
ATOM   1341 H HA   . LEU A 1 8  ? -2.946 4.620  -2.924 1.00 0.00 ? 8  LEU A HA   10 
ATOM   1342 H HB2  . LEU A 1 8  ? -2.579 5.759  -0.954 1.00 0.00 ? 8  LEU A HB2  10 
ATOM   1343 H HB3  . LEU A 1 8  ? -2.279 4.126  -0.367 1.00 0.00 ? 8  LEU A HB3  10 
ATOM   1344 H HG   . LEU A 1 8  ? 0.188  4.563  -1.055 1.00 0.00 ? 8  LEU A HG   10 
ATOM   1345 H HD11 . LEU A 1 8  ? -1.022 7.026  -1.819 1.00 0.00 ? 8  LEU A HD11 10 
ATOM   1346 H HD12 . LEU A 1 8  ? 0.684  6.589  -1.897 1.00 0.00 ? 8  LEU A HD12 10 
ATOM   1347 H HD13 . LEU A 1 8  ? 0.036  7.362  -0.451 1.00 0.00 ? 8  LEU A HD13 10 
ATOM   1348 H HD21 . LEU A 1 8  ? 0.409  4.683  1.183  1.00 0.00 ? 8  LEU A HD21 10 
ATOM   1349 H HD22 . LEU A 1 8  ? -1.311 5.053  1.312  1.00 0.00 ? 8  LEU A HD22 10 
ATOM   1350 H HD23 . LEU A 1 8  ? -0.136 6.360  1.166  1.00 0.00 ? 8  LEU A HD23 10 
ATOM   1351 N N    . GLY A 1 9  ? -1.041 6.032  -3.971 1.00 0.00 ? 9  GLY A N    10 
ATOM   1352 C CA   . GLY A 1 9  ? 0.036  6.607  -4.824 1.00 0.00 ? 9  GLY A CA   10 
ATOM   1353 C C    . GLY A 1 9  ? 0.388  5.620  -5.937 1.00 0.00 ? 9  GLY A C    10 
ATOM   1354 O O    . GLY A 1 9  ? 1.351  4.885  -5.843 1.00 0.00 ? 9  GLY A O    10 
ATOM   1355 H H    . GLY A 1 9  ? -1.897 6.501  -3.882 1.00 0.00 ? 9  GLY A H    10 
ATOM   1356 H HA2  . GLY A 1 9  ? -0.306 7.536  -5.259 1.00 0.00 ? 9  GLY A HA2  10 
ATOM   1357 H HA3  . GLY A 1 9  ? 0.913  6.792  -4.222 1.00 0.00 ? 9  GLY A HA3  10 
HETATM 1358 N N    . NH2 A 1 10 ? -0.362 5.571  -7.005 1.00 0.00 ? 10 NH2 A N    10 
HETATM 1359 H HN1  . NH2 A 1 10 ? -1.139 6.161  -7.086 1.00 0.00 ? 10 NH2 A HN1  10 
HETATM 1360 H HN2  . NH2 A 1 10 ? -0.147 4.942  -7.726 1.00 0.00 ? 10 NH2 A HN2  10 
ATOM   1361 N N    . CYS A 1 1  ? -0.852 -1.818 3.874  1.00 0.00 ? 1  CYS A N    11 
ATOM   1362 C CA   . CYS A 1 1  ? -2.045 -1.411 3.078  1.00 0.00 ? 1  CYS A CA   11 
ATOM   1363 C C    . CYS A 1 1  ? -2.078 -2.204 1.749  1.00 0.00 ? 1  CYS A C    11 
ATOM   1364 O O    . CYS A 1 1  ? -2.867 -3.118 1.610  1.00 0.00 ? 1  CYS A O    11 
ATOM   1365 C CB   . CYS A 1 1  ? -1.879 0.096  2.894  1.00 0.00 ? 1  CYS A CB   11 
ATOM   1366 S SG   . CYS A 1 1  ? -3.155 0.722  1.784  1.00 0.00 ? 1  CYS A SG   11 
ATOM   1367 H H1   . CYS A 1 1  ? -0.844 -2.851 3.985  1.00 0.00 ? 1  CYS A H1   11 
ATOM   1368 H H2   . CYS A 1 1  ? -0.891 -1.367 4.811  1.00 0.00 ? 1  CYS A H2   11 
ATOM   1369 H H3   . CYS A 1 1  ? 0.013  -1.518 3.380  1.00 0.00 ? 1  CYS A H3   11 
ATOM   1370 H HA   . CYS A 1 1  ? -2.944 -1.611 3.643  1.00 0.00 ? 1  CYS A HA   11 
ATOM   1371 H HB2  . CYS A 1 1  ? -1.978 0.580  3.857  1.00 0.00 ? 1  CYS A HB2  11 
ATOM   1372 H HB3  . CYS A 1 1  ? -0.904 0.303  2.499  1.00 0.00 ? 1  CYS A HB3  11 
ATOM   1373 N N    . TYR A 1 2  ? -1.190 -1.954 0.806  1.00 0.00 ? 2  TYR A N    11 
ATOM   1374 C CA   . TYR A 1 2  ? -1.194 -2.826 -0.420 1.00 0.00 ? 2  TYR A CA   11 
ATOM   1375 C C    . TYR A 1 2  ? -0.301 -4.000 -0.027 1.00 0.00 ? 2  TYR A C    11 
ATOM   1376 O O    . TYR A 1 2  ? -0.696 -4.890 0.701  1.00 0.00 ? 2  TYR A O    11 
ATOM   1377 C CB   . TYR A 1 2  ? -0.548 -2.061 -1.593 1.00 0.00 ? 2  TYR A CB   11 
ATOM   1378 C CG   . TYR A 1 2  ? -0.129 -3.038 -2.669 1.00 0.00 ? 2  TYR A CG   11 
ATOM   1379 C CD1  . TYR A 1 2  ? 0.942  -2.732 -3.515 1.00 0.00 ? 2  TYR A CD1  11 
ATOM   1380 C CD2  . TYR A 1 2  ? -0.821 -4.246 -2.823 1.00 0.00 ? 2  TYR A CD2  11 
ATOM   1381 C CE1  . TYR A 1 2  ? 1.323  -3.634 -4.516 1.00 0.00 ? 2  TYR A CE1  11 
ATOM   1382 C CE2  . TYR A 1 2  ? -0.439 -5.148 -3.823 1.00 0.00 ? 2  TYR A CE2  11 
ATOM   1383 C CZ   . TYR A 1 2  ? 0.632  -4.842 -4.671 1.00 0.00 ? 2  TYR A CZ   11 
ATOM   1384 O OH   . TYR A 1 2  ? 1.007  -5.729 -5.658 1.00 0.00 ? 2  TYR A OH   11 
ATOM   1385 H H    . TYR A 1 2  ? -0.494 -1.280 0.939  1.00 0.00 ? 2  TYR A H    11 
ATOM   1386 H HA   . TYR A 1 2  ? -2.202 -3.122 -0.661 1.00 0.00 ? 2  TYR A HA   11 
ATOM   1387 H HB2  . TYR A 1 2  ? -1.254 -1.390 -2.022 1.00 0.00 ? 2  TYR A HB2  11 
ATOM   1388 H HB3  . TYR A 1 2  ? 0.315  -1.515 -1.248 1.00 0.00 ? 2  TYR A HB3  11 
ATOM   1389 H HD1  . TYR A 1 2  ? 1.475  -1.801 -3.395 1.00 0.00 ? 2  TYR A HD1  11 
ATOM   1390 H HD2  . TYR A 1 2  ? -1.649 -4.483 -2.170 1.00 0.00 ? 2  TYR A HD2  11 
ATOM   1391 H HE1  . TYR A 1 2  ? 2.150  -3.397 -5.170 1.00 0.00 ? 2  TYR A HE1  11 
ATOM   1392 H HE2  . TYR A 1 2  ? -0.971 -6.080 -3.943 1.00 0.00 ? 2  TYR A HE2  11 
ATOM   1393 H HH   . TYR A 1 2  ? 1.040  -6.608 -5.271 1.00 0.00 ? 2  TYR A HH   11 
ATOM   1394 N N    . ILE A 1 3  ? 0.945  -3.913 -0.396 1.00 0.00 ? 3  ILE A N    11 
ATOM   1395 C CA   . ILE A 1 3  ? 1.942  -4.858 0.025  1.00 0.00 ? 3  ILE A CA   11 
ATOM   1396 C C    . ILE A 1 3  ? 2.388  -4.353 1.356  1.00 0.00 ? 3  ILE A C    11 
ATOM   1397 O O    . ILE A 1 3  ? 1.633  -3.766 2.104  1.00 0.00 ? 3  ILE A O    11 
ATOM   1398 C CB   . ILE A 1 3  ? 3.018  -4.678 -1.032 1.00 0.00 ? 3  ILE A CB   11 
ATOM   1399 C CG1  . ILE A 1 3  ? 3.509  -3.224 -1.078 1.00 0.00 ? 3  ILE A CG1  11 
ATOM   1400 C CG2  . ILE A 1 3  ? 2.469  -5.073 -2.400 1.00 0.00 ? 3  ILE A CG2  11 
ATOM   1401 C CD1  . ILE A 1 3  ? 4.965  -3.162 -0.613 1.00 0.00 ? 3  ILE A CD1  11 
ATOM   1402 H H    . ILE A 1 3  ? 1.265  -3.156 -0.889 1.00 0.00 ? 3  ILE A H    11 
ATOM   1403 H HA   . ILE A 1 3  ? 1.627  -5.863 0.089  1.00 0.00 ? 3  ILE A HA   11 
ATOM   1404 H HB   . ILE A 1 3  ? 3.813  -5.298 -0.789 1.00 0.00 ? 3  ILE A HB   11 
ATOM   1405 H HG12 . ILE A 1 3  ? 3.440  -2.855 -2.090 1.00 0.00 ? 3  ILE A HG12 11 
ATOM   1406 H HG13 . ILE A 1 3  ? 2.902  -2.611 -0.432 1.00 0.00 ? 3  ILE A HG13 11 
ATOM   1407 H HG21 . ILE A 1 3  ? 3.042  -4.582 -3.173 1.00 0.00 ? 3  ILE A HG21 11 
ATOM   1408 H HG22 . ILE A 1 3  ? 1.434  -4.771 -2.472 1.00 0.00 ? 3  ILE A HG22 11 
ATOM   1409 H HG23 . ILE A 1 3  ? 2.540  -6.144 -2.523 1.00 0.00 ? 3  ILE A HG23 11 
ATOM   1410 H HD11 . ILE A 1 3  ? 5.325  -4.164 -0.424 1.00 0.00 ? 3  ILE A HD11 11 
ATOM   1411 H HD12 . ILE A 1 3  ? 5.029  -2.581 0.296  1.00 0.00 ? 3  ILE A HD12 11 
ATOM   1412 H HD13 . ILE A 1 3  ? 5.569  -2.700 -1.379 1.00 0.00 ? 3  ILE A HD13 11 
ATOM   1413 N N    . GLN A 1 4  ? 3.599  -4.525 1.634  1.00 0.00 ? 4  GLN A N    11 
ATOM   1414 C CA   . GLN A 1 4  ? 4.133  -4.006 2.903  1.00 0.00 ? 4  GLN A CA   11 
ATOM   1415 C C    . GLN A 1 4  ? 3.766  -2.548 3.112  1.00 0.00 ? 4  GLN A C    11 
ATOM   1416 O O    . GLN A 1 4  ? 3.812  -1.983 4.185  1.00 0.00 ? 4  GLN A O    11 
ATOM   1417 C CB   . GLN A 1 4  ? 5.628  -4.218 2.803  1.00 0.00 ? 4  GLN A CB   11 
ATOM   1418 C CG   . GLN A 1 4  ? 5.990  -5.516 3.506  1.00 0.00 ? 4  GLN A CG   11 
ATOM   1419 C CD   . GLN A 1 4  ? 7.404  -5.419 4.080  1.00 0.00 ? 4  GLN A CD   11 
ATOM   1420 O OE1  . GLN A 1 4  ? 7.645  -5.815 5.203  1.00 0.00 ? 4  GLN A OE1  11 
ATOM   1421 N NE2  . GLN A 1 4  ? 8.357  -4.904 3.353  1.00 0.00 ? 4  GLN A NE2  11 
ATOM   1422 H H    . GLN A 1 4  ? 4.157  -4.983 1.008  1.00 0.00 ? 4  GLN A H    11 
ATOM   1423 H HA   . GLN A 1 4  ? 3.726  -4.538 3.624  1.00 0.00 ? 4  GLN A HA   11 
ATOM   1424 H HB2  . GLN A 1 4  ? 5.903  -4.281 1.758  1.00 0.00 ? 4  GLN A HB2  11 
ATOM   1425 H HB3  . GLN A 1 4  ? 6.141  -3.396 3.265  1.00 0.00 ? 4  GLN A HB3  11 
ATOM   1426 H HG2  . GLN A 1 4  ? 5.283  -5.695 4.303  1.00 0.00 ? 4  GLN A HG2  11 
ATOM   1427 H HG3  . GLN A 1 4  ? 5.944  -6.327 2.795  1.00 0.00 ? 4  GLN A HG3  11 
ATOM   1428 H HE21 . GLN A 1 4  ? 8.163  -4.583 2.447  1.00 0.00 ? 4  GLN A HE21 11 
ATOM   1429 H HE22 . GLN A 1 4  ? 9.267  -4.837 3.712  1.00 0.00 ? 4  GLN A HE22 11 
ATOM   1430 N N    . ASN A 1 5  ? 3.406  -2.002 2.057  1.00 0.00 ? 5  ASN A N    11 
ATOM   1431 C CA   . ASN A 1 5  ? 2.972  -0.538 1.969  1.00 0.00 ? 5  ASN A CA   11 
ATOM   1432 C C    . ASN A 1 5  ? 1.631  -0.398 1.214  1.00 0.00 ? 5  ASN A C    11 
ATOM   1433 O O    . ASN A 1 5  ? 1.109  -1.352 0.679  1.00 0.00 ? 5  ASN A O    11 
ATOM   1434 C CB   . ASN A 1 5  ? 4.089  0.107  1.162  1.00 0.00 ? 5  ASN A CB   11 
ATOM   1435 C CG   . ASN A 1 5  ? 4.083  1.619  1.388  1.00 0.00 ? 5  ASN A CG   11 
ATOM   1436 O OD1  . ASN A 1 5  ? 3.623  2.369  0.549  1.00 0.00 ? 5  ASN A OD1  11 
ATOM   1437 N ND2  . ASN A 1 5  ? 4.579  2.103  2.494  1.00 0.00 ? 5  ASN A ND2  11 
ATOM   1438 H H    . ASN A 1 5  ? 3.437  -2.591 1.280  1.00 0.00 ? 5  ASN A H    11 
ATOM   1439 H HA   . ASN A 1 5  ? 2.896  -0.050 2.964  1.00 0.00 ? 5  ASN A HA   11 
ATOM   1440 H HB2  . ASN A 1 5  ? 5.036  -0.309 1.477  1.00 0.00 ? 5  ASN A HB2  11 
ATOM   1441 H HB3  . ASN A 1 5  ? 3.935  -0.104 0.114  1.00 0.00 ? 5  ASN A HB3  11 
ATOM   1442 H HD21 . ASN A 1 5  ? 4.951  1.499  3.170  1.00 0.00 ? 5  ASN A HD21 11 
ATOM   1443 H HD22 . ASN A 1 5  ? 4.580  3.071  2.648  1.00 0.00 ? 5  ASN A HD22 11 
ATOM   1444 N N    . CYS A 1 6  ? 1.077  0.801  1.188  1.00 0.00 ? 6  CYS A N    11 
ATOM   1445 C CA   . CYS A 1 6  ? -0.241 1.065  0.498  1.00 0.00 ? 6  CYS A CA   11 
ATOM   1446 C C    . CYS A 1 6  ? -0.075 1.163  -1.024 1.00 0.00 ? 6  CYS A C    11 
ATOM   1447 O O    . CYS A 1 6  ? 0.955  1.591  -1.504 1.00 0.00 ? 6  CYS A O    11 
ATOM   1448 C CB   . CYS A 1 6  ? -0.680 2.412  1.083  1.00 0.00 ? 6  CYS A CB   11 
ATOM   1449 S SG   . CYS A 1 6  ? -2.491 2.536  1.175  1.00 0.00 ? 6  CYS A SG   11 
ATOM   1450 H H    . CYS A 1 6  ? 1.532  1.543  1.640  1.00 0.00 ? 6  CYS A H    11 
ATOM   1451 H HA   . CYS A 1 6  ? -0.962 0.312  0.738  1.00 0.00 ? 6  CYS A HA   11 
ATOM   1452 H HB2  . CYS A 1 6  ? -0.269 2.516  2.076  1.00 0.00 ? 6  CYS A HB2  11 
ATOM   1453 H HB3  . CYS A 1 6  ? -0.301 3.208  0.459  1.00 0.00 ? 6  CYS A HB3  11 
ATOM   1454 N N    . PRO A 1 7  ? -1.106 0.759  -1.741 1.00 0.00 ? 7  PRO A N    11 
ATOM   1455 C CA   . PRO A 1 7  ? -1.060 0.810  -3.223 1.00 0.00 ? 7  PRO A CA   11 
ATOM   1456 C C    . PRO A 1 7  ? -1.271 2.238  -3.672 1.00 0.00 ? 7  PRO A C    11 
ATOM   1457 O O    . PRO A 1 7  ? -0.806 3.192  -3.078 1.00 0.00 ? 7  PRO A O    11 
ATOM   1458 C CB   . PRO A 1 7  ? -2.240 -0.063 -3.645 1.00 0.00 ? 7  PRO A CB   11 
ATOM   1459 C CG   . PRO A 1 7  ? -3.199 0.076  -2.542 1.00 0.00 ? 7  PRO A CG   11 
ATOM   1460 C CD   . PRO A 1 7  ? -2.403 0.217  -1.269 1.00 0.00 ? 7  PRO A CD   11 
ATOM   1461 H HA   . PRO A 1 7  ? -0.169 0.434  -3.644 1.00 0.00 ? 7  PRO A HA   11 
ATOM   1462 H HB2  . PRO A 1 7  ? -2.673 0.270  -4.570 1.00 0.00 ? 7  PRO A HB2  11 
ATOM   1463 H HB3  . PRO A 1 7  ? -1.929 -1.092 -3.729 1.00 0.00 ? 7  PRO A HB3  11 
ATOM   1464 H HG2  . PRO A 1 7  ? -3.788 0.972  -2.719 1.00 0.00 ? 7  PRO A HG2  11 
ATOM   1465 H HG3  . PRO A 1 7  ? -3.828 -0.784 -2.506 1.00 0.00 ? 7  PRO A HG3  11 
ATOM   1466 H HD2  . PRO A 1 7  ? -2.892 0.898  -0.612 1.00 0.00 ? 7  PRO A HD2  11 
ATOM   1467 H HD3  . PRO A 1 7  ? -2.264 -0.748 -0.790 1.00 0.00 ? 7  PRO A HD3  11 
ATOM   1468 N N    . LEU A 1 8  ? -1.972 2.355  -4.717 1.00 0.00 ? 8  LEU A N    11 
ATOM   1469 C CA   . LEU A 1 8  ? -2.282 3.682  -5.305 1.00 0.00 ? 8  LEU A CA   11 
ATOM   1470 C C    . LEU A 1 8  ? -2.940 4.594  -4.260 1.00 0.00 ? 8  LEU A C    11 
ATOM   1471 O O    . LEU A 1 8  ? -3.448 4.137  -3.254 1.00 0.00 ? 8  LEU A O    11 
ATOM   1472 C CB   . LEU A 1 8  ? -3.235 3.350  -6.457 1.00 0.00 ? 8  LEU A CB   11 
ATOM   1473 C CG   . LEU A 1 8  ? -4.695 3.396  -5.987 1.00 0.00 ? 8  LEU A CG   11 
ATOM   1474 C CD1  . LEU A 1 8  ? -5.295 4.763  -6.318 1.00 0.00 ? 8  LEU A CD1  11 
ATOM   1475 C CD2  . LEU A 1 8  ? -5.494 2.304  -6.701 1.00 0.00 ? 8  LEU A CD2  11 
ATOM   1476 H H    . LEU A 1 8  ? -2.300 1.546  -5.124 1.00 0.00 ? 8  LEU A H    11 
ATOM   1477 H HA   . LEU A 1 8  ? -1.386 4.140  -5.692 1.00 0.00 ? 8  LEU A HA   11 
ATOM   1478 H HB2  . LEU A 1 8  ? -3.092 4.059  -7.255 1.00 0.00 ? 8  LEU A HB2  11 
ATOM   1479 H HB3  . LEU A 1 8  ? -3.012 2.355  -6.819 1.00 0.00 ? 8  LEU A HB3  11 
ATOM   1480 H HG   . LEU A 1 8  ? -4.732 3.234  -4.920 1.00 0.00 ? 8  LEU A HG   11 
ATOM   1481 H HD11 . LEU A 1 8  ? -6.365 4.735  -6.166 1.00 0.00 ? 8  LEU A HD11 11 
ATOM   1482 H HD12 . LEU A 1 8  ? -5.085 5.009  -7.348 1.00 0.00 ? 8  LEU A HD12 11 
ATOM   1483 H HD13 . LEU A 1 8  ? -4.859 5.514  -5.674 1.00 0.00 ? 8  LEU A HD13 11 
ATOM   1484 H HD21 . LEU A 1 8  ? -4.977 1.360  -6.609 1.00 0.00 ? 8  LEU A HD21 11 
ATOM   1485 H HD22 . LEU A 1 8  ? -5.596 2.556  -7.747 1.00 0.00 ? 8  LEU A HD22 11 
ATOM   1486 H HD23 . LEU A 1 8  ? -6.473 2.223  -6.253 1.00 0.00 ? 8  LEU A HD23 11 
ATOM   1487 N N    . GLY A 1 9  ? -2.936 5.877  -4.494 1.00 0.00 ? 9  GLY A N    11 
ATOM   1488 C CA   . GLY A 1 9  ? -3.560 6.815  -3.518 1.00 0.00 ? 9  GLY A CA   11 
ATOM   1489 C C    . GLY A 1 9  ? -2.836 6.714  -2.174 1.00 0.00 ? 9  GLY A C    11 
ATOM   1490 O O    . GLY A 1 9  ? -3.447 6.479  -1.149 1.00 0.00 ? 9  GLY A O    11 
ATOM   1491 H H    . GLY A 1 9  ? -2.524 6.226  -5.312 1.00 0.00 ? 9  GLY A H    11 
ATOM   1492 H HA2  . GLY A 1 9  ? -3.486 7.827  -3.894 1.00 0.00 ? 9  GLY A HA2  11 
ATOM   1493 H HA3  . GLY A 1 9  ? -4.599 6.556  -3.384 1.00 0.00 ? 9  GLY A HA3  11 
HETATM 1494 N N    . NH2 A 1 10 ? -1.543 6.886  -2.134 1.00 0.00 ? 10 NH2 A N    11 
HETATM 1495 H HN1  . NH2 A 1 10 ? -1.047 7.076  -2.958 1.00 0.00 ? 10 NH2 A HN1  11 
HETATM 1496 H HN2  . NH2 A 1 10 ? -1.068 6.825  -1.278 1.00 0.00 ? 10 NH2 A HN2  11 
ATOM   1497 N N    . CYS A 1 1  ? -0.736 -1.192 3.293  1.00 0.00 ? 1  CYS A N    12 
ATOM   1498 C CA   . CYS A 1 1  ? -2.127 -1.677 3.058  1.00 0.00 ? 1  CYS A CA   12 
ATOM   1499 C C    . CYS A 1 1  ? -2.241 -2.324 1.660  1.00 0.00 ? 1  CYS A C    12 
ATOM   1500 O O    . CYS A 1 1  ? -3.224 -2.963 1.343  1.00 0.00 ? 1  CYS A O    12 
ATOM   1501 C CB   . CYS A 1 1  ? -3.015 -0.426 3.238  1.00 0.00 ? 1  CYS A CB   12 
ATOM   1502 S SG   . CYS A 1 1  ? -3.698 0.157  1.663  1.00 0.00 ? 1  CYS A SG   12 
ATOM   1503 H H1   . CYS A 1 1  ? -0.441 -0.581 2.511  1.00 0.00 ? 1  CYS A H1   12 
ATOM   1504 H H2   . CYS A 1 1  ? -0.092 -2.007 3.358  1.00 0.00 ? 1  CYS A H2   12 
ATOM   1505 H H3   . CYS A 1 1  ? -0.702 -0.654 4.182  1.00 0.00 ? 1  CYS A H3   12 
ATOM   1506 H HA   . CYS A 1 1  ? -2.383 -2.407 3.810  1.00 0.00 ? 1  CYS A HA   12 
ATOM   1507 H HB2  . CYS A 1 1  ? -3.831 -0.669 3.902  1.00 0.00 ? 1  CYS A HB2  12 
ATOM   1508 H HB3  . CYS A 1 1  ? -2.424 0.362  3.682  1.00 0.00 ? 1  CYS A HB3  12 
ATOM   1509 N N    . TYR A 1 2  ? -1.217 -2.209 0.848  1.00 0.00 ? 2  TYR A N    12 
ATOM   1510 C CA   . TYR A 1 2  ? -1.244 -2.869 -0.499 1.00 0.00 ? 2  TYR A CA   12 
ATOM   1511 C C    . TYR A 1 2  ? -0.428 -4.138 -0.363 1.00 0.00 ? 2  TYR A C    12 
ATOM   1512 O O    . TYR A 1 2  ? -0.857 -5.255 -0.570 1.00 0.00 ? 2  TYR A O    12 
ATOM   1513 C CB   . TYR A 1 2  ? -0.486 -1.930 -1.442 1.00 0.00 ? 2  TYR A CB   12 
ATOM   1514 C CG   . TYR A 1 2  ? -0.987 -2.120 -2.858 1.00 0.00 ? 2  TYR A CG   12 
ATOM   1515 C CD1  . TYR A 1 2  ? -0.877 -1.075 -3.783 1.00 0.00 ? 2  TYR A CD1  12 
ATOM   1516 C CD2  . TYR A 1 2  ? -1.558 -3.339 -3.243 1.00 0.00 ? 2  TYR A CD2  12 
ATOM   1517 C CE1  . TYR A 1 2  ? -1.337 -1.249 -5.094 1.00 0.00 ? 2  TYR A CE1  12 
ATOM   1518 C CE2  . TYR A 1 2  ? -2.019 -3.512 -4.553 1.00 0.00 ? 2  TYR A CE2  12 
ATOM   1519 C CZ   . TYR A 1 2  ? -1.908 -2.467 -5.479 1.00 0.00 ? 2  TYR A CZ   12 
ATOM   1520 O OH   . TYR A 1 2  ? -2.363 -2.639 -6.771 1.00 0.00 ? 2  TYR A OH   12 
ATOM   1521 H H    . TYR A 1 2  ? -0.407 -1.727 1.142  1.00 0.00 ? 2  TYR A H    12 
ATOM   1522 H HA   . TYR A 1 2  ? -2.250 -3.045 -0.844 1.00 0.00 ? 2  TYR A HA   12 
ATOM   1523 H HB2  . TYR A 1 2  ? -0.629 -0.910 -1.132 1.00 0.00 ? 2  TYR A HB2  12 
ATOM   1524 H HB3  . TYR A 1 2  ? 0.566  -2.165 -1.406 1.00 0.00 ? 2  TYR A HB3  12 
ATOM   1525 H HD1  . TYR A 1 2  ? -0.436 -0.136 -3.485 1.00 0.00 ? 2  TYR A HD1  12 
ATOM   1526 H HD2  . TYR A 1 2  ? -1.643 -4.145 -2.529 1.00 0.00 ? 2  TYR A HD2  12 
ATOM   1527 H HE1  . TYR A 1 2  ? -1.252 -0.443 -5.806 1.00 0.00 ? 2  TYR A HE1  12 
ATOM   1528 H HE2  . TYR A 1 2  ? -2.459 -4.452 -4.852 1.00 0.00 ? 2  TYR A HE2  12 
ATOM   1529 H HH   . TYR A 1 2  ? -2.077 -3.504 -7.072 1.00 0.00 ? 2  TYR A HH   12 
ATOM   1530 N N    . ILE A 1 3  ? 0.763  -3.880 0.035  1.00 0.00 ? 3  ILE A N    12 
ATOM   1531 C CA   . ILE A 1 3  ? 1.810  -4.876 0.307  1.00 0.00 ? 3  ILE A CA   12 
ATOM   1532 C C    . ILE A 1 3  ? 2.468  -4.320 1.514  1.00 0.00 ? 3  ILE A C    12 
ATOM   1533 O O    . ILE A 1 3  ? 1.849  -3.665 2.328  1.00 0.00 ? 3  ILE A O    12 
ATOM   1534 C CB   . ILE A 1 3  ? 2.766  -4.851 -0.905 1.00 0.00 ? 3  ILE A CB   12 
ATOM   1535 C CG1  . ILE A 1 3  ? 2.085  -4.198 -2.113 1.00 0.00 ? 3  ILE A CG1  12 
ATOM   1536 C CG2  . ILE A 1 3  ? 3.168  -6.285 -1.259 1.00 0.00 ? 3  ILE A CG2  12 
ATOM   1537 C CD1  . ILE A 1 3  ? 2.852  -4.532 -3.396 1.00 0.00 ? 3  ILE A CD1  12 
ATOM   1538 H H    . ILE A 1 3  ? 0.989  -2.942 0.196  1.00 0.00 ? 3  ILE A H    12 
ATOM   1539 H HA   . ILE A 1 3  ? 1.462  -5.853 0.504  1.00 0.00 ? 3  ILE A HA   12 
ATOM   1540 H HB   . ILE A 1 3  ? 3.651  -4.286 -0.652 1.00 0.00 ? 3  ILE A HB   12 
ATOM   1541 H HG12 . ILE A 1 3  ? 1.073  -4.562 -2.192 1.00 0.00 ? 3  ILE A HG12 12 
ATOM   1542 H HG13 . ILE A 1 3  ? 2.071  -3.126 -1.974 1.00 0.00 ? 3  ILE A HG13 12 
ATOM   1543 H HG21 . ILE A 1 3  ? 2.686  -6.576 -2.181 1.00 0.00 ? 3  ILE A HG21 12 
ATOM   1544 H HG22 . ILE A 1 3  ? 2.860  -6.951 -0.466 1.00 0.00 ? 3  ILE A HG22 12 
ATOM   1545 H HG23 . ILE A 1 3  ? 4.240  -6.339 -1.379 1.00 0.00 ? 3  ILE A HG23 12 
ATOM   1546 H HD11 . ILE A 1 3  ? 2.346  -4.095 -4.243 1.00 0.00 ? 3  ILE A HD11 12 
ATOM   1547 H HD12 . ILE A 1 3  ? 2.900  -5.604 -3.519 1.00 0.00 ? 3  ILE A HD12 12 
ATOM   1548 H HD13 . ILE A 1 3  ? 3.854  -4.132 -3.330 1.00 0.00 ? 3  ILE A HD13 12 
ATOM   1549 N N    . GLN A 1 4  ? 3.704  -4.509 1.602  1.00 0.00 ? 4  GLN A N    12 
ATOM   1550 C CA   . GLN A 1 4  ? 4.463  -3.920 2.721  1.00 0.00 ? 4  GLN A CA   12 
ATOM   1551 C C    . GLN A 1 4  ? 3.961  -2.530 3.013  1.00 0.00 ? 4  GLN A C    12 
ATOM   1552 O O    . GLN A 1 4  ? 3.898  -2.023 4.115  1.00 0.00 ? 4  GLN A O    12 
ATOM   1553 C CB   . GLN A 1 4  ? 5.887  -3.929 2.208  1.00 0.00 ? 4  GLN A CB   12 
ATOM   1554 C CG   . GLN A 1 4  ? 6.214  -2.674 1.397  1.00 0.00 ? 4  GLN A CG   12 
ATOM   1555 C CD   . GLN A 1 4  ? 6.535  -1.518 2.346  1.00 0.00 ? 4  GLN A CD   12 
ATOM   1556 O OE1  . GLN A 1 4  ? 6.297  -1.604 3.534  1.00 0.00 ? 4  GLN A OE1  12 
ATOM   1557 N NE2  . GLN A 1 4  ? 7.076  -0.429 1.868  1.00 0.00 ? 4  GLN A NE2  12 
ATOM   1558 H H    . GLN A 1 4  ? 4.145  -5.010 0.913  1.00 0.00 ? 4  GLN A H    12 
ATOM   1559 H HA   . GLN A 1 4  ? 4.350  -4.487 3.511  1.00 0.00 ? 4  GLN A HA   12 
ATOM   1560 H HB2  . GLN A 1 4  ? 6.550  -3.991 3.033  1.00 0.00 ? 4  GLN A HB2  12 
ATOM   1561 H HB3  . GLN A 1 4  ? 6.000  -4.785 1.567  1.00 0.00 ? 4  GLN A HB3  12 
ATOM   1562 H HG2  . GLN A 1 4  ? 7.068  -2.877 0.773  1.00 0.00 ? 4  GLN A HG2  12 
ATOM   1563 H HG3  . GLN A 1 4  ? 5.377  -2.414 0.774  1.00 0.00 ? 4  GLN A HG3  12 
ATOM   1564 H HE21 . GLN A 1 4  ? 7.270  -0.359 0.910  1.00 0.00 ? 4  GLN A HE21 12 
ATOM   1565 H HE22 . GLN A 1 4  ? 7.285  0.317  2.467  1.00 0.00 ? 4  GLN A HE22 12 
ATOM   1566 N N    . ASN A 1 5  ? 3.613  -1.989 1.963  1.00 0.00 ? 5  ASN A N    12 
ATOM   1567 C CA   . ASN A 1 5  ? 3.040  -0.569 1.891  1.00 0.00 ? 5  ASN A CA   12 
ATOM   1568 C C    . ASN A 1 5  ? 1.631  -0.528 1.257  1.00 0.00 ? 5  ASN A C    12 
ATOM   1569 O O    . ASN A 1 5  ? 1.102  -1.522 0.807  1.00 0.00 ? 5  ASN A O    12 
ATOM   1570 C CB   . ASN A 1 5  ? 4.026  0.177  1.001  1.00 0.00 ? 5  ASN A CB   12 
ATOM   1571 C CG   . ASN A 1 5  ? 4.032  1.661  1.370  1.00 0.00 ? 5  ASN A CG   12 
ATOM   1572 O OD1  . ASN A 1 5  ? 3.383  2.462  0.726  1.00 0.00 ? 5  ASN A OD1  12 
ATOM   1573 N ND2  . ASN A 1 5  ? 4.743  2.066  2.387  1.00 0.00 ? 5  ASN A ND2  12 
ATOM   1574 H H    . ASN A 1 5  ? 3.761  -2.571 1.171  1.00 0.00 ? 5  ASN A H    12 
ATOM   1575 H HA   . ASN A 1 5  ? 2.997  -0.086 2.883  1.00 0.00 ? 5  ASN A HA   12 
ATOM   1576 H HB2  . ASN A 1 5  ? 5.014  -0.236 1.141  1.00 0.00 ? 5  ASN A HB2  12 
ATOM   1577 H HB3  . ASN A 1 5  ? 3.731  0.063  -0.031 1.00 0.00 ? 5  ASN A HB3  12 
ATOM   1578 H HD21 . ASN A 1 5  ? 5.266  1.421  2.906  1.00 0.00 ? 5  ASN A HD21 12 
ATOM   1579 H HD22 . ASN A 1 5  ? 4.754  3.015  2.630  1.00 0.00 ? 5  ASN A HD22 12 
ATOM   1580 N N    . CYS A 1 6  ? 1.035  0.651  1.242  1.00 0.00 ? 6  CYS A N    12 
ATOM   1581 C CA   . CYS A 1 6  ? -0.349 0.856  0.671  1.00 0.00 ? 6  CYS A CA   12 
ATOM   1582 C C    . CYS A 1 6  ? -0.267 1.700  -0.617 1.00 0.00 ? 6  CYS A C    12 
ATOM   1583 O O    . CYS A 1 6  ? 0.633  2.507  -0.744 1.00 0.00 ? 6  CYS A O    12 
ATOM   1584 C CB   . CYS A 1 6  ? -1.064 1.651  1.780  1.00 0.00 ? 6  CYS A CB   12 
ATOM   1585 S SG   . CYS A 1 6  ? -2.799 1.943  1.358  1.00 0.00 ? 6  CYS A SG   12 
ATOM   1586 H H    . CYS A 1 6  ? 1.503  1.421  1.624  1.00 0.00 ? 6  CYS A H    12 
ATOM   1587 H HA   . CYS A 1 6  ? -0.847 -0.079 0.496  1.00 0.00 ? 6  CYS A HA   12 
ATOM   1588 H HB2  . CYS A 1 6  ? -1.012 1.105  2.706  1.00 0.00 ? 6  CYS A HB2  12 
ATOM   1589 H HB3  . CYS A 1 6  ? -0.565 2.603  1.906  1.00 0.00 ? 6  CYS A HB3  12 
ATOM   1590 N N    . PRO A 1 7  ? -1.204 1.521  -1.537 1.00 0.00 ? 7  PRO A N    12 
ATOM   1591 C CA   . PRO A 1 7  ? -1.185 2.329  -2.789 1.00 0.00 ? 7  PRO A CA   12 
ATOM   1592 C C    . PRO A 1 7  ? -1.446 3.775  -2.442 1.00 0.00 ? 7  PRO A C    12 
ATOM   1593 O O    . PRO A 1 7  ? -0.998 4.306  -1.445 1.00 0.00 ? 7  PRO A O    12 
ATOM   1594 C CB   . PRO A 1 7  ? -2.348 1.747  -3.598 1.00 0.00 ? 7  PRO A CB   12 
ATOM   1595 C CG   . PRO A 1 7  ? -3.252 1.251  -2.560 1.00 0.00 ? 7  PRO A CG   12 
ATOM   1596 C CD   . PRO A 1 7  ? -2.359 0.598  -1.548 1.00 0.00 ? 7  PRO A CD   12 
ATOM   1597 H HA   . PRO A 1 7  ? -0.292 2.250  -3.342 1.00 0.00 ? 7  PRO A HA   12 
ATOM   1598 H HB2  . PRO A 1 7  ? -2.831 2.492  -4.202 1.00 0.00 ? 7  PRO A HB2  12 
ATOM   1599 H HB3  . PRO A 1 7  ? -2.008 0.928  -4.208 1.00 0.00 ? 7  PRO A HB3  12 
ATOM   1600 H HG2  . PRO A 1 7  ? -3.777 2.098  -2.126 1.00 0.00 ? 7  PRO A HG2  12 
ATOM   1601 H HG3  . PRO A 1 7  ? -3.939 0.549  -2.979 1.00 0.00 ? 7  PRO A HG3  12 
ATOM   1602 H HD2  . PRO A 1 7  ? -2.842 0.535  -0.592 1.00 0.00 ? 7  PRO A HD2  12 
ATOM   1603 H HD3  . PRO A 1 7  ? -2.068 -0.370 -1.890 1.00 0.00 ? 7  PRO A HD3  12 
ATOM   1604 N N    . LEU A 1 8  ? -2.170 4.388  -3.277 1.00 0.00 ? 8  LEU A N    12 
ATOM   1605 C CA   . LEU A 1 8  ? -2.529 5.823  -3.092 1.00 0.00 ? 8  LEU A CA   12 
ATOM   1606 C C    . LEU A 1 8  ? -3.327 6.008  -1.799 1.00 0.00 ? 8  LEU A C    12 
ATOM   1607 O O    . LEU A 1 8  ? -4.109 5.160  -1.416 1.00 0.00 ? 8  LEU A O    12 
ATOM   1608 C CB   . LEU A 1 8  ? -3.387 6.176  -4.307 1.00 0.00 ? 8  LEU A CB   12 
ATOM   1609 C CG   . LEU A 1 8  ? -2.788 7.390  -5.020 1.00 0.00 ? 8  LEU A CG   12 
ATOM   1610 C CD1  . LEU A 1 8  ? -3.598 7.692  -6.282 1.00 0.00 ? 8  LEU A CD1  12 
ATOM   1611 C CD2  . LEU A 1 8  ? -2.834 8.602  -4.085 1.00 0.00 ? 8  LEU A CD2  12 
ATOM   1612 H H    . LEU A 1 8  ? -2.482 3.886  -4.041 1.00 0.00 ? 8  LEU A H    12 
ATOM   1613 H HA   . LEU A 1 8  ? -1.640 6.435  -3.077 1.00 0.00 ? 8  LEU A HA   12 
ATOM   1614 H HB2  . LEU A 1 8  ? -3.413 5.337  -4.985 1.00 0.00 ? 8  LEU A HB2  12 
ATOM   1615 H HB3  . LEU A 1 8  ? -4.390 6.411  -3.984 1.00 0.00 ? 8  LEU A HB3  12 
ATOM   1616 H HG   . LEU A 1 8  ? -1.764 7.180  -5.290 1.00 0.00 ? 8  LEU A HG   12 
ATOM   1617 H HD11 . LEU A 1 8  ? -3.085 7.290  -7.142 1.00 0.00 ? 8  LEU A HD11 12 
ATOM   1618 H HD12 . LEU A 1 8  ? -3.705 8.761  -6.395 1.00 0.00 ? 8  LEU A HD12 12 
ATOM   1619 H HD13 . LEU A 1 8  ? -4.576 7.240  -6.200 1.00 0.00 ? 8  LEU A HD13 12 
ATOM   1620 H HD21 . LEU A 1 8  ? -1.929 8.636  -3.496 1.00 0.00 ? 8  LEU A HD21 12 
ATOM   1621 H HD22 . LEU A 1 8  ? -3.688 8.520  -3.430 1.00 0.00 ? 8  LEU A HD22 12 
ATOM   1622 H HD23 . LEU A 1 8  ? -2.915 9.505  -4.672 1.00 0.00 ? 8  LEU A HD23 12 
ATOM   1623 N N    . GLY A 1 9  ? -3.135 7.107  -1.124 1.00 0.00 ? 9  GLY A N    12 
ATOM   1624 C CA   . GLY A 1 9  ? -3.884 7.344  0.144  1.00 0.00 ? 9  GLY A CA   12 
ATOM   1625 C C    . GLY A 1 9  ? -5.282 7.872  -0.179 1.00 0.00 ? 9  GLY A C    12 
ATOM   1626 O O    . GLY A 1 9  ? -6.211 7.109  -0.365 1.00 0.00 ? 9  GLY A O    12 
ATOM   1627 H H    . GLY A 1 9  ? -2.499 7.779  -1.450 1.00 0.00 ? 9  GLY A H    12 
ATOM   1628 H HA2  . GLY A 1 9  ? -3.964 6.416  0.692  1.00 0.00 ? 9  GLY A HA2  12 
ATOM   1629 H HA3  . GLY A 1 9  ? -3.357 8.072  0.743  1.00 0.00 ? 9  GLY A HA3  12 
HETATM 1630 N N    . NH2 A 1 10 ? -5.474 9.160  -0.254 1.00 0.00 ? 10 NH2 A N    12 
HETATM 1631 H HN1  . NH2 A 1 10 ? -4.729 9.777  -0.104 1.00 0.00 ? 10 NH2 A HN1  12 
HETATM 1632 H HN2  . NH2 A 1 10 ? -6.367 9.511  -0.459 1.00 0.00 ? 10 NH2 A HN2  12 
ATOM   1633 N N    . CYS A 1 1  ? -2.441 -1.806 4.045  1.00 0.00 ? 1  CYS A N    13 
ATOM   1634 C CA   . CYS A 1 1  ? -2.957 -1.141 2.810  1.00 0.00 ? 1  CYS A CA   13 
ATOM   1635 C C    . CYS A 1 1  ? -2.566 -1.950 1.569  1.00 0.00 ? 1  CYS A C    13 
ATOM   1636 O O    . CYS A 1 1  ? -3.389 -2.635 0.994  1.00 0.00 ? 1  CYS A O    13 
ATOM   1637 C CB   . CYS A 1 1  ? -2.331 0.258  2.780  1.00 0.00 ? 1  CYS A CB   13 
ATOM   1638 S SG   . CYS A 1 1  ? -0.696 0.261  3.562  1.00 0.00 ? 1  CYS A SG   13 
ATOM   1639 H H1   . CYS A 1 1  ? -2.399 -1.114 4.820  1.00 0.00 ? 1  CYS A H1   13 
ATOM   1640 H H2   . CYS A 1 1  ? -1.488 -2.181 3.864  1.00 0.00 ? 1  CYS A H2   13 
ATOM   1641 H H3   . CYS A 1 1  ? -3.076 -2.586 4.312  1.00 0.00 ? 1  CYS A H3   13 
ATOM   1642 H HA   . CYS A 1 1  ? -4.032 -1.056 2.866  1.00 0.00 ? 1  CYS A HA   13 
ATOM   1643 H HB2  . CYS A 1 1  ? -2.231 0.580  1.754  1.00 0.00 ? 1  CYS A HB2  13 
ATOM   1644 H HB3  . CYS A 1 1  ? -2.977 0.948  3.303  1.00 0.00 ? 1  CYS A HB3  13 
ATOM   1645 N N    . TYR A 1 2  ? -1.323 -1.914 1.153  1.00 0.00 ? 2  TYR A N    13 
ATOM   1646 C CA   . TYR A 1 2  ? -0.939 -2.731 -0.040 1.00 0.00 ? 2  TYR A CA   13 
ATOM   1647 C C    . TYR A 1 2  ? 0.007  -3.821 0.426  1.00 0.00 ? 2  TYR A C    13 
ATOM   1648 O O    . TYR A 1 2  ? -0.105 -4.315 1.532  1.00 0.00 ? 2  TYR A O    13 
ATOM   1649 C CB   . TYR A 1 2  ? -0.174 -1.795 -0.972 1.00 0.00 ? 2  TYR A CB   13 
ATOM   1650 C CG   . TYR A 1 2  ? -0.556 -2.080 -2.405 1.00 0.00 ? 2  TYR A CG   13 
ATOM   1651 C CD1  . TYR A 1 2  ? -1.896 -2.318 -2.740 1.00 0.00 ? 2  TYR A CD1  13 
ATOM   1652 C CD2  . TYR A 1 2  ? 0.431  -2.109 -3.398 1.00 0.00 ? 2  TYR A CD2  13 
ATOM   1653 C CE1  . TYR A 1 2  ? -2.248 -2.584 -4.069 1.00 0.00 ? 2  TYR A CE1  13 
ATOM   1654 C CE2  . TYR A 1 2  ? 0.079  -2.377 -4.727 1.00 0.00 ? 2  TYR A CE2  13 
ATOM   1655 C CZ   . TYR A 1 2  ? -1.260 -2.614 -5.063 1.00 0.00 ? 2  TYR A CZ   13 
ATOM   1656 O OH   . TYR A 1 2  ? -1.608 -2.877 -6.371 1.00 0.00 ? 2  TYR A OH   13 
ATOM   1657 H H    . TYR A 1 2  ? -0.633 -1.376 1.637  1.00 0.00 ? 2  TYR A H    13 
ATOM   1658 H HA   . TYR A 1 2  ? -1.813 -3.120 -0.532 1.00 0.00 ? 2  TYR A HA   13 
ATOM   1659 H HB2  . TYR A 1 2  ? -0.409 -0.790 -0.730 1.00 0.00 ? 2  TYR A HB2  13 
ATOM   1660 H HB3  . TYR A 1 2  ? 0.886  -1.948 -0.847 1.00 0.00 ? 2  TYR A HB3  13 
ATOM   1661 H HD1  . TYR A 1 2  ? -2.656 -2.294 -1.975 1.00 0.00 ? 2  TYR A HD1  13 
ATOM   1662 H HD2  . TYR A 1 2  ? 1.464  -1.926 -3.139 1.00 0.00 ? 2  TYR A HD2  13 
ATOM   1663 H HE1  . TYR A 1 2  ? -3.279 -2.768 -4.327 1.00 0.00 ? 2  TYR A HE1  13 
ATOM   1664 H HE2  . TYR A 1 2  ? 0.838  -2.399 -5.494 1.00 0.00 ? 2  TYR A HE2  13 
ATOM   1665 H HH   . TYR A 1 2  ? -2.057 -3.724 -6.395 1.00 0.00 ? 2  TYR A HH   13 
ATOM   1666 N N    . ILE A 1 3  ? 0.997  -4.125 -0.363 1.00 0.00 ? 3  ILE A N    13 
ATOM   1667 C CA   . ILE A 1 3  ? 2.018  -5.055 0.055  1.00 0.00 ? 3  ILE A CA   13 
ATOM   1668 C C    . ILE A 1 3  ? 2.632  -4.469 1.288  1.00 0.00 ? 3  ILE A C    13 
ATOM   1669 O O    . ILE A 1 3  ? 1.988  -3.843 2.105  1.00 0.00 ? 3  ILE A O    13 
ATOM   1670 C CB   . ILE A 1 3  ? 2.964  -4.990 -1.126 1.00 0.00 ? 3  ILE A CB   13 
ATOM   1671 C CG1  . ILE A 1 3  ? 3.480  -3.558 -1.289 1.00 0.00 ? 3  ILE A CG1  13 
ATOM   1672 C CG2  . ILE A 1 3  ? 2.228  -5.412 -2.398 1.00 0.00 ? 3  ILE A CG2  13 
ATOM   1673 C CD1  . ILE A 1 3  ? 4.959  -3.499 -0.903 1.00 0.00 ? 3  ILE A CD1  13 
ATOM   1674 H H    . ILE A 1 3  ? 1.122  -3.680 -1.215 1.00 0.00 ? 3  ILE A H    13 
ATOM   1675 H HA   . ILE A 1 3  ? 1.695  -6.042 0.227  1.00 0.00 ? 3  ILE A HA   13 
ATOM   1676 H HB   . ILE A 1 3  ? 3.765  -5.636 -0.958 1.00 0.00 ? 3  ILE A HB   13 
ATOM   1677 H HG12 . ILE A 1 3  ? 3.363  -3.249 -2.318 1.00 0.00 ? 3  ILE A HG12 13 
ATOM   1678 H HG13 . ILE A 1 3  ? 2.917  -2.896 -0.647 1.00 0.00 ? 3  ILE A HG13 13 
ATOM   1679 H HG21 . ILE A 1 3  ? 2.555  -4.797 -3.224 1.00 0.00 ? 3  ILE A HG21 13 
ATOM   1680 H HG22 . ILE A 1 3  ? 1.164  -5.288 -2.256 1.00 0.00 ? 3  ILE A HG22 13 
ATOM   1681 H HG23 . ILE A 1 3  ? 2.444  -6.448 -2.614 1.00 0.00 ? 3  ILE A HG23 13 
ATOM   1682 H HD11 . ILE A 1 3  ? 5.321  -4.499 -0.714 1.00 0.00 ? 3  ILE A HD11 13 
ATOM   1683 H HD12 . ILE A 1 3  ? 5.075  -2.900 -0.011 1.00 0.00 ? 3  ILE A HD12 13 
ATOM   1684 H HD13 . ILE A 1 3  ? 5.525  -3.058 -1.709 1.00 0.00 ? 3  ILE A HD13 13 
ATOM   1685 N N    . GLN A 1 4  ? 3.865  -4.636 1.413  1.00 0.00 ? 4  GLN A N    13 
ATOM   1686 C CA   . GLN A 1 4  ? 4.565  -4.068 2.576  1.00 0.00 ? 4  GLN A CA   13 
ATOM   1687 C C    . GLN A 1 4  ? 4.173  -2.633 2.851  1.00 0.00 ? 4  GLN A C    13 
ATOM   1688 O O    . GLN A 1 4  ? 4.368  -2.072 3.912  1.00 0.00 ? 4  GLN A O    13 
ATOM   1689 C CB   . GLN A 1 4  ? 6.032  -4.213 2.240  1.00 0.00 ? 4  GLN A CB   13 
ATOM   1690 C CG   . GLN A 1 4  ? 6.564  -5.460 2.918  1.00 0.00 ? 4  GLN A CG   13 
ATOM   1691 C CD   . GLN A 1 4  ? 8.069  -5.322 3.152  1.00 0.00 ? 4  GLN A CD   13 
ATOM   1692 O OE1  . GLN A 1 4  ? 8.518  -4.362 3.746  1.00 0.00 ? 4  GLN A OE1  13 
ATOM   1693 N NE2  . GLN A 1 4  ? 8.875  -6.247 2.707  1.00 0.00 ? 4  GLN A NE2  13 
ATOM   1694 H H    . GLN A 1 4  ? 4.334  -5.139 0.745  1.00 0.00 ? 4  GLN A H    13 
ATOM   1695 H HA   . GLN A 1 4  ? 4.309  -4.608 3.358  1.00 0.00 ? 4  GLN A HA   13 
ATOM   1696 H HB2  . GLN A 1 4  ? 6.137  -4.308 1.165  1.00 0.00 ? 4  GLN A HB2  13 
ATOM   1697 H HB3  . GLN A 1 4  ? 6.569  -3.349 2.586  1.00 0.00 ? 4  GLN A HB3  13 
ATOM   1698 H HG2  . GLN A 1 4  ? 6.057  -5.589 3.861  1.00 0.00 ? 4  GLN A HG2  13 
ATOM   1699 H HG3  . GLN A 1 4  ? 6.373  -6.313 2.283  1.00 0.00 ? 4  GLN A HG3  13 
ATOM   1700 H HE21 . GLN A 1 4  ? 8.514  -7.023 2.229  1.00 0.00 ? 4  GLN A HE21 13 
ATOM   1701 H HE22 . GLN A 1 4  ? 9.841  -6.167 2.853  1.00 0.00 ? 4  GLN A HE22 13 
ATOM   1702 N N    . ASN A 1 5  ? 3.639  -2.089 1.876  1.00 0.00 ? 5  ASN A N    13 
ATOM   1703 C CA   . ASN A 1 5  ? 3.165  -0.637 1.905  1.00 0.00 ? 5  ASN A CA   13 
ATOM   1704 C C    . ASN A 1 5  ? 1.736  -0.468 1.365  1.00 0.00 ? 5  ASN A C    13 
ATOM   1705 O O    . ASN A 1 5  ? 0.979  -1.407 1.285  1.00 0.00 ? 5  ASN A O    13 
ATOM   1706 C CB   . ASN A 1 5  ? 4.159  0.057  0.991  1.00 0.00 ? 5  ASN A CB   13 
ATOM   1707 C CG   . ASN A 1 5  ? 4.591  1.399  1.590  1.00 0.00 ? 5  ASN A CG   13 
ATOM   1708 O OD1  . ASN A 1 5  ? 5.647  1.904  1.266  1.00 0.00 ? 5  ASN A OD1  13 
ATOM   1709 N ND2  . ASN A 1 5  ? 3.819  2.003  2.456  1.00 0.00 ? 5  ASN A ND2  13 
ATOM   1710 H H    . ASN A 1 5  ? 3.575  -2.661 1.086  1.00 0.00 ? 5  ASN A H    13 
ATOM   1711 H HA   . ASN A 1 5  ? 3.207  -0.198 2.915  1.00 0.00 ? 5  ASN A HA   13 
ATOM   1712 H HB2  . ASN A 1 5  ? 5.023  -0.586 0.873  1.00 0.00 ? 5  ASN A HB2  13 
ATOM   1713 H HB3  . ASN A 1 5  ? 3.698  0.216  0.030  1.00 0.00 ? 5  ASN A HB3  13 
ATOM   1714 H HD21 . ASN A 1 5  ? 2.968  1.602  2.721  1.00 0.00 ? 5  ASN A HD21 13 
ATOM   1715 H HD22 . ASN A 1 5  ? 4.096  2.862  2.839  1.00 0.00 ? 5  ASN A HD22 13 
ATOM   1716 N N    . CYS A 1 6  ? 1.369  0.758  1.044  1.00 0.00 ? 6  CYS A N    13 
ATOM   1717 C CA   . CYS A 1 6  ? -0.021 1.058  0.559  1.00 0.00 ? 6  CYS A CA   13 
ATOM   1718 C C    . CYS A 1 6  ? -0.038 1.404  -0.939 1.00 0.00 ? 6  CYS A C    13 
ATOM   1719 O O    . CYS A 1 6  ? 0.905  1.974  -1.450 1.00 0.00 ? 6  CYS A O    13 
ATOM   1720 C CB   . CYS A 1 6  ? -0.452 2.289  1.367  1.00 0.00 ? 6  CYS A CB   13 
ATOM   1721 S SG   . CYS A 1 6  ? 0.027  2.084  3.101  1.00 0.00 ? 6  CYS A SG   13 
ATOM   1722 H H    . CYS A 1 6  ? 2.004  1.494  1.159  1.00 0.00 ? 6  CYS A H    13 
ATOM   1723 H HA   . CYS A 1 6  ? -0.684 0.238  0.767  1.00 0.00 ? 6  CYS A HA   13 
ATOM   1724 H HB2  . CYS A 1 6  ? 0.028  3.169  0.965  1.00 0.00 ? 6  CYS A HB2  13 
ATOM   1725 H HB3  . CYS A 1 6  ? -1.523 2.404  1.302  1.00 0.00 ? 6  CYS A HB3  13 
ATOM   1726 N N    . PRO A 1 7  ? -1.135 1.064  -1.592 1.00 0.00 ? 7  PRO A N    13 
ATOM   1727 C CA   . PRO A 1 7  ? -1.289 1.369  -3.049 1.00 0.00 ? 7  PRO A CA   13 
ATOM   1728 C C    . PRO A 1 7  ? -1.337 2.846  -3.305 1.00 0.00 ? 7  PRO A C    13 
ATOM   1729 O O    . PRO A 1 7  ? -1.212 3.351  -4.402 1.00 0.00 ? 7  PRO A O    13 
ATOM   1730 C CB   . PRO A 1 7  ? -2.620 0.728  -3.409 1.00 0.00 ? 7  PRO A CB   13 
ATOM   1731 C CG   . PRO A 1 7  ? -3.350 0.727  -2.104 1.00 0.00 ? 7  PRO A CG   13 
ATOM   1732 C CD   . PRO A 1 7  ? -2.324 0.368  -1.076 1.00 0.00 ? 7  PRO A CD   13 
ATOM   1733 H HA   . PRO A 1 7  ? -0.521 0.977  -3.546 1.00 0.00 ? 7  PRO A HA   13 
ATOM   1734 H HB2  . PRO A 1 7  ? -3.143 1.325  -4.146 1.00 0.00 ? 7  PRO A HB2  13 
ATOM   1735 H HB3  . PRO A 1 7  ? -2.481 -0.279 -3.758 1.00 0.00 ? 7  PRO A HB3  13 
ATOM   1736 H HG2  . PRO A 1 7  ? -3.741 1.720  -1.902 1.00 0.00 ? 7  PRO A HG2  13 
ATOM   1737 H HG3  . PRO A 1 7  ? -4.139 0.002  -2.109 1.00 0.00 ? 7  PRO A HG3  13 
ATOM   1738 H HD2  . PRO A 1 7  ? -2.608 0.726  -0.097 1.00 0.00 ? 7  PRO A HD2  13 
ATOM   1739 H HD3  . PRO A 1 7  ? -2.166 -0.702 -1.065 1.00 0.00 ? 7  PRO A HD3  13 
ATOM   1740 N N    . LEU A 1 8  ? -1.522 3.482  -2.269 1.00 0.00 ? 8  LEU A N    13 
ATOM   1741 C CA   . LEU A 1 8  ? -1.613 4.969  -2.245 1.00 0.00 ? 8  LEU A CA   13 
ATOM   1742 C C    . LEU A 1 8  ? -0.219 5.585  -2.441 1.00 0.00 ? 8  LEU A C    13 
ATOM   1743 O O    . LEU A 1 8  ? 0.782  5.016  -2.051 1.00 0.00 ? 8  LEU A O    13 
ATOM   1744 C CB   . LEU A 1 8  ? -2.212 5.295  -0.861 1.00 0.00 ? 8  LEU A CB   13 
ATOM   1745 C CG   . LEU A 1 8  ? -1.209 6.055  0.018  1.00 0.00 ? 8  LEU A CG   13 
ATOM   1746 C CD1  . LEU A 1 8  ? -1.037 7.477  -0.518 1.00 0.00 ? 8  LEU A CD1  13 
ATOM   1747 C CD2  . LEU A 1 8  ? -1.736 6.114  1.454  1.00 0.00 ? 8  LEU A CD2  13 
ATOM   1748 H H    . LEU A 1 8  ? -1.604 2.953  -1.480 1.00 0.00 ? 8  LEU A H    13 
ATOM   1749 H HA   . LEU A 1 8  ? -2.281 5.311  -3.021 1.00 0.00 ? 8  LEU A HA   13 
ATOM   1750 H HB2  . LEU A 1 8  ? -3.096 5.898  -0.993 1.00 0.00 ? 8  LEU A HB2  13 
ATOM   1751 H HB3  . LEU A 1 8  ? -2.483 4.371  -0.370 1.00 0.00 ? 8  LEU A HB3  13 
ATOM   1752 H HG   . LEU A 1 8  ? -0.257 5.545  0.002  1.00 0.00 ? 8  LEU A HG   13 
ATOM   1753 H HD11 . LEU A 1 8  ? -0.010 7.623  -0.825 1.00 0.00 ? 8  LEU A HD11 13 
ATOM   1754 H HD12 . LEU A 1 8  ? -1.284 8.188  0.257  1.00 0.00 ? 8  LEU A HD12 13 
ATOM   1755 H HD13 . LEU A 1 8  ? -1.689 7.625  -1.365 1.00 0.00 ? 8  LEU A HD13 13 
ATOM   1756 H HD21 . LEU A 1 8  ? -1.700 5.127  1.891  1.00 0.00 ? 8  LEU A HD21 13 
ATOM   1757 H HD22 . LEU A 1 8  ? -2.757 6.469  1.449  1.00 0.00 ? 8  LEU A HD22 13 
ATOM   1758 H HD23 . LEU A 1 8  ? -1.123 6.789  2.035  1.00 0.00 ? 8  LEU A HD23 13 
ATOM   1759 N N    . GLY A 1 9  ? -0.150 6.742  -3.042 1.00 0.00 ? 9  GLY A N    13 
ATOM   1760 C CA   . GLY A 1 9  ? 1.174  7.390  -3.260 1.00 0.00 ? 9  GLY A CA   13 
ATOM   1761 C C    . GLY A 1 9  ? 0.967  8.846  -3.676 1.00 0.00 ? 9  GLY A C    13 
ATOM   1762 O O    . GLY A 1 9  ? 1.168  9.755  -2.894 1.00 0.00 ? 9  GLY A O    13 
ATOM   1763 H H    . GLY A 1 9  ? -0.969 7.184  -3.348 1.00 0.00 ? 9  GLY A H    13 
ATOM   1764 H HA2  . GLY A 1 9  ? 1.749  7.352  -2.346 1.00 0.00 ? 9  GLY A HA2  13 
ATOM   1765 H HA3  . GLY A 1 9  ? 1.706  6.867  -4.042 1.00 0.00 ? 9  GLY A HA3  13 
HETATM 1766 N N    . NH2 A 1 10 ? 0.572  9.113  -4.891 1.00 0.00 ? 10 NH2 A N    13 
HETATM 1767 H HN1  . NH2 A 1 10 ? 0.410  8.382  -5.525 1.00 0.00 ? 10 NH2 A HN1  13 
HETATM 1768 H HN2  . NH2 A 1 10 ? 0.436  10.041 -5.170 1.00 0.00 ? 10 NH2 A HN2  13 
ATOM   1769 N N    . CYS A 1 1  ? -3.933 -1.095 3.461  1.00 0.00 ? 1  CYS A N    14 
ATOM   1770 C CA   . CYS A 1 1  ? -2.650 -0.764 2.781  1.00 0.00 ? 1  CYS A CA   14 
ATOM   1771 C C    . CYS A 1 1  ? -2.419 -1.721 1.602  1.00 0.00 ? 1  CYS A C    14 
ATOM   1772 O O    . CYS A 1 1  ? -3.361 -2.179 0.986  1.00 0.00 ? 1  CYS A O    14 
ATOM   1773 C CB   . CYS A 1 1  ? -1.584 -0.918 3.870  1.00 0.00 ? 1  CYS A CB   14 
ATOM   1774 S SG   . CYS A 1 1  ? -1.351 0.682  4.684  1.00 0.00 ? 1  CYS A SG   14 
ATOM   1775 H H1   . CYS A 1 1  ? -3.789 -1.903 4.101  1.00 0.00 ? 1  CYS A H1   14 
ATOM   1776 H H2   . CYS A 1 1  ? -4.652 -1.340 2.749  1.00 0.00 ? 1  CYS A H2   14 
ATOM   1777 H H3   . CYS A 1 1  ? -4.257 -0.275 4.010  1.00 0.00 ? 1  CYS A H3   14 
ATOM   1778 H HA   . CYS A 1 1  ? -2.670 0.257  2.431  1.00 0.00 ? 1  CYS A HA   14 
ATOM   1779 H HB2  . CYS A 1 1  ? -1.913 -1.647 4.592  1.00 0.00 ? 1  CYS A HB2  14 
ATOM   1780 H HB3  . CYS A 1 1  ? -0.653 -1.238 3.433  1.00 0.00 ? 1  CYS A HB3  14 
ATOM   1781 N N    . TYR A 1 2  ? -1.191 -2.019 1.262  1.00 0.00 ? 2  TYR A N    14 
ATOM   1782 C CA   . TYR A 1 2  ? -0.949 -2.927 0.111  1.00 0.00 ? 2  TYR A CA   14 
ATOM   1783 C C    . TYR A 1 2  ? 0.091  -3.945 0.539  1.00 0.00 ? 2  TYR A C    14 
ATOM   1784 O O    . TYR A 1 2  ? 0.100  -4.386 1.671  1.00 0.00 ? 2  TYR A O    14 
ATOM   1785 C CB   . TYR A 1 2  ? -0.368 -2.023 -0.985 1.00 0.00 ? 2  TYR A CB   14 
ATOM   1786 C CG   . TYR A 1 2  ? -1.046 -2.322 -2.300 1.00 0.00 ? 2  TYR A CG   14 
ATOM   1787 C CD1  . TYR A 1 2  ? -0.296 -2.370 -3.481 1.00 0.00 ? 2  TYR A CD1  14 
ATOM   1788 C CD2  . TYR A 1 2  ? -2.427 -2.550 -2.339 1.00 0.00 ? 2  TYR A CD2  14 
ATOM   1789 C CE1  . TYR A 1 2  ? -0.924 -2.646 -4.700 1.00 0.00 ? 2  TYR A CE1  14 
ATOM   1790 C CE2  . TYR A 1 2  ? -3.058 -2.826 -3.558 1.00 0.00 ? 2  TYR A CE2  14 
ATOM   1791 C CZ   . TYR A 1 2  ? -2.306 -2.875 -4.739 1.00 0.00 ? 2  TYR A CZ   14 
ATOM   1792 O OH   . TYR A 1 2  ? -2.927 -3.146 -5.941 1.00 0.00 ? 2  TYR A OH   14 
ATOM   1793 H H    . TYR A 1 2  ? -0.418 -1.638 1.756  1.00 0.00 ? 2  TYR A H    14 
ATOM   1794 H HA   . TYR A 1 2  ? -1.867 -3.379 -0.216 1.00 0.00 ? 2  TYR A HA   14 
ATOM   1795 H HB2  . TYR A 1 2  ? -0.526 -0.995 -0.722 1.00 0.00 ? 2  TYR A HB2  14 
ATOM   1796 H HB3  . TYR A 1 2  ? 0.690  -2.200 -1.079 1.00 0.00 ? 2  TYR A HB3  14 
ATOM   1797 H HD1  . TYR A 1 2  ? 0.770  -2.194 -3.450 1.00 0.00 ? 2  TYR A HD1  14 
ATOM   1798 H HD2  . TYR A 1 2  ? -3.007 -2.514 -1.429 1.00 0.00 ? 2  TYR A HD2  14 
ATOM   1799 H HE1  . TYR A 1 2  ? -0.345 -2.683 -5.611 1.00 0.00 ? 2  TYR A HE1  14 
ATOM   1800 H HE2  . TYR A 1 2  ? -4.122 -3.003 -3.589 1.00 0.00 ? 2  TYR A HE2  14 
ATOM   1801 H HH   . TYR A 1 2  ? -3.259 -4.046 -5.906 1.00 0.00 ? 2  TYR A HH   14 
ATOM   1802 N N    . ILE A 1 3  ? 1.017  -4.254 -0.321 1.00 0.00 ? 3  ILE A N    14 
ATOM   1803 C CA   . ILE A 1 3  ? 2.108  -5.122 0.054  1.00 0.00 ? 3  ILE A CA   14 
ATOM   1804 C C    . ILE A 1 3  ? 2.798  -4.472 1.217  1.00 0.00 ? 3  ILE A C    14 
ATOM   1805 O O    . ILE A 1 3  ? 2.202  -3.804 2.036  1.00 0.00 ? 3  ILE A O    14 
ATOM   1806 C CB   . ILE A 1 3  ? 2.958  -5.067 -1.202 1.00 0.00 ? 3  ILE A CB   14 
ATOM   1807 C CG1  . ILE A 1 3  ? 3.400  -3.623 -1.455 1.00 0.00 ? 3  ILE A CG1  14 
ATOM   1808 C CG2  . ILE A 1 3  ? 2.141  -5.563 -2.396 1.00 0.00 ? 3  ILE A CG2  14 
ATOM   1809 C CD1  . ILE A 1 3  ? 4.928  -3.554 -1.497 1.00 0.00 ? 3  ILE A CD1  14 
ATOM   1810 H H    . ILE A 1 3  ? 1.045  -3.859 -1.205 1.00 0.00 ? 3  ILE A H    14 
ATOM   1811 H HA   . ILE A 1 3  ? 1.837  -6.118 0.280  1.00 0.00 ? 3  ILE A HA   14 
ATOM   1812 H HB   . ILE A 1 3  ? 3.791  -5.676 -1.077 1.00 0.00 ? 3  ILE A HB   14 
ATOM   1813 H HG12 . ILE A 1 3  ? 2.998  -3.285 -2.401 1.00 0.00 ? 3  ILE A HG12 14 
ATOM   1814 H HG13 . ILE A 1 3  ? 3.034  -2.989 -0.663 1.00 0.00 ? 3  ILE A HG13 14 
ATOM   1815 H HG21 . ILE A 1 3  ? 2.807  -5.946 -3.154 1.00 0.00 ? 3  ILE A HG21 14 
ATOM   1816 H HG22 . ILE A 1 3  ? 1.565  -4.744 -2.804 1.00 0.00 ? 3  ILE A HG22 14 
ATOM   1817 H HG23 . ILE A 1 3  ? 1.471  -6.347 -2.073 1.00 0.00 ? 3  ILE A HG23 14 
ATOM   1818 H HD11 . ILE A 1 3  ? 5.285  -4.039 -2.393 1.00 0.00 ? 3  ILE A HD11 14 
ATOM   1819 H HD12 . ILE A 1 3  ? 5.334  -4.053 -0.631 1.00 0.00 ? 3  ILE A HD12 14 
ATOM   1820 H HD13 . ILE A 1 3  ? 5.241  -2.521 -1.498 1.00 0.00 ? 3  ILE A HD13 14 
ATOM   1821 N N    . GLN A 1 4  ? 4.043  -4.637 1.268  1.00 0.00 ? 4  GLN A N    14 
ATOM   1822 C CA   . GLN A 1 4  ? 4.842  -4.013 2.344  1.00 0.00 ? 4  GLN A CA   14 
ATOM   1823 C C    . GLN A 1 4  ? 4.329  -2.650 2.702  1.00 0.00 ? 4  GLN A C    14 
ATOM   1824 O O    . GLN A 1 4  ? 4.358  -2.164 3.816  1.00 0.00 ? 4  GLN A O    14 
ATOM   1825 C CB   . GLN A 1 4  ? 6.237  -3.979 1.758  1.00 0.00 ? 4  GLN A CB   14 
ATOM   1826 C CG   . GLN A 1 4  ? 6.504  -2.722 0.927  1.00 0.00 ? 4  GLN A CG   14 
ATOM   1827 C CD   . GLN A 1 4  ? 7.249  -1.688 1.780  1.00 0.00 ? 4  GLN A CD   14 
ATOM   1828 O OE1  . GLN A 1 4  ? 8.460  -1.718 1.866  1.00 0.00 ? 4  GLN A OE1  14 
ATOM   1829 N NE2  . GLN A 1 4  ? 6.574  -0.770 2.419  1.00 0.00 ? 4  GLN A NE2  14 
ATOM   1830 H H    . GLN A 1 4  ? 4.464  -5.169 0.581  1.00 0.00 ? 4  GLN A H    14 
ATOM   1831 H HA   . GLN A 1 4  ? 4.799  -4.590 3.138  1.00 0.00 ? 4  GLN A HA   14 
ATOM   1832 H HB2  . GLN A 1 4  ? 6.941  -4.025 2.550  1.00 0.00 ? 4  GLN A HB2  14 
ATOM   1833 H HB3  . GLN A 1 4  ? 6.340  -4.835 1.115  1.00 0.00 ? 4  GLN A HB3  14 
ATOM   1834 H HG2  . GLN A 1 4  ? 7.118  -2.994 0.082  1.00 0.00 ? 4  GLN A HG2  14 
ATOM   1835 H HG3  . GLN A 1 4  ? 5.588  -2.307 0.571  1.00 0.00 ? 4  GLN A HG3  14 
ATOM   1836 H HE21 . GLN A 1 4  ? 5.600  -0.741 2.355  1.00 0.00 ? 4  GLN A HE21 14 
ATOM   1837 H HE22 . GLN A 1 4  ? 7.048  -0.107 2.965  1.00 0.00 ? 4  GLN A HE22 14 
ATOM   1838 N N    . ASN A 1 5  ? 3.891  -2.094 1.707  1.00 0.00 ? 5  ASN A N    14 
ATOM   1839 C CA   . ASN A 1 5  ? 3.306  -0.677 1.731  1.00 0.00 ? 5  ASN A CA   14 
ATOM   1840 C C    . ASN A 1 5  ? 1.824  -0.620 1.322  1.00 0.00 ? 5  ASN A C    14 
ATOM   1841 O O    . ASN A 1 5  ? 1.188  -1.620 1.059  1.00 0.00 ? 5  ASN A O    14 
ATOM   1842 C CB   . ASN A 1 5  ? 4.153  0.088  0.719  1.00 0.00 ? 5  ASN A CB   14 
ATOM   1843 C CG   . ASN A 1 5  ? 4.385  1.516  1.215  1.00 0.00 ? 5  ASN A CG   14 
ATOM   1844 O OD1  . ASN A 1 5  ? 4.859  1.721  2.315  1.00 0.00 ? 5  ASN A OD1  14 
ATOM   1845 N ND2  . ASN A 1 5  ? 4.066  2.521  0.446  1.00 0.00 ? 5  ASN A ND2  14 
ATOM   1846 H H    . ASN A 1 5  ? 3.993  -2.650 0.893  1.00 0.00 ? 5  ASN A H    14 
ATOM   1847 H HA   . ASN A 1 5  ? 3.400  -0.206 2.723  1.00 0.00 ? 5  ASN A HA   14 
ATOM   1848 H HB2  . ASN A 1 5  ? 5.105  -0.413 0.599  1.00 0.00 ? 5  ASN A HB2  14 
ATOM   1849 H HB3  . ASN A 1 5  ? 3.639  0.115  -0.229 1.00 0.00 ? 5  ASN A HB3  14 
ATOM   1850 H HD21 . ASN A 1 5  ? 3.683  2.357  -0.441 1.00 0.00 ? 5  ASN A HD21 14 
ATOM   1851 H HD22 . ASN A 1 5  ? 4.212  3.440  0.754  1.00 0.00 ? 5  ASN A HD22 14 
ATOM   1852 N N    . CYS A 1 6  ? 1.281  0.583  1.311  1.00 0.00 ? 6  CYS A N    14 
ATOM   1853 C CA   . CYS A 1 6  ? -0.166 0.801  0.972  1.00 0.00 ? 6  CYS A CA   14 
ATOM   1854 C C    . CYS A 1 6  ? -0.339 1.299  -0.465 1.00 0.00 ? 6  CYS A C    14 
ATOM   1855 O O    . CYS A 1 6  ? 0.515  1.984  -0.991 1.00 0.00 ? 6  CYS A O    14 
ATOM   1856 C CB   . CYS A 1 6  ? -0.651 1.871  1.964  1.00 0.00 ? 6  CYS A CB   14 
ATOM   1857 S SG   . CYS A 1 6  ? 0.091  1.597  3.602  1.00 0.00 ? 6  CYS A SG   14 
ATOM   1858 H H    . CYS A 1 6  ? 1.832  1.357  1.556  1.00 0.00 ? 6  CYS A H    14 
ATOM   1859 H HA   . CYS A 1 6  ? -0.727 -0.087 1.116  1.00 0.00 ? 6  CYS A HA   14 
ATOM   1860 H HB2  . CYS A 1 6  ? -0.364 2.847  1.604  1.00 0.00 ? 6  CYS A HB2  14 
ATOM   1861 H HB3  . CYS A 1 6  ? -1.726 1.823  2.046  1.00 0.00 ? 6  CYS A HB3  14 
ATOM   1862 N N    . PRO A 1 7  ? -1.464 0.943  -1.055 1.00 0.00 ? 7  PRO A N    14 
ATOM   1863 C CA   . PRO A 1 7  ? -1.774 1.373  -2.454 1.00 0.00 ? 7  PRO A CA   14 
ATOM   1864 C C    . PRO A 1 7  ? -1.961 2.857  -2.550 1.00 0.00 ? 7  PRO A C    14 
ATOM   1865 O O    . PRO A 1 7  ? -1.986 3.475  -3.597 1.00 0.00 ? 7  PRO A O    14 
ATOM   1866 C CB   . PRO A 1 7  ? -3.079 0.657  -2.766 1.00 0.00 ? 7  PRO A CB   14 
ATOM   1867 C CG   . PRO A 1 7  ? -3.684 0.475  -1.409 1.00 0.00 ? 7  PRO A CG   14 
ATOM   1868 C CD   . PRO A 1 7  ? -2.549 0.117  -0.507 1.00 0.00 ? 7  PRO A CD   14 
ATOM   1869 H HA   . PRO A 1 7  ? -1.027 1.099  -3.052 1.00 0.00 ? 7  PRO A HA   14 
ATOM   1870 H HB2  . PRO A 1 7  ? -3.710 1.274  -3.394 1.00 0.00 ? 7  PRO A HB2  14 
ATOM   1871 H HB3  . PRO A 1 7  ? -2.894 -0.301 -3.224 1.00 0.00 ? 7  PRO A HB3  14 
ATOM   1872 H HG2  . PRO A 1 7  ? -4.134 1.406  -1.083 1.00 0.00 ? 7  PRO A HG2  14 
ATOM   1873 H HG3  . PRO A 1 7  ? -4.410 -0.312 -1.421 1.00 0.00 ? 7  PRO A HG3  14 
ATOM   1874 H HD2  . PRO A 1 7  ? -2.771 0.374  0.519  1.00 0.00 ? 7  PRO A HD2  14 
ATOM   1875 H HD3  . PRO A 1 7  ? -2.313 -0.933 -0.598 1.00 0.00 ? 7  PRO A HD3  14 
ATOM   1876 N N    . LEU A 1 8  ? -2.093 3.375  -1.442 1.00 0.00 ? 8  LEU A N    14 
ATOM   1877 C CA   . LEU A 1 8  ? -2.295 4.838  -1.261 1.00 0.00 ? 8  LEU A CA   14 
ATOM   1878 C C    . LEU A 1 8  ? -1.264 5.620  -2.085 1.00 0.00 ? 8  LEU A C    14 
ATOM   1879 O O    . LEU A 1 8  ? -0.094 5.290  -2.109 1.00 0.00 ? 8  LEU A O    14 
ATOM   1880 C CB   . LEU A 1 8  ? -2.124 5.062  0.253  1.00 0.00 ? 8  LEU A CB   14 
ATOM   1881 C CG   . LEU A 1 8  ? -0.739 5.642  0.575  1.00 0.00 ? 8  LEU A CG   14 
ATOM   1882 C CD1  . LEU A 1 8  ? -0.712 7.129  0.219  1.00 0.00 ? 8  LEU A CD1  14 
ATOM   1883 C CD2  . LEU A 1 8  ? -0.452 5.473  2.069  1.00 0.00 ? 8  LEU A CD2  14 
ATOM   1884 H H    . LEU A 1 8  ? -2.054 2.767  -0.705 1.00 0.00 ? 8  LEU A H    14 
ATOM   1885 H HA   . LEU A 1 8  ? -3.296 5.117  -1.560 1.00 0.00 ? 8  LEU A HA   14 
ATOM   1886 H HB2  . LEU A 1 8  ? -2.885 5.746  0.597  1.00 0.00 ? 8  LEU A HB2  14 
ATOM   1887 H HB3  . LEU A 1 8  ? -2.238 4.116  0.763  1.00 0.00 ? 8  LEU A HB3  14 
ATOM   1888 H HG   . LEU A 1 8  ? 0.011  5.119  0.000  1.00 0.00 ? 8  LEU A HG   14 
ATOM   1889 H HD11 . LEU A 1 8  ? 0.241  7.375  -0.225 1.00 0.00 ? 8  LEU A HD11 14 
ATOM   1890 H HD12 . LEU A 1 8  ? -0.857 7.717  1.114  1.00 0.00 ? 8  LEU A HD12 14 
ATOM   1891 H HD13 . LEU A 1 8  ? -1.503 7.345  -0.486 1.00 0.00 ? 8  LEU A HD13 14 
ATOM   1892 H HD21 . LEU A 1 8  ? 0.081  4.548  2.232  1.00 0.00 ? 8  LEU A HD21 14 
ATOM   1893 H HD22 . LEU A 1 8  ? -1.384 5.452  2.615  1.00 0.00 ? 8  LEU A HD22 14 
ATOM   1894 H HD23 . LEU A 1 8  ? 0.147  6.301  2.416  1.00 0.00 ? 8  LEU A HD23 14 
ATOM   1895 N N    . GLY A 1 9  ? -1.689 6.651  -2.761 1.00 0.00 ? 9  GLY A N    14 
ATOM   1896 C CA   . GLY A 1 9  ? -0.736 7.449  -3.584 1.00 0.00 ? 9  GLY A CA   14 
ATOM   1897 C C    . GLY A 1 9  ? 0.255  8.169  -2.666 1.00 0.00 ? 9  GLY A C    14 
ATOM   1898 O O    . GLY A 1 9  ? 1.151  7.561  -2.114 1.00 0.00 ? 9  GLY A O    14 
ATOM   1899 H H    . GLY A 1 9  ? -2.636 6.901  -2.730 1.00 0.00 ? 9  GLY A H    14 
ATOM   1900 H HA2  . GLY A 1 9  ? -0.198 6.791  -4.252 1.00 0.00 ? 9  GLY A HA2  14 
ATOM   1901 H HA3  . GLY A 1 9  ? -1.281 8.180  -4.161 1.00 0.00 ? 9  GLY A HA3  14 
HETATM 1902 N N    . NH2 A 1 10 ? 0.132  9.454  -2.480 1.00 0.00 ? 10 NH2 A N    14 
HETATM 1903 H HN1  . NH2 A 1 10 ? -0.588 9.946  -2.925 1.00 0.00 ? 10 NH2 A HN1  14 
HETATM 1904 H HN2  . NH2 A 1 10 ? 0.760  9.927  -1.895 1.00 0.00 ? 10 NH2 A HN2  14 
# 
